data_6MEK
#
_entry.id   6MEK
#
_cell.length_a   75.399
_cell.length_b   105.589
_cell.length_c   337.280
_cell.angle_alpha   90.000
_cell.angle_beta   90.000
_cell.angle_gamma   90.000
#
_symmetry.space_group_name_H-M   'P 21 21 21'
#
loop_
_entity.id
_entity.type
_entity.pdbx_description
1 polymer 'E2 GLYCOPROTEIN'
2 polymer 'HEPC3 Heavy Chain'
3 polymer 'HEPC3 Light Chain'
4 polymer 'HEPC46 Light Chain'
5 polymer 'HEPC46 Heavy Chain'
6 branched alpha-D-mannopyranose-(1-3)-beta-D-mannopyranose-(1-4)-2-acetamido-2-deoxy-beta-D-glucopyranose-(1-4)-2-acetamido-2-deoxy-beta-D-glucopyranose
7 branched 2-acetamido-2-deoxy-beta-D-glucopyranose-(1-4)-2-acetamido-2-deoxy-beta-D-glucopyranose
8 branched beta-D-mannopyranose-(1-4)-2-acetamido-2-deoxy-beta-D-glucopyranose-(1-4)-2-acetamido-2-deoxy-beta-D-glucopyranose
9 branched alpha-D-mannopyranose-(1-3)-[alpha-D-mannopyranose-(1-6)]beta-D-mannopyranose-(1-4)-2-acetamido-2-deoxy-beta-D-glucopyranose-(1-3)-2-acetamido-2-deoxy-beta-D-glucopyranose
10 non-polymer 2-acetamido-2-deoxy-beta-D-glucopyranose
#
loop_
_entity_poly.entity_id
_entity_poly.type
_entity_poly.pdbx_seq_one_letter_code
_entity_poly.pdbx_strand_id
1 'polypeptide(L)'
;NQLINTNGSWHLNRTALNCNDSLNTGWLAGLFYHHKFDSSGCPERMASCRPLTDFDQGWGPISHANGSGPDGSSGCWHYP
PRPCGIVPAKTVCGPVYCFTPSPVVVGTTDRAGAPAYNWGENDTDVFVLNNTRPPLGNWFGCTWMNSTGFTKACGAPPCA
IGGVGDKTLYCPTDCFRKHPEATYSRCGSGPWITPRCLVDYPYRLWHYPCTINYTVFKIRMYVGGVEHRLEAACN
;
A,C
2 'polypeptide(L)'
;QVQLVQSGAEVKKPGSSVKVSCKASGGTLNSYEITWVRQAPGQGLEWMGGITPIFETTYAQKFQGRVTITADESTSTTYM
ELSSLRPEDTAVYYCARDGVRYCGGGRCYNWFDPWGQGTLVTVSSASTKGPSVFPLAPSSKSTSGGTAALGCLVKDYFPE
PVTVSWNSGALTSGVHTFPAVLQSSGLYSLSSVVTVPSSSLGTQTYICNVNHKPSNTKVDKRVEPKSCDKTAGWSHPQFE
K
;
B,H
3 'polypeptide(L)'
;DIQMTQSPSSLSASVGDRVTITCRAGQNINNYLNWYQQKPGKAPKVLIYAASNLQSGVPSRFSGSGSGTDFTLTISSLQP
EDFATYYCQQSHSTVRTFGQGTKVEIKRTVAAPSVFIFPPSDEQLKSGTASVVCLLNNFYPREAKVQWKVDNALQSGNSQ
ESVTEQDSKDSTYSLSSTLTLSKADYEKHKVYACEVTHQGLSSPVTKSFNRGEC
;
D,L
4 'polypeptide(L)'
;QSVLTQPPSASGTPGQRVTISCSGSSSNIGSNYVYWYQQFPGTAPKLLIYGNNQRPSGVPDRFSGSKSGTSASLAISGLR
SEDEADYYCAAWDDSLSGPWVFGGGTQVTVLGQPKAAPSVTLFPPSSEELQANKATLVCLISDFYPGAVTVAWKADSSPV
KAGVETTTPSKQSNNKYAASSYLSLTPEQWKSHRSYSCQVTHEGSTVEKTVAPTECS
;
E,G
5 'polypeptide(L)'
;QVQLVQSGAEVKKPGASVKVSCKASGYIFTSHGISWVRQAPGQGLEWMGWISVYNGYTNYAQNLQGRVTMTTDTSTSTAY
MELRSLRSDDTAVYFCARASQIRGVDYWGQGTLVTVSSASTKGPSVFPLAPSSKSTSGGTAALGCLVKDYFPEPVTVSWN
SGALTSGVHTFPAVLQSSGLYSLSSVVTVPSSSLGTQTYICNVNHKPSNTKVDKRVEPKSCDKTHHHHHH
;
F,I
#
loop_
_chem_comp.id
_chem_comp.type
_chem_comp.name
_chem_comp.formula
BMA D-saccharide, beta linking beta-D-mannopyranose 'C6 H12 O6'
MAN D-saccharide, alpha linking alpha-D-mannopyranose 'C6 H12 O6'
NAG D-saccharide, beta linking 2-acetamido-2-deoxy-beta-D-glucopyranose 'C8 H15 N O6'
#
# COMPACT_ATOMS: atom_id res chain seq x y z
N ASN A 13 -17.20 -37.44 19.64
CA ASN A 13 -16.35 -37.42 18.46
C ASN A 13 -16.97 -36.58 17.36
N ARG A 14 -18.30 -36.52 17.33
CA ARG A 14 -19.03 -35.79 16.30
C ARG A 14 -19.19 -34.31 16.63
N THR A 15 -18.44 -33.81 17.62
CA THR A 15 -18.45 -32.40 17.97
C THR A 15 -17.43 -31.64 17.14
N ALA A 16 -17.75 -30.39 16.80
CA ALA A 16 -17.01 -29.63 15.79
C ALA A 16 -16.11 -28.58 16.44
N LEU A 17 -14.81 -28.87 16.52
CA LEU A 17 -13.85 -27.98 17.15
C LEU A 17 -13.10 -27.20 16.08
N ASN A 18 -13.72 -26.11 15.63
CA ASN A 18 -13.09 -25.13 14.74
C ASN A 18 -13.08 -23.80 15.50
N CYS A 19 -12.04 -23.64 16.30
CA CYS A 19 -11.93 -22.52 17.20
C CYS A 19 -10.67 -21.74 16.88
N ASN A 20 -10.67 -20.47 17.25
CA ASN A 20 -9.75 -19.53 16.62
C ASN A 20 -9.75 -18.21 17.37
N ASP A 21 -8.81 -18.04 18.30
CA ASP A 21 -8.75 -16.91 19.24
C ASP A 21 -7.84 -15.81 18.70
N SER A 22 -8.17 -15.30 17.50
CA SER A 22 -7.30 -14.39 16.78
C SER A 22 -7.13 -13.03 17.45
N LEU A 23 -7.86 -12.76 18.51
CA LEU A 23 -7.71 -11.55 19.29
C LEU A 23 -7.02 -11.82 20.61
N ASN A 24 -6.75 -13.08 20.92
CA ASN A 24 -6.07 -13.47 22.15
C ASN A 24 -6.80 -12.89 23.37
N THR A 25 -8.12 -13.04 23.39
CA THR A 25 -8.88 -12.57 24.53
C THR A 25 -9.03 -13.64 25.61
N GLY A 26 -8.96 -14.91 25.22
CA GLY A 26 -8.98 -16.00 26.17
C GLY A 26 -10.24 -16.85 26.22
N TRP A 27 -11.27 -16.58 25.40
CA TRP A 27 -12.51 -17.35 25.46
C TRP A 27 -12.25 -18.84 25.25
N LEU A 28 -11.66 -19.20 24.11
CA LEU A 28 -11.42 -20.60 23.77
C LEU A 28 -10.72 -21.35 24.90
N ALA A 29 -9.96 -20.67 25.75
CA ALA A 29 -9.42 -21.36 26.91
C ALA A 29 -10.50 -21.67 27.94
N GLY A 30 -11.54 -20.83 28.03
CA GLY A 30 -12.62 -21.09 28.96
C GLY A 30 -13.37 -22.37 28.67
N LEU A 31 -13.47 -22.77 27.40
CA LEU A 31 -14.11 -24.03 27.04
C LEU A 31 -13.51 -25.19 27.81
N PHE A 32 -12.21 -25.13 28.09
CA PHE A 32 -11.49 -26.21 28.74
C PHE A 32 -11.31 -26.00 30.22
N TYR A 33 -11.12 -24.77 30.67
CA TYR A 33 -11.09 -24.46 32.09
C TYR A 33 -12.29 -23.56 32.38
N HIS A 34 -13.33 -24.15 32.96
CA HIS A 34 -14.54 -23.38 33.25
C HIS A 34 -14.38 -22.56 34.52
N HIS A 35 -15.36 -21.68 34.73
CA HIS A 35 -15.55 -20.87 35.93
C HIS A 35 -14.48 -19.80 36.12
N LYS A 36 -13.52 -19.69 35.20
CA LYS A 36 -12.46 -18.70 35.29
C LYS A 36 -12.81 -17.41 34.55
N PHE A 37 -14.08 -17.19 34.23
CA PHE A 37 -14.45 -16.02 33.45
C PHE A 37 -14.43 -14.76 34.30
N ASP A 38 -13.94 -13.67 33.70
CA ASP A 38 -13.77 -12.35 34.32
C ASP A 38 -14.95 -11.46 33.99
N SER A 39 -15.89 -11.33 34.93
CA SER A 39 -17.08 -10.50 34.75
C SER A 39 -16.67 -9.05 34.49
N SER A 40 -16.37 -8.33 35.57
CA SER A 40 -16.11 -6.88 35.56
C SER A 40 -17.18 -6.15 34.74
N GLY A 41 -18.45 -6.42 35.10
CA GLY A 41 -19.57 -5.92 34.34
C GLY A 41 -19.82 -6.69 33.05
N CYS A 42 -20.87 -6.29 32.35
CA CYS A 42 -21.32 -7.04 31.17
C CYS A 42 -22.32 -6.28 30.29
N PRO A 80 -36.87 -11.42 17.85
CA PRO A 80 -35.49 -11.66 18.30
C PRO A 80 -34.90 -12.92 17.57
N PRO A 81 -34.58 -14.08 18.19
CA PRO A 81 -33.67 -15.03 17.53
C PRO A 81 -34.12 -15.41 16.13
N ARG A 82 -33.12 -15.68 15.24
CA ARG A 82 -33.33 -15.99 13.83
C ARG A 82 -33.60 -17.48 13.63
N PRO A 83 -34.35 -17.83 12.57
CA PRO A 83 -34.82 -19.21 12.43
C PRO A 83 -33.69 -20.20 12.24
N CYS A 84 -33.81 -21.36 12.90
CA CYS A 84 -32.80 -22.41 12.77
C CYS A 84 -32.71 -22.90 11.33
N GLY A 85 -31.73 -23.74 11.08
CA GLY A 85 -31.43 -24.14 9.71
C GLY A 85 -30.18 -24.99 9.61
N ILE A 86 -29.45 -24.84 8.52
CA ILE A 86 -28.25 -25.64 8.26
C ILE A 86 -27.03 -24.76 8.53
N VAL A 87 -26.18 -25.19 9.45
CA VAL A 87 -24.97 -24.44 9.79
C VAL A 87 -23.76 -25.24 9.34
N PRO A 88 -22.80 -24.62 8.67
CA PRO A 88 -21.55 -25.30 8.30
C PRO A 88 -20.72 -25.58 9.55
N ALA A 89 -20.45 -26.86 9.81
CA ALA A 89 -19.71 -27.22 10.99
C ALA A 89 -18.29 -26.68 10.98
N LYS A 90 -17.78 -26.22 9.82
CA LYS A 90 -16.49 -25.55 9.75
C LYS A 90 -16.52 -24.13 10.38
N THR A 91 -17.62 -23.86 11.08
CA THR A 91 -17.90 -22.59 11.72
C THR A 91 -18.14 -22.69 13.22
N VAL A 92 -18.68 -23.78 13.68
CA VAL A 92 -19.08 -23.88 15.07
C VAL A 92 -17.91 -24.37 15.91
N CYS A 93 -17.79 -23.84 17.13
CA CYS A 93 -16.76 -24.21 18.08
C CYS A 93 -17.42 -24.78 19.34
N GLY A 94 -17.20 -26.06 19.59
CA GLY A 94 -17.69 -26.70 20.79
C GLY A 94 -19.03 -27.37 20.65
N PRO A 95 -19.50 -27.99 21.74
CA PRO A 95 -20.83 -28.61 21.71
C PRO A 95 -21.89 -27.63 21.25
N VAL A 96 -22.75 -28.12 20.34
CA VAL A 96 -23.97 -27.44 19.97
C VAL A 96 -25.09 -27.96 20.86
N TYR A 97 -25.92 -27.05 21.37
CA TYR A 97 -27.05 -27.44 22.21
C TYR A 97 -28.36 -26.95 21.64
N CYS A 98 -29.40 -27.75 21.82
CA CYS A 98 -30.76 -27.34 21.56
C CYS A 98 -31.61 -27.66 22.77
N PHE A 99 -32.74 -26.96 22.89
CA PHE A 99 -33.53 -26.93 24.12
C PHE A 99 -34.98 -27.31 23.84
N THR A 100 -35.47 -28.27 24.62
CA THR A 100 -36.75 -28.93 24.45
C THR A 100 -37.84 -28.58 25.46
N PRO A 101 -37.66 -27.61 26.41
CA PRO A 101 -36.60 -26.72 26.86
C PRO A 101 -35.39 -27.44 27.42
N SER A 102 -35.57 -28.64 27.96
CA SER A 102 -34.46 -29.46 28.42
C SER A 102 -33.37 -29.51 27.35
N PRO A 103 -32.09 -29.58 27.72
CA PRO A 103 -31.03 -29.41 26.72
C PRO A 103 -30.47 -30.72 26.18
N VAL A 104 -29.98 -30.71 24.94
CA VAL A 104 -29.39 -31.91 24.34
C VAL A 104 -28.37 -31.49 23.29
N VAL A 105 -27.22 -32.20 23.28
CA VAL A 105 -26.17 -31.93 22.31
C VAL A 105 -26.55 -32.53 20.96
N VAL A 106 -26.22 -31.83 19.87
CA VAL A 106 -26.49 -32.34 18.53
C VAL A 106 -25.17 -32.45 17.77
N GLY A 107 -25.14 -33.36 16.79
CA GLY A 107 -23.92 -33.72 16.12
C GLY A 107 -23.89 -33.33 14.66
N THR A 108 -22.78 -33.68 14.01
CA THR A 108 -22.54 -33.34 12.62
C THR A 108 -23.30 -34.31 11.72
N THR A 109 -23.37 -33.97 10.43
CA THR A 109 -24.34 -34.63 9.56
C THR A 109 -24.03 -34.30 8.10
N ASP A 110 -24.12 -35.30 7.22
CA ASP A 110 -24.22 -35.02 5.79
C ASP A 110 -25.58 -34.40 5.50
N ARG A 111 -25.59 -33.36 4.65
CA ARG A 111 -26.86 -32.68 4.35
C ARG A 111 -27.96 -33.65 3.94
N ALA A 112 -27.60 -34.84 3.45
CA ALA A 112 -28.55 -35.92 3.24
C ALA A 112 -29.23 -36.34 4.54
N GLY A 113 -28.65 -36.03 5.70
CA GLY A 113 -29.19 -36.36 7.00
C GLY A 113 -28.39 -37.40 7.74
N ALA A 114 -27.67 -38.24 7.02
CA ALA A 114 -26.86 -39.29 7.66
C ALA A 114 -25.76 -38.65 8.49
N PRO A 115 -25.57 -39.07 9.75
CA PRO A 115 -24.56 -38.42 10.60
C PRO A 115 -23.16 -38.57 10.01
N ALA A 116 -22.39 -37.48 10.11
CA ALA A 116 -21.02 -37.40 9.61
C ALA A 116 -20.09 -37.18 10.79
N TYR A 117 -19.09 -38.05 10.93
CA TYR A 117 -18.34 -38.14 12.18
C TYR A 117 -17.01 -37.38 12.15
N ASN A 118 -16.82 -36.48 11.18
CA ASN A 118 -15.67 -35.59 11.24
C ASN A 118 -15.86 -34.57 12.37
N TRP A 119 -14.79 -33.87 12.70
CA TRP A 119 -14.83 -32.79 13.68
C TRP A 119 -14.99 -31.44 12.99
N GLY A 120 -16.07 -31.34 12.23
CA GLY A 120 -16.40 -30.15 11.47
C GLY A 120 -15.43 -29.98 10.31
N GLU A 121 -14.64 -31.04 10.07
CA GLU A 121 -13.53 -30.96 9.11
C GLU A 121 -14.06 -30.80 7.69
N ASN A 122 -14.82 -31.80 7.21
CA ASN A 122 -15.42 -31.70 5.89
C ASN A 122 -16.41 -30.54 5.85
N ASP A 123 -16.45 -29.85 4.70
CA ASP A 123 -17.58 -28.96 4.45
C ASP A 123 -18.82 -29.74 4.03
N THR A 124 -18.68 -31.04 3.73
CA THR A 124 -19.83 -31.94 3.66
C THR A 124 -20.35 -32.29 5.04
N ASP A 125 -19.82 -31.65 6.08
CA ASP A 125 -20.17 -31.94 7.47
C ASP A 125 -20.87 -30.73 8.08
N VAL A 126 -22.12 -30.90 8.51
CA VAL A 126 -22.98 -29.81 8.97
C VAL A 126 -23.79 -30.24 10.19
N PHE A 127 -24.33 -29.24 10.89
CA PHE A 127 -25.35 -29.45 11.90
C PHE A 127 -26.69 -29.07 11.30
N VAL A 128 -27.61 -30.04 11.24
CA VAL A 128 -28.93 -29.81 10.69
C VAL A 128 -29.86 -29.49 11.85
N LEU A 129 -30.37 -28.27 11.87
CA LEU A 129 -31.01 -27.73 13.05
C LEU A 129 -32.45 -27.27 12.84
N ASN A 130 -32.97 -27.31 11.61
CA ASN A 130 -34.34 -26.86 11.37
C ASN A 130 -35.24 -27.46 12.44
N ASN A 131 -36.05 -26.61 13.06
CA ASN A 131 -36.82 -26.96 14.25
C ASN A 131 -38.31 -26.80 14.00
N THR A 132 -39.09 -27.50 14.82
CA THR A 132 -40.50 -27.15 15.02
C THR A 132 -40.81 -27.24 16.51
N ARG A 133 -41.63 -26.29 16.99
CA ARG A 133 -42.00 -26.19 18.39
C ARG A 133 -42.41 -27.55 18.92
N PRO A 134 -41.79 -28.04 20.00
CA PRO A 134 -41.82 -29.46 20.27
C PRO A 134 -42.69 -29.82 21.46
N PRO A 135 -44.03 -29.69 21.35
CA PRO A 135 -44.86 -30.78 21.86
C PRO A 135 -44.68 -31.90 20.87
N LEU A 136 -44.82 -31.59 19.57
CA LEU A 136 -44.66 -32.52 18.46
C LEU A 136 -43.25 -32.57 17.86
N GLY A 137 -42.58 -31.43 17.74
CA GLY A 137 -41.30 -31.34 17.04
C GLY A 137 -40.10 -31.75 17.86
N ASN A 138 -38.96 -31.10 17.55
CA ASN A 138 -37.66 -31.50 18.06
C ASN A 138 -37.15 -30.66 19.22
N TRP A 139 -37.19 -29.33 19.11
CA TRP A 139 -36.56 -28.44 20.09
C TRP A 139 -36.98 -27.01 19.82
N PHE A 140 -37.01 -26.21 20.90
CA PHE A 140 -37.46 -24.82 20.77
C PHE A 140 -36.42 -23.95 20.10
N GLY A 141 -35.14 -24.24 20.29
CA GLY A 141 -34.09 -23.44 19.69
C GLY A 141 -32.74 -24.02 20.09
N CYS A 142 -31.69 -23.43 19.52
CA CYS A 142 -30.34 -23.92 19.73
C CYS A 142 -29.41 -22.74 20.02
N THR A 143 -28.19 -23.07 20.45
CA THR A 143 -27.16 -22.09 20.79
C THR A 143 -25.78 -22.73 20.72
N TRP A 144 -24.81 -21.98 20.20
CA TRP A 144 -23.45 -22.50 20.09
C TRP A 144 -22.50 -21.32 19.92
N MET A 145 -21.20 -21.62 19.85
CA MET A 145 -20.17 -20.62 19.64
C MET A 145 -19.54 -20.80 18.26
N ASN A 146 -19.39 -19.71 17.52
CA ASN A 146 -18.78 -19.85 16.21
C ASN A 146 -17.25 -19.72 16.33
N SER A 147 -16.55 -19.61 15.20
CA SER A 147 -15.11 -19.84 15.18
C SER A 147 -14.35 -18.75 15.89
N THR A 148 -14.78 -17.49 15.73
CA THR A 148 -14.08 -16.38 16.34
C THR A 148 -14.59 -16.06 17.74
N GLY A 149 -15.42 -16.91 18.32
CA GLY A 149 -15.83 -16.75 19.70
C GLY A 149 -17.13 -16.03 19.99
N PHE A 150 -18.10 -16.08 19.10
CA PHE A 150 -19.38 -15.40 19.28
C PHE A 150 -20.47 -16.42 19.58
N THR A 151 -21.31 -16.10 20.56
CA THR A 151 -22.44 -16.97 20.87
C THR A 151 -23.54 -16.75 19.83
N LYS A 152 -23.96 -17.83 19.19
CA LYS A 152 -24.99 -17.81 18.18
C LYS A 152 -26.18 -18.66 18.63
N ALA A 153 -27.37 -18.24 18.21
CA ALA A 153 -28.60 -18.90 18.65
C ALA A 153 -29.64 -18.85 17.53
N CYS A 154 -30.59 -19.77 17.63
CA CYS A 154 -31.67 -19.89 16.66
C CYS A 154 -32.92 -20.38 17.38
N GLY A 155 -34.04 -20.34 16.68
CA GLY A 155 -35.28 -20.87 17.23
C GLY A 155 -36.44 -20.59 16.29
N ALA A 156 -37.62 -21.01 16.76
CA ALA A 156 -38.88 -20.76 16.06
C ALA A 156 -39.23 -19.27 16.16
N PRO A 157 -40.24 -18.80 15.42
CA PRO A 157 -40.54 -17.34 15.40
C PRO A 157 -41.40 -16.91 16.58
N PRO A 158 -41.14 -15.69 17.15
CA PRO A 158 -41.92 -15.22 18.31
C PRO A 158 -43.35 -14.82 17.94
N CYS A 159 -43.93 -13.88 18.71
CA CYS A 159 -45.38 -13.73 18.68
C CYS A 159 -45.88 -12.26 18.63
N GLU A 181 -50.60 -14.93 27.70
CA GLU A 181 -50.69 -15.58 26.39
C GLU A 181 -49.30 -15.92 25.84
N ALA A 182 -48.28 -15.18 26.30
CA ALA A 182 -46.91 -15.37 25.85
C ALA A 182 -46.27 -16.47 26.68
N THR A 183 -46.61 -17.72 26.33
CA THR A 183 -46.06 -18.91 26.98
C THR A 183 -44.80 -19.37 26.25
N TYR A 184 -43.96 -20.12 26.98
CA TYR A 184 -42.85 -20.80 26.33
C TYR A 184 -43.35 -21.83 25.34
N SER A 185 -44.41 -22.56 25.70
CA SER A 185 -44.93 -23.60 24.82
C SER A 185 -45.39 -23.03 23.49
N ARG A 186 -45.81 -21.76 23.44
CA ARG A 186 -46.32 -21.17 22.22
C ARG A 186 -45.32 -20.27 21.49
N CYS A 187 -44.39 -19.63 22.22
CA CYS A 187 -43.51 -18.65 21.59
C CYS A 187 -42.03 -18.87 21.90
N GLY A 188 -41.67 -19.95 22.58
CA GLY A 188 -40.28 -20.17 22.98
C GLY A 188 -39.38 -20.39 21.78
N SER A 189 -38.26 -19.68 21.75
CA SER A 189 -37.35 -19.70 20.59
C SER A 189 -35.93 -20.11 20.98
N GLY A 190 -35.76 -20.88 22.04
CA GLY A 190 -34.45 -21.28 22.46
C GLY A 190 -34.38 -21.61 23.94
N PRO A 191 -33.27 -21.24 24.58
CA PRO A 191 -33.09 -21.54 26.01
C PRO A 191 -33.57 -20.45 26.95
N TRP A 192 -34.25 -19.43 26.45
CA TRP A 192 -34.43 -18.25 27.26
C TRP A 192 -35.63 -18.30 28.20
N ILE A 193 -36.66 -19.09 27.91
CA ILE A 193 -37.85 -19.16 28.78
C ILE A 193 -38.38 -17.75 29.01
N THR A 194 -38.55 -17.38 30.28
CA THR A 194 -38.87 -16.05 30.73
C THR A 194 -37.61 -15.19 30.78
N PRO A 195 -37.74 -13.85 30.77
CA PRO A 195 -36.59 -13.02 31.11
C PRO A 195 -36.06 -13.38 32.49
N ARG A 196 -34.74 -13.25 32.64
CA ARG A 196 -33.98 -13.59 33.83
C ARG A 196 -33.80 -15.10 34.05
N CYS A 197 -34.83 -15.93 33.91
CA CYS A 197 -34.60 -17.37 34.03
C CYS A 197 -34.16 -17.94 32.68
N LEU A 198 -33.12 -18.76 32.70
CA LEU A 198 -32.49 -19.30 31.50
C LEU A 198 -32.22 -20.78 31.72
N VAL A 199 -32.34 -21.57 30.65
CA VAL A 199 -32.18 -23.01 30.80
C VAL A 199 -30.73 -23.32 31.12
N ASP A 200 -30.50 -23.97 32.27
CA ASP A 200 -29.13 -24.28 32.68
C ASP A 200 -28.62 -25.50 31.95
N TYR A 201 -27.33 -25.50 31.61
CA TYR A 201 -26.71 -26.59 30.88
C TYR A 201 -25.19 -26.47 30.95
N PRO A 202 -24.47 -27.59 30.85
CA PRO A 202 -23.02 -27.58 31.20
C PRO A 202 -22.11 -26.71 30.34
N TYR A 203 -22.69 -25.85 29.51
CA TYR A 203 -21.91 -24.83 28.83
C TYR A 203 -22.64 -23.49 28.82
N ARG A 204 -23.57 -23.29 29.77
CA ARG A 204 -24.24 -22.01 29.90
C ARG A 204 -23.25 -20.90 30.23
N LEU A 205 -22.38 -21.15 31.21
CA LEU A 205 -21.37 -20.16 31.58
C LEU A 205 -20.45 -19.82 30.42
N TRP A 206 -20.39 -20.69 29.41
CA TRP A 206 -19.53 -20.44 28.26
C TRP A 206 -20.28 -19.69 27.15
N HIS A 207 -21.55 -20.02 26.90
CA HIS A 207 -22.31 -19.33 25.87
C HIS A 207 -22.89 -18.03 26.39
N TYR A 208 -23.44 -18.06 27.60
CA TYR A 208 -24.01 -16.89 28.26
C TYR A 208 -23.20 -16.69 29.54
N PRO A 209 -22.01 -16.05 29.45
CA PRO A 209 -21.11 -16.00 30.61
C PRO A 209 -21.51 -14.96 31.63
N CYS A 210 -22.13 -13.88 31.16
CA CYS A 210 -22.58 -12.84 32.06
C CYS A 210 -23.63 -13.34 33.02
N THR A 211 -24.20 -14.51 32.74
CA THR A 211 -25.19 -15.09 33.62
C THR A 211 -24.50 -15.91 34.70
N ILE A 212 -23.35 -15.42 35.18
CA ILE A 212 -22.61 -16.19 36.17
C ILE A 212 -23.14 -15.94 37.57
N ASN A 213 -23.72 -14.76 37.79
CA ASN A 213 -24.40 -14.45 39.05
C ASN A 213 -25.75 -15.12 39.14
N TYR A 214 -26.33 -15.48 38.01
CA TYR A 214 -27.63 -16.12 37.98
C TYR A 214 -27.63 -17.33 38.89
N THR A 215 -28.64 -17.41 39.75
CA THR A 215 -28.79 -18.50 40.70
C THR A 215 -29.80 -19.50 40.16
N VAL A 216 -29.49 -20.79 40.31
CA VAL A 216 -30.11 -21.84 39.50
C VAL A 216 -31.10 -22.66 40.33
N PHE A 217 -32.39 -22.45 40.09
CA PHE A 217 -33.46 -23.17 40.78
C PHE A 217 -33.87 -24.42 40.01
N LYS A 218 -34.42 -25.39 40.74
CA LYS A 218 -35.11 -26.50 40.11
C LYS A 218 -36.52 -26.09 39.75
N ILE A 219 -36.89 -26.31 38.48
CA ILE A 219 -38.22 -25.96 38.02
C ILE A 219 -38.82 -27.14 37.28
N ARG A 220 -40.10 -27.01 36.94
CA ARG A 220 -40.82 -27.95 36.08
C ARG A 220 -41.76 -27.17 35.18
N MET A 221 -41.83 -27.56 33.92
CA MET A 221 -42.72 -26.92 32.96
C MET A 221 -43.50 -27.99 32.21
N TYR A 222 -44.63 -27.56 31.67
CA TYR A 222 -45.46 -28.38 30.81
C TYR A 222 -45.44 -27.80 29.41
N VAL A 223 -45.21 -28.68 28.42
CA VAL A 223 -45.31 -28.29 27.03
C VAL A 223 -46.49 -29.05 26.46
N GLY A 224 -47.64 -28.37 26.37
CA GLY A 224 -48.85 -29.02 25.89
C GLY A 224 -49.15 -30.34 26.59
N GLY A 225 -48.84 -30.45 27.89
CA GLY A 225 -49.25 -31.57 28.70
C GLY A 225 -48.10 -32.40 29.26
N VAL A 226 -46.96 -32.42 28.58
CA VAL A 226 -45.86 -33.26 29.01
C VAL A 226 -45.15 -32.61 30.21
N GLU A 227 -44.93 -33.40 31.26
CA GLU A 227 -44.28 -32.91 32.47
C GLU A 227 -42.76 -33.03 32.34
N HIS A 228 -42.08 -31.89 32.41
CA HIS A 228 -40.64 -31.83 32.23
C HIS A 228 -39.95 -31.30 33.48
N ARG A 229 -38.88 -31.97 33.88
CA ARG A 229 -38.03 -31.54 34.99
C ARG A 229 -36.71 -30.97 34.44
N LEU A 230 -36.33 -29.80 34.90
CA LEU A 230 -35.11 -29.13 34.45
C LEU A 230 -34.67 -28.12 35.52
N GLU A 231 -33.55 -27.45 35.24
CA GLU A 231 -32.98 -26.46 36.14
C GLU A 231 -32.76 -25.15 35.41
N ALA A 232 -33.17 -24.05 36.03
CA ALA A 232 -33.14 -22.73 35.41
C ALA A 232 -32.27 -21.78 36.24
N ALA A 233 -31.29 -21.17 35.57
CA ALA A 233 -30.46 -20.15 36.19
C ALA A 233 -31.12 -18.79 35.99
N CYS A 234 -31.21 -17.98 37.07
CA CYS A 234 -32.00 -16.75 37.09
C CYS A 234 -31.30 -15.68 37.94
N ASN A 235 -31.46 -14.42 37.52
CA ASN A 235 -30.95 -13.33 38.34
C ASN A 235 -32.05 -12.86 39.30
N GLN B 1 -6.78 -8.96 23.50
CA GLN B 1 -5.42 -8.45 23.64
C GLN B 1 -4.90 -8.57 25.10
N VAL B 2 -4.51 -9.78 25.51
CA VAL B 2 -3.86 -9.95 26.80
C VAL B 2 -2.49 -9.29 26.76
N GLN B 3 -2.06 -8.73 27.90
CA GLN B 3 -0.75 -8.13 28.01
C GLN B 3 -0.15 -8.42 29.37
N LEU B 4 1.16 -8.65 29.39
CA LEU B 4 1.86 -9.04 30.60
C LEU B 4 2.99 -8.05 30.87
N VAL B 5 3.11 -7.60 32.12
CA VAL B 5 4.22 -6.78 32.55
C VAL B 5 4.86 -7.45 33.77
N GLN B 6 6.18 -7.42 33.85
CA GLN B 6 6.91 -8.25 34.79
C GLN B 6 7.59 -7.38 35.84
N SER B 7 7.92 -8.02 36.96
CA SER B 7 8.72 -7.44 38.02
C SER B 7 9.94 -6.69 37.53
N GLY B 8 10.40 -5.73 38.31
CA GLY B 8 11.67 -5.10 38.02
C GLY B 8 12.82 -6.07 38.21
N ALA B 9 13.96 -5.70 37.66
CA ALA B 9 15.14 -6.55 37.80
C ALA B 9 15.51 -6.64 39.28
N GLU B 10 15.55 -7.86 39.80
CA GLU B 10 16.14 -8.12 41.12
C GLU B 10 17.60 -8.55 40.90
N VAL B 11 18.46 -8.24 41.88
CA VAL B 11 19.88 -8.64 41.88
C VAL B 11 20.11 -9.51 43.12
N LYS B 12 20.51 -10.76 42.90
CA LYS B 12 20.53 -11.76 43.96
C LYS B 12 21.92 -12.39 44.06
N LYS B 13 22.22 -12.91 45.26
CA LYS B 13 23.33 -13.52 45.95
C LYS B 13 23.31 -15.02 45.77
N PRO B 14 24.44 -15.65 45.41
CA PRO B 14 24.44 -17.10 45.18
C PRO B 14 23.92 -17.85 46.40
N GLY B 15 23.04 -18.80 46.15
CA GLY B 15 22.35 -19.53 47.17
C GLY B 15 21.00 -18.96 47.57
N SER B 16 20.79 -17.66 47.35
CA SER B 16 19.53 -17.03 47.72
C SER B 16 18.48 -17.36 46.65
N SER B 17 17.31 -16.73 46.71
CA SER B 17 16.29 -16.95 45.71
C SER B 17 15.74 -15.61 45.21
N VAL B 18 14.85 -15.70 44.23
CA VAL B 18 14.27 -14.52 43.61
C VAL B 18 12.86 -14.88 43.15
N LYS B 19 11.92 -13.95 43.30
CA LYS B 19 10.52 -14.14 42.91
C LYS B 19 10.15 -13.03 41.94
N VAL B 20 9.91 -13.42 40.68
CA VAL B 20 9.46 -12.53 39.61
C VAL B 20 7.96 -12.63 39.47
N SER B 21 7.29 -11.48 39.35
CA SER B 21 5.86 -11.41 39.10
C SER B 21 5.61 -11.21 37.62
N CYS B 22 4.37 -11.52 37.21
CA CYS B 22 3.90 -11.38 35.83
C CYS B 22 2.40 -11.09 35.92
N LYS B 23 2.05 -9.80 35.95
CA LYS B 23 0.65 -9.41 36.03
C LYS B 23 0.00 -9.48 34.65
N ALA B 24 -1.14 -10.14 34.58
CA ALA B 24 -1.92 -10.19 33.35
C ALA B 24 -2.99 -9.12 33.38
N SER B 25 -3.49 -8.80 32.19
CA SER B 25 -4.51 -7.76 32.05
C SER B 25 -5.06 -7.83 30.63
N GLY B 26 -6.22 -7.21 30.46
CA GLY B 26 -6.77 -7.01 29.13
C GLY B 26 -7.37 -8.21 28.47
N GLY B 27 -7.77 -9.23 29.23
CA GLY B 27 -8.41 -10.35 28.60
C GLY B 27 -9.75 -10.69 29.20
N THR B 28 -10.11 -11.97 29.19
CA THR B 28 -11.42 -12.43 29.62
C THR B 28 -11.39 -13.41 30.79
N LEU B 29 -10.23 -13.90 31.20
CA LEU B 29 -10.12 -14.77 32.36
C LEU B 29 -9.49 -14.06 33.55
N ASN B 30 -9.59 -14.71 34.72
CA ASN B 30 -8.92 -14.25 35.93
C ASN B 30 -7.54 -14.86 36.11
N SER B 31 -7.28 -15.98 35.43
CA SER B 31 -5.96 -16.59 35.38
C SER B 31 -5.79 -17.20 33.99
N TYR B 32 -4.58 -17.12 33.46
CA TYR B 32 -4.27 -17.64 32.14
C TYR B 32 -3.26 -18.78 32.23
N GLU B 33 -2.98 -19.37 31.08
CA GLU B 33 -1.90 -20.36 31.00
C GLU B 33 -0.60 -19.58 30.86
N ILE B 34 0.22 -19.57 31.91
CA ILE B 34 1.41 -18.73 31.96
C ILE B 34 2.65 -19.61 31.87
N THR B 35 3.59 -19.21 31.03
CA THR B 35 4.82 -19.96 30.80
C THR B 35 6.02 -19.11 31.22
N TRP B 36 7.04 -19.77 31.75
CA TRP B 36 8.26 -19.11 32.19
C TRP B 36 9.43 -19.63 31.37
N VAL B 37 10.16 -18.70 30.74
CA VAL B 37 11.30 -19.01 29.85
C VAL B 37 12.46 -18.11 30.23
N ARG B 38 13.66 -18.68 30.31
CA ARG B 38 14.85 -17.90 30.58
C ARG B 38 15.81 -18.00 29.40
N GLN B 39 16.60 -16.95 29.23
CA GLN B 39 17.58 -16.85 28.17
C GLN B 39 18.83 -16.22 28.76
N ALA B 40 19.92 -16.99 28.75
CA ALA B 40 21.16 -16.53 29.33
C ALA B 40 21.79 -15.48 28.44
N PRO B 41 22.62 -14.60 29.00
CA PRO B 41 23.29 -13.57 28.20
C PRO B 41 23.97 -14.17 26.97
N GLY B 42 23.51 -13.74 25.79
CA GLY B 42 24.06 -14.18 24.53
C GLY B 42 23.55 -15.55 24.10
N GLN B 43 23.09 -16.34 25.07
CA GLN B 43 22.71 -17.71 24.79
C GLN B 43 21.28 -17.77 24.24
N GLY B 44 20.69 -18.96 24.28
CA GLY B 44 19.39 -19.20 23.70
C GLY B 44 18.30 -19.38 24.75
N LEU B 45 17.12 -19.79 24.26
CA LEU B 45 15.91 -19.92 25.08
C LEU B 45 15.89 -21.24 25.84
N GLU B 46 15.45 -21.19 27.09
CA GLU B 46 15.40 -22.35 27.96
C GLU B 46 14.07 -22.33 28.70
N TRP B 47 13.14 -23.19 28.28
CA TRP B 47 11.85 -23.26 28.94
C TRP B 47 11.99 -23.80 30.37
N MET B 48 11.25 -23.22 31.30
CA MET B 48 11.32 -23.60 32.70
C MET B 48 10.02 -24.22 33.23
N GLY B 49 8.89 -23.55 33.06
CA GLY B 49 7.70 -24.05 33.71
C GLY B 49 6.43 -23.42 33.15
N GLY B 50 5.32 -23.79 33.77
CA GLY B 50 4.03 -23.34 33.31
C GLY B 50 2.97 -23.61 34.35
N ILE B 51 1.97 -22.75 34.38
CA ILE B 51 0.85 -22.89 35.27
C ILE B 51 -0.40 -22.85 34.43
N THR B 52 -1.31 -23.78 34.71
CA THR B 52 -2.57 -23.78 34.01
C THR B 52 -3.52 -22.86 34.76
N PRO B 53 -4.62 -22.45 34.13
CA PRO B 53 -5.55 -21.56 34.84
C PRO B 53 -6.15 -22.20 36.08
N ILE B 54 -6.10 -23.52 36.20
CA ILE B 54 -6.55 -24.20 37.41
C ILE B 54 -5.36 -24.44 38.33
N PHE B 55 -4.24 -23.77 38.05
CA PHE B 55 -3.07 -23.69 38.92
C PHE B 55 -2.31 -25.03 39.03
N GLU B 56 -2.32 -25.82 37.96
CA GLU B 56 -1.68 -27.14 37.91
C GLU B 56 -0.30 -26.98 37.26
N THR B 57 0.71 -26.85 38.10
CA THR B 57 2.06 -26.52 37.65
C THR B 57 2.75 -27.73 37.03
N THR B 58 3.56 -27.47 35.99
CA THR B 58 4.48 -28.48 35.43
C THR B 58 5.82 -27.83 35.13
N TYR B 59 6.90 -28.39 35.68
CA TYR B 59 8.22 -27.78 35.64
C TYR B 59 9.18 -28.59 34.75
N ALA B 60 10.27 -27.95 34.34
CA ALA B 60 11.32 -28.63 33.60
C ALA B 60 12.20 -29.42 34.56
N GLN B 61 12.59 -30.63 34.13
CA GLN B 61 13.41 -31.46 35.02
C GLN B 61 14.70 -30.77 35.39
N LYS B 62 15.21 -29.89 34.52
CA LYS B 62 16.43 -29.16 34.82
C LYS B 62 16.35 -28.40 36.15
N PHE B 63 15.13 -28.04 36.58
CA PHE B 63 14.97 -27.24 37.80
C PHE B 63 13.99 -27.83 38.80
N GLN B 64 13.67 -29.11 38.70
CA GLN B 64 12.79 -29.71 39.70
C GLN B 64 13.44 -29.62 41.08
N GLY B 65 12.65 -29.20 42.06
CA GLY B 65 13.15 -28.91 43.39
C GLY B 65 13.72 -27.52 43.53
N ARG B 66 13.68 -26.71 42.48
CA ARG B 66 14.29 -25.38 42.51
C ARG B 66 13.30 -24.28 42.14
N VAL B 67 12.35 -24.59 41.27
CA VAL B 67 11.48 -23.57 40.72
C VAL B 67 10.03 -23.89 41.08
N THR B 68 9.31 -22.87 41.50
CA THR B 68 7.92 -22.99 41.95
C THR B 68 7.11 -21.87 41.32
N ILE B 69 6.06 -22.22 40.60
CA ILE B 69 5.17 -21.25 39.98
C ILE B 69 3.87 -21.25 40.74
N THR B 70 3.50 -20.10 41.28
CA THR B 70 2.27 -19.92 42.05
C THR B 70 1.39 -18.88 41.36
N ALA B 71 0.29 -18.53 42.00
CA ALA B 71 -0.66 -17.61 41.38
C ALA B 71 -1.49 -16.91 42.44
N ASP B 72 -1.71 -15.61 42.24
CA ASP B 72 -2.58 -14.78 43.07
C ASP B 72 -3.69 -14.27 42.17
N GLU B 73 -4.77 -15.05 42.10
CA GLU B 73 -5.84 -14.73 41.15
C GLU B 73 -6.50 -13.40 41.46
N SER B 74 -6.63 -13.07 42.75
CA SER B 74 -7.27 -11.82 43.16
C SER B 74 -6.71 -10.65 42.36
N THR B 75 -5.40 -10.45 42.43
CA THR B 75 -4.71 -9.46 41.61
C THR B 75 -4.32 -10.00 40.24
N SER B 76 -4.71 -11.23 39.92
CA SER B 76 -4.47 -11.87 38.62
C SER B 76 -3.02 -11.69 38.15
N THR B 77 -2.09 -12.08 39.01
CA THR B 77 -0.67 -12.13 38.64
C THR B 77 -0.14 -13.50 39.06
N THR B 78 0.80 -14.01 38.28
CA THR B 78 1.43 -15.28 38.61
C THR B 78 2.89 -15.02 38.95
N TYR B 79 3.45 -15.88 39.80
CA TYR B 79 4.80 -15.70 40.31
C TYR B 79 5.66 -16.89 39.94
N MET B 80 6.95 -16.62 39.74
CA MET B 80 7.95 -17.65 39.48
C MET B 80 9.13 -17.41 40.41
N GLU B 81 9.58 -18.45 41.10
CA GLU B 81 10.67 -18.32 42.06
C GLU B 81 11.65 -19.47 41.88
N LEU B 82 12.92 -19.14 41.78
CA LEU B 82 13.98 -20.11 41.52
C LEU B 82 14.99 -20.05 42.65
N SER B 83 14.92 -21.02 43.56
CA SER B 83 15.81 -21.10 44.70
C SER B 83 17.18 -21.64 44.30
N SER B 84 18.11 -21.60 45.24
CA SER B 84 19.48 -22.10 45.09
C SER B 84 20.15 -21.53 43.85
N LEU B 85 20.40 -20.21 43.93
CA LEU B 85 20.82 -19.43 42.76
C LEU B 85 22.32 -19.62 42.51
N ARG B 86 22.63 -20.16 41.42
CA ARG B 86 24.02 -20.14 41.00
C ARG B 86 24.24 -19.01 40.00
N PRO B 87 25.46 -18.49 39.88
CA PRO B 87 25.69 -17.50 38.83
C PRO B 87 25.29 -17.98 37.46
N GLU B 88 25.35 -19.29 37.23
CA GLU B 88 24.99 -19.88 35.94
C GLU B 88 23.50 -19.72 35.71
N ASP B 89 22.81 -19.08 36.65
CA ASP B 89 21.40 -18.70 36.50
C ASP B 89 21.20 -17.26 36.08
N THR B 90 22.27 -16.49 35.91
CA THR B 90 22.08 -15.10 35.56
C THR B 90 21.59 -15.03 34.13
N ALA B 91 20.36 -14.57 33.95
CA ALA B 91 19.73 -14.59 32.63
C ALA B 91 18.55 -13.63 32.64
N VAL B 92 17.94 -13.48 31.49
CA VAL B 92 16.67 -12.78 31.36
C VAL B 92 15.56 -13.80 31.54
N TYR B 93 14.51 -13.41 32.24
CA TYR B 93 13.40 -14.30 32.53
C TYR B 93 12.12 -13.68 32.01
N TYR B 94 11.48 -14.35 31.06
CA TYR B 94 10.22 -13.91 30.49
C TYR B 94 9.05 -14.68 31.06
N CYS B 95 7.85 -14.12 30.87
CA CYS B 95 6.62 -14.88 30.91
C CYS B 95 5.91 -14.72 29.58
N ALA B 96 4.99 -15.65 29.31
CA ALA B 96 4.08 -15.54 28.18
C ALA B 96 2.80 -16.30 28.49
N ARG B 97 1.74 -15.94 27.78
CA ARG B 97 0.53 -16.77 27.73
C ARG B 97 0.78 -17.92 26.77
N ASP B 98 0.74 -19.14 27.28
CA ASP B 98 0.78 -20.34 26.44
C ASP B 98 -0.64 -20.83 26.15
N GLY B 99 -1.40 -19.97 25.49
CA GLY B 99 -2.83 -20.18 25.42
C GLY B 99 -3.23 -21.08 24.28
N VAL B 100 -4.21 -21.95 24.55
CA VAL B 100 -4.86 -22.69 23.48
C VAL B 100 -5.65 -21.70 22.65
N ARG B 101 -5.26 -21.54 21.40
CA ARG B 101 -5.84 -20.46 20.61
C ARG B 101 -6.31 -20.87 19.22
N TYR B 102 -6.04 -22.09 18.78
CA TYR B 102 -6.58 -22.52 17.51
C TYR B 102 -6.75 -24.02 17.56
N CYS B 103 -7.97 -24.47 17.25
CA CYS B 103 -8.26 -25.88 17.02
C CYS B 103 -8.75 -26.05 15.59
N GLY B 104 -8.50 -27.23 15.04
CA GLY B 104 -8.86 -27.58 13.69
C GLY B 104 -8.55 -29.04 13.48
N GLY B 105 -9.45 -29.77 12.86
CA GLY B 105 -9.23 -31.19 12.77
C GLY B 105 -9.16 -31.80 14.15
N GLY B 106 -10.07 -31.40 15.03
CA GLY B 106 -10.26 -32.11 16.28
C GLY B 106 -9.00 -32.23 17.12
N ARG B 107 -8.15 -31.22 17.09
CA ARG B 107 -7.03 -31.09 18.01
C ARG B 107 -6.76 -29.60 18.17
N CYS B 108 -6.29 -29.20 19.35
CA CYS B 108 -6.08 -27.79 19.67
C CYS B 108 -4.60 -27.46 19.76
N TYR B 109 -4.28 -26.17 19.67
CA TYR B 109 -2.90 -25.73 19.55
C TYR B 109 -2.57 -24.57 20.50
N ASN B 110 -1.34 -24.57 21.01
CA ASN B 110 -0.86 -23.53 21.91
C ASN B 110 0.39 -22.86 21.33
N TRP B 111 0.54 -21.58 21.64
CA TRP B 111 1.78 -20.86 21.37
C TRP B 111 1.85 -19.62 22.27
N PHE B 112 3.03 -19.01 22.25
CA PHE B 112 3.43 -18.00 23.23
C PHE B 112 3.15 -16.62 22.66
N ASP B 113 2.10 -16.00 23.15
CA ASP B 113 1.61 -14.71 22.69
C ASP B 113 0.64 -14.20 23.75
N PRO B 114 0.96 -13.09 24.42
CA PRO B 114 2.18 -12.30 24.21
C PRO B 114 3.26 -12.66 25.21
N TRP B 115 4.40 -11.98 25.15
CA TRP B 115 5.49 -12.18 26.10
C TRP B 115 5.62 -10.94 26.98
N GLY B 116 5.93 -11.16 28.26
CA GLY B 116 6.20 -10.05 29.15
C GLY B 116 7.42 -9.27 28.69
N GLN B 117 7.75 -8.16 29.33
CA GLN B 117 8.91 -7.39 28.88
C GLN B 117 10.22 -8.03 29.33
N GLY B 118 10.17 -9.12 30.08
CA GLY B 118 11.38 -9.76 30.55
C GLY B 118 11.88 -9.12 31.81
N THR B 119 12.50 -9.92 32.67
CA THR B 119 13.15 -9.41 33.86
C THR B 119 14.57 -9.95 33.89
N LEU B 120 15.53 -9.06 34.06
CA LEU B 120 16.91 -9.49 34.22
C LEU B 120 17.15 -9.88 35.68
N VAL B 121 17.60 -11.11 35.90
CA VAL B 121 18.04 -11.53 37.24
C VAL B 121 19.52 -11.86 37.15
N THR B 122 20.33 -11.14 37.93
CA THR B 122 21.78 -11.26 37.92
C THR B 122 22.17 -11.93 39.23
N VAL B 123 22.81 -13.09 39.13
CA VAL B 123 23.26 -13.85 40.30
C VAL B 123 24.77 -13.82 40.33
N SER B 124 25.33 -13.08 41.29
CA SER B 124 26.77 -13.01 41.49
C SER B 124 27.03 -12.68 42.94
N SER B 125 28.25 -12.99 43.39
CA SER B 125 28.69 -12.61 44.72
C SER B 125 29.27 -11.21 44.77
N ALA B 126 29.01 -10.39 43.77
CA ALA B 126 29.45 -9.00 43.79
C ALA B 126 28.48 -8.19 44.66
N SER B 127 28.62 -6.87 44.61
CA SER B 127 27.62 -5.96 45.13
C SER B 127 27.52 -4.78 44.18
N THR B 128 26.40 -4.06 44.25
CA THR B 128 26.18 -2.95 43.34
C THR B 128 27.30 -1.95 43.46
N LYS B 129 28.05 -1.79 42.37
CA LYS B 129 29.15 -0.82 42.33
C LYS B 129 29.10 -0.07 41.00
N GLY B 130 29.14 1.27 41.08
CA GLY B 130 29.17 2.14 39.92
C GLY B 130 30.46 2.07 39.13
N PRO B 131 30.45 2.62 37.93
CA PRO B 131 31.58 2.41 37.02
C PRO B 131 32.59 3.55 37.04
N SER B 132 33.71 3.35 36.35
CA SER B 132 34.67 4.41 36.10
C SER B 132 34.85 4.52 34.60
N VAL B 133 34.71 5.74 34.07
CA VAL B 133 34.80 5.97 32.63
C VAL B 133 36.04 6.81 32.32
N PHE B 134 36.94 6.25 31.50
CA PHE B 134 38.23 6.84 31.17
C PHE B 134 38.32 7.15 29.69
N PRO B 135 38.85 8.31 29.32
CA PRO B 135 38.87 8.69 27.91
C PRO B 135 39.74 7.75 27.10
N LEU B 136 39.27 7.40 25.92
CA LEU B 136 40.14 6.83 24.88
C LEU B 136 40.54 7.94 23.90
N ALA B 137 41.24 8.93 24.45
CA ALA B 137 41.60 10.13 23.71
C ALA B 137 42.23 9.75 22.37
N PRO B 138 41.87 10.44 21.29
CA PRO B 138 42.30 10.02 19.96
C PRO B 138 43.73 10.43 19.66
N SER B 139 44.32 9.75 18.68
CA SER B 139 45.66 10.04 18.19
C SER B 139 45.56 10.48 16.73
N SER B 140 45.76 11.78 16.50
CA SER B 140 45.91 12.37 15.16
C SER B 140 46.14 13.88 15.23
N THR B 143 45.83 6.75 11.85
CA THR B 143 44.40 7.05 11.75
C THR B 143 44.12 7.92 10.53
N SER B 144 44.08 7.30 9.35
CA SER B 144 43.86 7.99 8.09
C SER B 144 42.48 7.65 7.53
N GLY B 145 42.30 7.88 6.22
CA GLY B 145 40.98 8.03 5.64
C GLY B 145 40.37 9.39 5.88
N GLY B 146 41.15 10.33 6.43
CA GLY B 146 40.65 11.58 6.96
C GLY B 146 39.90 11.44 8.27
N THR B 147 39.81 10.22 8.82
CA THR B 147 38.95 9.87 9.94
C THR B 147 39.76 9.48 11.17
N ALA B 148 39.14 9.65 12.33
CA ALA B 148 39.78 9.33 13.60
C ALA B 148 38.89 8.41 14.41
N ALA B 149 39.28 8.10 15.65
CA ALA B 149 38.43 7.32 16.53
C ALA B 149 38.71 7.75 17.96
N LEU B 150 37.64 7.87 18.75
CA LEU B 150 37.73 8.38 20.11
C LEU B 150 36.60 7.76 20.93
N GLY B 151 36.93 6.91 21.88
CA GLY B 151 35.94 6.30 22.73
C GLY B 151 36.02 6.78 24.16
N CYS B 152 35.55 5.94 25.07
CA CYS B 152 35.84 6.05 26.50
C CYS B 152 35.44 4.73 27.13
N LEU B 153 36.20 4.29 28.12
CA LEU B 153 36.07 2.95 28.66
C LEU B 153 35.31 3.02 29.98
N VAL B 154 34.19 2.30 30.04
CA VAL B 154 33.41 2.16 31.25
C VAL B 154 33.84 0.84 31.88
N LYS B 155 34.65 0.91 32.93
CA LYS B 155 35.26 -0.26 33.54
C LYS B 155 34.77 -0.46 34.96
N ASP B 156 34.68 -1.74 35.36
CA ASP B 156 34.42 -2.14 36.72
C ASP B 156 33.07 -1.62 37.22
N TYR B 157 31.99 -2.29 36.85
CA TYR B 157 30.66 -1.97 37.36
C TYR B 157 29.84 -3.25 37.50
N PHE B 158 28.77 -3.14 38.28
CA PHE B 158 27.89 -4.25 38.59
C PHE B 158 26.60 -3.73 39.22
N PRO B 159 25.43 -4.21 38.78
CA PRO B 159 25.36 -5.16 37.68
C PRO B 159 25.24 -4.43 36.36
N GLU B 160 25.18 -5.20 35.28
CA GLU B 160 24.64 -4.69 34.05
C GLU B 160 23.23 -4.17 34.33
N PRO B 161 22.71 -3.25 33.52
CA PRO B 161 23.24 -2.67 32.30
C PRO B 161 23.69 -1.25 32.47
N VAL B 162 24.56 -0.83 31.57
CA VAL B 162 24.92 0.58 31.50
C VAL B 162 24.49 1.11 30.14
N THR B 163 24.11 2.37 30.11
CA THR B 163 23.62 3.02 28.91
C THR B 163 24.47 4.26 28.62
N VAL B 164 25.19 4.24 27.51
CA VAL B 164 26.04 5.36 27.14
C VAL B 164 25.49 6.01 25.88
N SER B 165 25.76 7.30 25.74
CA SER B 165 25.42 8.07 24.55
C SER B 165 26.60 9.00 24.25
N TRP B 166 26.45 9.82 23.22
CA TRP B 166 27.51 10.77 22.87
C TRP B 166 26.89 12.11 22.54
N ASN B 167 27.37 13.16 23.19
CA ASN B 167 26.82 14.51 23.01
C ASN B 167 25.32 14.53 23.22
N SER B 168 24.84 13.71 24.17
CA SER B 168 23.44 13.67 24.56
C SER B 168 22.53 13.32 23.38
N GLY B 169 22.88 12.24 22.68
CA GLY B 169 22.10 11.78 21.55
C GLY B 169 22.32 12.53 20.26
N ALA B 170 23.10 13.61 20.28
CA ALA B 170 23.33 14.35 19.05
C ALA B 170 24.28 13.61 18.12
N LEU B 171 25.34 13.03 18.66
CA LEU B 171 26.24 12.19 17.89
C LEU B 171 25.79 10.75 18.03
N THR B 172 25.39 10.14 16.91
CA THR B 172 24.97 8.74 16.92
C THR B 172 25.48 7.93 15.75
N SER B 173 25.75 8.53 14.60
CA SER B 173 26.28 7.77 13.49
C SER B 173 27.68 7.26 13.82
N GLY B 174 27.95 6.02 13.42
CA GLY B 174 29.30 5.50 13.55
C GLY B 174 29.75 5.28 14.97
N VAL B 175 28.84 5.45 15.94
CA VAL B 175 29.08 5.00 17.30
C VAL B 175 28.97 3.48 17.34
N HIS B 176 29.89 2.84 18.07
CA HIS B 176 29.87 1.42 18.35
C HIS B 176 30.06 1.24 19.85
N THR B 177 29.01 0.86 20.57
CA THR B 177 29.12 0.47 21.97
C THR B 177 29.16 -1.05 22.05
N PHE B 178 30.06 -1.58 22.85
CA PHE B 178 30.34 -3.00 22.80
C PHE B 178 29.62 -3.75 23.90
N PRO B 179 29.36 -5.05 23.70
CA PRO B 179 28.90 -5.89 24.79
C PRO B 179 29.82 -5.79 25.99
N ALA B 180 29.23 -5.65 27.18
CA ALA B 180 30.02 -5.71 28.40
C ALA B 180 30.62 -7.11 28.58
N VAL B 181 31.87 -7.15 28.98
CA VAL B 181 32.54 -8.40 29.33
C VAL B 181 32.53 -8.52 30.84
N LEU B 182 32.28 -9.73 31.32
CA LEU B 182 32.34 -10.02 32.75
C LEU B 182 33.77 -10.36 33.11
N GLN B 183 34.42 -9.48 33.86
CA GLN B 183 35.78 -9.75 34.28
C GLN B 183 35.76 -10.72 35.47
N SER B 184 36.88 -11.44 35.64
CA SER B 184 37.01 -12.33 36.80
C SER B 184 37.03 -11.56 38.11
N SER B 185 37.05 -10.23 38.05
CA SER B 185 36.75 -9.39 39.19
C SER B 185 35.31 -9.57 39.67
N GLY B 186 34.50 -10.31 38.92
CA GLY B 186 33.07 -10.21 39.05
C GLY B 186 32.47 -8.92 38.53
N LEU B 187 33.29 -8.01 38.02
CA LEU B 187 32.85 -6.69 37.58
C LEU B 187 32.80 -6.63 36.06
N TYR B 188 31.75 -5.99 35.54
CA TYR B 188 31.59 -5.83 34.10
C TYR B 188 32.39 -4.63 33.60
N SER B 189 32.71 -4.64 32.31
CA SER B 189 33.41 -3.51 31.69
C SER B 189 33.21 -3.57 30.18
N LEU B 190 32.88 -2.42 29.57
CA LEU B 190 32.66 -2.33 28.13
C LEU B 190 33.29 -1.05 27.59
N SER B 191 33.27 -0.91 26.26
CA SER B 191 33.96 0.18 25.57
C SER B 191 33.09 0.70 24.44
N SER B 192 32.72 1.97 24.49
CA SER B 192 32.00 2.64 23.40
C SER B 192 32.95 3.56 22.64
N VAL B 193 33.04 3.37 21.31
CA VAL B 193 33.97 4.11 20.45
C VAL B 193 33.21 4.71 19.27
N VAL B 194 33.71 5.85 18.77
CA VAL B 194 33.04 6.56 17.68
C VAL B 194 34.08 7.07 16.69
N THR B 195 33.81 6.89 15.40
CA THR B 195 34.63 7.52 14.38
C THR B 195 34.08 8.88 14.01
N VAL B 196 34.95 9.71 13.46
CA VAL B 196 34.85 11.16 13.50
C VAL B 196 35.87 11.71 12.51
N PRO B 197 35.54 12.74 11.73
CA PRO B 197 36.55 13.31 10.81
C PRO B 197 37.70 13.87 11.63
N SER B 198 38.91 13.39 11.36
CA SER B 198 40.05 13.82 12.17
C SER B 198 40.23 15.32 12.11
N SER B 199 39.78 15.97 11.03
CA SER B 199 39.75 17.41 10.88
C SER B 199 38.87 18.11 11.91
N SER B 200 38.35 17.36 12.89
CA SER B 200 37.53 17.94 13.94
C SER B 200 38.12 17.76 15.32
N LEU B 201 39.16 16.96 15.47
CA LEU B 201 39.82 16.83 16.76
C LEU B 201 40.36 18.19 17.20
N GLY B 202 39.93 18.64 18.37
CA GLY B 202 40.27 19.96 18.83
C GLY B 202 39.25 21.02 18.50
N THR B 203 38.32 20.75 17.60
CA THR B 203 37.29 21.72 17.25
C THR B 203 35.90 21.31 17.69
N GLN B 204 35.61 20.01 17.73
CA GLN B 204 34.32 19.48 18.17
C GLN B 204 34.52 18.85 19.52
N THR B 205 33.81 19.34 20.54
CA THR B 205 33.89 18.70 21.84
C THR B 205 33.08 17.40 21.80
N TYR B 206 33.61 16.37 22.46
CA TYR B 206 32.99 15.05 22.52
C TYR B 206 32.90 14.64 23.98
N ILE B 207 31.69 14.62 24.51
CA ILE B 207 31.44 14.02 25.82
C ILE B 207 30.76 12.68 25.60
N CYS B 208 31.08 11.72 26.46
CA CYS B 208 30.37 10.46 26.52
C CYS B 208 29.61 10.39 27.84
N ASN B 209 28.30 10.16 27.75
CA ASN B 209 27.39 10.22 28.91
C ASN B 209 27.08 8.80 29.35
N VAL B 210 27.71 8.36 30.43
CA VAL B 210 27.53 7.00 30.92
C VAL B 210 26.47 7.02 32.02
N ASN B 211 25.60 6.01 32.01
CA ASN B 211 24.48 5.97 32.95
C ASN B 211 24.30 4.56 33.48
N HIS B 212 24.50 4.41 34.77
CA HIS B 212 24.33 3.14 35.47
C HIS B 212 23.23 3.39 36.48
N LYS B 213 22.01 2.97 36.16
CA LYS B 213 20.85 3.16 37.03
C LYS B 213 20.87 2.21 38.25
N PRO B 214 21.35 0.96 38.11
CA PRO B 214 21.51 0.12 39.31
C PRO B 214 22.18 0.81 40.48
N SER B 215 23.31 1.46 40.25
CA SER B 215 23.95 2.34 41.20
C SER B 215 23.82 3.75 40.63
N ASN B 216 22.73 4.44 40.97
CA ASN B 216 22.30 5.63 40.27
C ASN B 216 23.44 6.62 40.07
N THR B 217 24.17 6.45 38.95
CA THR B 217 25.39 7.19 38.62
C THR B 217 25.25 7.74 37.20
N LYS B 218 25.07 9.05 37.08
CA LYS B 218 25.15 9.74 35.80
C LYS B 218 26.52 10.41 35.75
N VAL B 219 27.29 10.09 34.72
CA VAL B 219 28.65 10.60 34.58
C VAL B 219 28.89 10.99 33.13
N ASP B 220 29.26 12.24 32.89
CA ASP B 220 29.57 12.76 31.56
C ASP B 220 31.06 13.08 31.52
N LYS B 221 31.79 12.49 30.58
CA LYS B 221 33.25 12.59 30.53
C LYS B 221 33.72 13.04 29.16
N ARG B 222 34.36 14.21 29.10
CA ARG B 222 34.81 14.80 27.84
C ARG B 222 36.07 14.11 27.32
N VAL B 223 36.10 13.85 26.00
CA VAL B 223 37.23 13.20 25.34
C VAL B 223 37.98 14.19 24.44
N GLU B 224 39.02 14.85 25.01
CA GLU B 224 39.90 15.66 24.20
C GLU B 224 41.14 14.85 23.82
N PRO B 225 41.82 15.18 22.72
CA PRO B 225 42.93 14.35 22.25
C PRO B 225 44.16 14.53 23.11
N LYS B 226 45.11 13.60 22.94
CA LYS B 226 46.36 13.65 23.68
C LYS B 226 47.42 12.77 23.03
N LEU C 12 17.17 39.62 -2.50
CA LEU C 12 16.44 38.44 -2.96
C LEU C 12 15.90 38.64 -4.39
N ASN C 13 15.85 39.90 -4.86
CA ASN C 13 15.53 40.16 -6.26
C ASN C 13 16.52 39.50 -7.20
N ARG C 14 17.76 39.30 -6.74
CA ARG C 14 18.83 38.74 -7.54
C ARG C 14 18.85 37.22 -7.54
N THR C 15 17.82 36.58 -7.02
CA THR C 15 17.74 35.12 -7.06
C THR C 15 17.03 34.68 -8.33
N ALA C 16 17.36 33.47 -8.80
CA ALA C 16 16.84 32.97 -10.08
C ALA C 16 15.84 31.85 -9.81
N LEU C 17 14.56 32.20 -9.72
CA LEU C 17 13.52 31.24 -9.39
C LEU C 17 12.80 30.81 -10.66
N ASN C 18 13.39 29.85 -11.36
CA ASN C 18 12.82 29.24 -12.55
C ASN C 18 12.73 27.75 -12.27
N CYS C 19 11.60 27.36 -11.69
CA CYS C 19 11.38 25.99 -11.27
C CYS C 19 10.18 25.44 -12.02
N ASN C 20 10.24 24.15 -12.33
CA ASN C 20 9.26 23.53 -13.21
C ASN C 20 9.23 22.06 -12.80
N ASP C 21 8.40 21.76 -11.80
CA ASP C 21 8.19 20.40 -11.31
C ASP C 21 7.35 19.59 -12.32
N SER C 22 7.83 19.46 -13.57
CA SER C 22 7.00 18.90 -14.61
C SER C 22 6.70 17.42 -14.41
N LEU C 23 7.38 16.74 -13.49
CA LEU C 23 7.10 15.34 -13.23
C LEU C 23 6.21 15.10 -12.03
N ASN C 24 5.73 16.16 -11.39
CA ASN C 24 4.98 16.06 -10.15
C ASN C 24 5.71 15.14 -9.17
N THR C 25 6.99 15.46 -8.96
CA THR C 25 7.87 14.73 -8.06
C THR C 25 7.83 15.22 -6.63
N GLY C 26 7.62 16.52 -6.43
CA GLY C 26 7.57 17.10 -5.11
C GLY C 26 8.81 17.85 -4.69
N TRP C 27 9.87 17.84 -5.52
CA TRP C 27 11.12 18.47 -5.12
C TRP C 27 10.97 19.97 -4.91
N LEU C 28 10.30 20.65 -5.84
CA LEU C 28 10.07 22.09 -5.69
C LEU C 28 9.30 22.41 -4.41
N ALA C 29 8.43 21.51 -3.98
CA ALA C 29 7.79 21.74 -2.69
C ALA C 29 8.84 21.81 -1.59
N GLY C 30 9.79 20.87 -1.61
CA GLY C 30 10.79 20.79 -0.55
C GLY C 30 11.64 22.05 -0.46
N LEU C 31 11.75 22.79 -1.56
CA LEU C 31 12.38 24.10 -1.53
C LEU C 31 11.70 25.03 -0.52
N PHE C 32 10.41 24.82 -0.26
CA PHE C 32 9.64 25.61 0.68
C PHE C 32 9.31 24.88 1.98
N TYR C 33 9.55 23.57 2.03
CA TYR C 33 9.15 22.78 3.19
C TYR C 33 10.28 21.81 3.52
N HIS C 34 10.75 21.87 4.75
CA HIS C 34 12.04 21.33 5.11
C HIS C 34 11.87 20.06 5.93
N HIS C 35 12.83 19.15 5.75
CA HIS C 35 12.86 17.87 6.45
C HIS C 35 11.63 17.04 6.11
N LYS C 36 11.17 17.13 4.85
CA LYS C 36 10.08 16.30 4.36
C LYS C 36 10.55 15.34 3.28
N PHE C 37 11.85 15.24 3.05
CA PHE C 37 12.35 14.39 1.99
C PHE C 37 12.20 12.93 2.39
N ASP C 38 11.62 12.13 1.50
CA ASP C 38 11.48 10.69 1.72
C ASP C 38 12.80 10.06 1.30
N SER C 39 13.64 9.76 2.30
CA SER C 39 15.01 9.30 2.07
C SER C 39 15.09 7.81 1.73
N SER C 40 14.14 7.31 0.94
CA SER C 40 14.19 5.96 0.42
C SER C 40 14.70 6.02 -1.01
N GLY C 41 15.49 5.02 -1.40
CA GLY C 41 16.25 5.07 -2.62
C GLY C 41 17.58 5.76 -2.46
N CYS C 42 17.70 6.70 -1.52
CA CYS C 42 19.01 7.27 -1.21
C CYS C 42 19.96 6.23 -0.64
N PRO C 43 19.55 5.31 0.25
CA PRO C 43 20.40 4.12 0.48
C PRO C 43 20.71 3.38 -0.80
N GLU C 44 19.72 3.23 -1.69
CA GLU C 44 19.93 2.60 -2.98
C GLU C 44 20.88 3.42 -3.85
N ARG C 45 20.49 4.66 -4.19
CA ARG C 45 21.35 5.51 -5.02
C ARG C 45 22.21 6.43 -4.18
N PRO C 80 35.18 13.70 -10.74
CA PRO C 80 35.60 15.08 -11.04
C PRO C 80 34.45 15.95 -11.55
N PRO C 81 34.18 17.07 -10.90
CA PRO C 81 33.12 17.97 -11.37
C PRO C 81 33.53 18.77 -12.60
N ARG C 82 32.50 19.31 -13.26
CA ARG C 82 32.69 20.15 -14.43
C ARG C 82 33.35 21.46 -14.01
N PRO C 83 34.03 22.12 -14.95
CA PRO C 83 34.61 23.43 -14.66
C PRO C 83 33.53 24.50 -14.54
N CYS C 84 33.80 25.49 -13.67
CA CYS C 84 32.83 26.55 -13.38
C CYS C 84 32.76 27.55 -14.53
N GLY C 85 31.60 27.65 -15.16
CA GLY C 85 31.44 28.54 -16.30
C GLY C 85 30.41 29.64 -16.11
N ILE C 86 29.86 30.16 -17.22
CA ILE C 86 28.75 31.11 -17.15
C ILE C 86 27.44 30.32 -17.19
N VAL C 87 26.59 30.56 -16.19
CA VAL C 87 25.34 29.82 -16.02
C VAL C 87 24.18 30.76 -16.32
N PRO C 88 23.42 30.52 -17.39
CA PRO C 88 22.19 31.28 -17.62
C PRO C 88 21.19 31.06 -16.50
N ALA C 89 20.73 32.16 -15.89
CA ALA C 89 19.78 32.06 -14.78
C ALA C 89 18.47 31.44 -15.21
N LYS C 90 18.13 31.52 -16.50
CA LYS C 90 17.06 30.74 -17.09
C LYS C 90 17.00 29.33 -16.52
N THR C 91 18.15 28.68 -16.38
CA THR C 91 18.22 27.27 -16.05
C THR C 91 18.22 27.00 -14.54
N VAL C 92 18.17 28.05 -13.72
CA VAL C 92 18.45 27.93 -12.30
C VAL C 92 17.16 28.12 -11.50
N CYS C 93 17.03 27.34 -10.44
CA CYS C 93 15.97 27.48 -9.45
C CYS C 93 16.64 27.49 -8.08
N GLY C 94 16.39 28.53 -7.29
CA GLY C 94 16.94 28.63 -5.95
C GLY C 94 18.22 29.42 -5.85
N PRO C 95 18.72 29.64 -4.63
CA PRO C 95 20.02 30.29 -4.48
C PRO C 95 21.12 29.47 -5.12
N VAL C 96 22.18 30.16 -5.54
CA VAL C 96 23.40 29.52 -6.02
C VAL C 96 24.44 29.71 -4.94
N TYR C 97 24.92 28.61 -4.38
CA TYR C 97 25.97 28.66 -3.37
C TYR C 97 27.31 28.34 -4.01
N CYS C 98 28.32 29.11 -3.65
CA CYS C 98 29.69 28.74 -3.89
C CYS C 98 30.39 28.65 -2.55
N PHE C 99 31.43 27.83 -2.49
CA PHE C 99 32.09 27.53 -1.24
C PHE C 99 33.53 28.05 -1.25
N THR C 100 33.88 28.80 -0.21
CA THR C 100 35.13 29.53 -0.18
C THR C 100 36.18 29.08 0.83
N PRO C 101 36.00 27.97 1.59
CA PRO C 101 35.07 26.85 1.68
C PRO C 101 33.75 27.20 2.36
N SER C 102 33.74 28.25 3.18
CA SER C 102 32.50 28.64 3.83
C SER C 102 31.51 29.09 2.76
N PRO C 103 30.25 28.75 2.91
CA PRO C 103 29.29 29.00 1.83
C PRO C 103 29.01 30.48 1.63
N VAL C 104 28.92 30.85 0.36
CA VAL C 104 28.47 32.18 -0.05
C VAL C 104 27.47 31.99 -1.16
N VAL C 105 26.46 32.85 -1.22
CA VAL C 105 25.47 32.79 -2.29
C VAL C 105 25.79 33.87 -3.30
N VAL C 106 25.76 33.51 -4.57
CA VAL C 106 26.19 34.36 -5.68
C VAL C 106 24.96 34.82 -6.44
N GLY C 107 24.67 36.11 -6.37
CA GLY C 107 23.51 36.65 -7.04
C GLY C 107 23.66 36.69 -8.55
N THR C 108 22.52 36.95 -9.20
CA THR C 108 22.49 37.04 -10.65
C THR C 108 23.33 38.22 -11.11
N THR C 109 23.77 38.15 -12.36
CA THR C 109 24.57 39.21 -12.94
C THR C 109 24.39 39.20 -14.45
N ASP C 110 25.02 40.19 -15.10
CA ASP C 110 24.71 40.54 -16.49
C ASP C 110 25.78 40.10 -17.48
N ARG C 111 26.66 39.17 -17.07
CA ARG C 111 27.85 38.69 -17.78
C ARG C 111 29.05 39.60 -17.52
N ALA C 112 28.81 40.88 -17.32
CA ALA C 112 29.87 41.84 -17.04
C ALA C 112 30.08 42.10 -15.56
N GLY C 113 29.22 41.54 -14.69
CA GLY C 113 29.34 41.74 -13.26
C GLY C 113 28.29 42.63 -12.65
N ALA C 114 27.33 43.14 -13.42
CA ALA C 114 26.38 44.08 -12.84
C ALA C 114 25.19 43.35 -12.22
N PRO C 115 24.77 43.77 -11.00
CA PRO C 115 23.69 43.08 -10.30
C PRO C 115 22.34 43.22 -10.99
N ALA C 116 21.78 42.10 -11.48
CA ALA C 116 20.48 42.08 -12.14
C ALA C 116 19.40 41.65 -11.15
N TYR C 117 18.38 42.49 -10.99
CA TYR C 117 17.31 42.27 -10.02
C TYR C 117 16.01 41.82 -10.71
N ASN C 118 16.14 41.01 -11.77
CA ASN C 118 15.02 40.60 -12.60
C ASN C 118 14.34 39.32 -12.13
N TRP C 119 14.75 38.77 -10.99
CA TRP C 119 14.37 37.42 -10.59
C TRP C 119 14.81 36.37 -11.61
N GLY C 120 15.84 36.67 -12.40
CA GLY C 120 16.41 35.72 -13.33
C GLY C 120 15.57 35.40 -14.55
N GLU C 121 14.50 36.17 -14.81
CA GLU C 121 13.67 35.91 -15.98
C GLU C 121 14.40 36.26 -17.27
N ASN C 122 15.00 37.45 -17.34
CA ASN C 122 15.57 37.96 -18.59
C ASN C 122 16.69 37.05 -19.07
N ASP C 123 16.81 36.92 -20.40
CA ASP C 123 17.84 36.04 -20.96
C ASP C 123 19.23 36.61 -20.76
N THR C 124 19.35 37.91 -20.47
CA THR C 124 20.66 38.48 -20.15
C THR C 124 21.21 37.91 -18.86
N ASP C 125 20.32 37.60 -17.91
CA ASP C 125 20.72 37.30 -16.54
C ASP C 125 21.51 36.00 -16.44
N VAL C 126 22.74 36.10 -15.93
CA VAL C 126 23.61 34.94 -15.79
C VAL C 126 24.20 34.88 -14.39
N PHE C 127 24.73 33.71 -14.07
CA PHE C 127 25.67 33.54 -12.98
C PHE C 127 27.04 33.30 -13.59
N VAL C 128 28.00 34.10 -13.18
CA VAL C 128 29.36 34.01 -13.69
C VAL C 128 30.18 33.38 -12.57
N LEU C 129 30.40 32.06 -12.69
CA LEU C 129 30.96 31.25 -11.62
C LEU C 129 32.43 30.90 -11.85
N ASN C 130 33.01 31.33 -12.96
CA ASN C 130 34.43 31.18 -13.25
C ASN C 130 35.27 31.40 -12.00
N ASN C 131 36.15 30.43 -11.71
CA ASN C 131 36.83 30.42 -10.43
C ASN C 131 38.20 29.77 -10.55
N THR C 132 39.12 30.22 -9.68
CA THR C 132 40.25 29.45 -9.21
C THR C 132 40.19 29.41 -7.69
N ARG C 133 40.84 28.42 -7.09
CA ARG C 133 40.70 28.20 -5.65
C ARG C 133 41.13 29.42 -4.86
N PRO C 134 40.46 29.73 -3.76
CA PRO C 134 41.04 30.63 -2.77
C PRO C 134 42.32 30.03 -2.23
N PRO C 135 43.20 30.84 -1.64
CA PRO C 135 42.98 32.23 -1.25
C PRO C 135 43.20 33.23 -2.38
N LEU C 136 43.76 32.79 -3.50
CA LEU C 136 44.00 33.75 -4.57
C LEU C 136 42.73 33.96 -5.39
N GLY C 137 42.04 32.88 -5.74
CA GLY C 137 40.78 32.98 -6.44
C GLY C 137 39.63 33.29 -5.51
N ASN C 138 38.46 32.74 -5.84
CA ASN C 138 37.23 33.18 -5.21
C ASN C 138 36.49 32.07 -4.49
N TRP C 139 36.37 30.89 -5.09
CA TRP C 139 35.66 29.79 -4.45
C TRP C 139 36.03 28.48 -5.12
N PHE C 140 35.95 27.39 -4.36
CA PHE C 140 36.41 26.10 -4.88
C PHE C 140 35.42 25.52 -5.88
N GLY C 141 34.15 25.88 -5.77
CA GLY C 141 33.13 25.32 -6.62
C GLY C 141 31.76 25.74 -6.14
N CYS C 142 30.75 25.36 -6.92
CA CYS C 142 29.39 25.80 -6.63
C CYS C 142 28.42 24.65 -6.86
N THR C 143 27.20 24.86 -6.37
CA THR C 143 26.12 23.89 -6.43
C THR C 143 24.83 24.67 -6.55
N TRP C 144 23.95 24.27 -7.47
CA TRP C 144 22.64 24.92 -7.56
C TRP C 144 21.62 23.88 -7.98
N MET C 145 20.41 24.35 -8.30
CA MET C 145 19.32 23.46 -8.70
C MET C 145 18.87 23.78 -10.12
N ASN C 146 18.96 22.79 -10.99
CA ASN C 146 18.28 22.72 -12.27
C ASN C 146 16.81 23.15 -12.19
N SER C 147 16.28 23.73 -13.28
CA SER C 147 14.86 24.09 -13.33
C SER C 147 13.96 22.86 -13.29
N THR C 148 14.30 21.84 -14.06
CA THR C 148 13.63 20.56 -13.99
C THR C 148 14.01 19.76 -12.68
N GLY C 149 14.71 20.36 -11.73
CA GLY C 149 14.90 19.78 -10.40
C GLY C 149 16.08 18.86 -10.14
N PHE C 150 17.24 19.16 -10.75
CA PHE C 150 18.45 18.38 -10.54
C PHE C 150 19.49 19.23 -9.84
N THR C 151 20.20 18.62 -8.89
CA THR C 151 21.39 19.26 -8.33
C THR C 151 22.48 19.27 -9.39
N LYS C 152 22.90 20.47 -9.77
CA LYS C 152 24.08 20.64 -10.60
C LYS C 152 25.18 21.28 -9.76
N ALA C 153 26.43 20.95 -10.11
CA ALA C 153 27.59 21.41 -9.34
C ALA C 153 28.72 21.73 -10.30
N CYS C 154 29.81 22.21 -9.72
CA CYS C 154 30.77 23.06 -10.42
C CYS C 154 32.03 23.07 -9.59
N GLY C 155 33.17 23.23 -10.27
CA GLY C 155 34.42 23.16 -9.53
C GLY C 155 35.63 23.75 -10.23
N ALA C 156 36.66 23.98 -9.41
CA ALA C 156 37.98 24.36 -9.89
C ALA C 156 38.67 23.17 -10.54
N PRO C 157 39.54 23.40 -11.53
CA PRO C 157 40.12 22.30 -12.31
C PRO C 157 40.89 21.35 -11.41
N PRO C 158 40.58 20.07 -11.41
CA PRO C 158 41.03 19.18 -10.34
C PRO C 158 42.51 18.82 -10.48
N CYS C 159 42.95 17.93 -9.59
CA CYS C 159 44.33 17.45 -9.55
C CYS C 159 44.37 16.03 -10.12
N ALA C 160 45.08 15.85 -11.24
CA ALA C 160 45.11 14.57 -11.96
C ALA C 160 45.97 13.56 -11.21
N ILE C 161 45.32 12.62 -10.51
CA ILE C 161 46.02 11.57 -9.77
C ILE C 161 46.29 10.39 -10.70
N ALA C 182 47.41 16.61 -1.87
CA ALA C 182 46.18 15.94 -2.27
C ALA C 182 45.04 16.22 -1.29
N THR C 183 44.94 17.48 -0.87
CA THR C 183 43.98 17.90 0.13
C THR C 183 43.03 18.93 -0.47
N TYR C 184 41.99 19.26 0.29
CA TYR C 184 40.95 20.15 -0.22
C TYR C 184 41.49 21.54 -0.51
N SER C 185 42.53 21.98 0.19
CA SER C 185 43.05 23.31 -0.10
C SER C 185 43.78 23.34 -1.44
N ARG C 186 44.36 22.21 -1.87
CA ARG C 186 45.01 22.13 -3.16
C ARG C 186 44.12 21.51 -4.23
N CYS C 187 43.13 20.70 -3.84
CA CYS C 187 42.37 19.89 -4.78
C CYS C 187 40.85 19.93 -4.60
N GLY C 188 40.33 20.60 -3.58
CA GLY C 188 38.89 20.68 -3.43
C GLY C 188 38.24 21.48 -4.54
N SER C 189 37.02 21.08 -4.91
CA SER C 189 36.30 21.68 -6.03
C SER C 189 34.80 21.70 -5.74
N GLY C 190 34.43 22.38 -4.66
CA GLY C 190 33.05 22.52 -4.32
C GLY C 190 32.82 22.33 -2.84
N PRO C 191 31.64 21.82 -2.48
CA PRO C 191 31.31 21.65 -1.06
C PRO C 191 31.87 20.41 -0.42
N TRP C 192 32.39 19.46 -1.20
CA TRP C 192 32.81 18.17 -0.63
C TRP C 192 34.17 18.31 0.05
N ILE C 193 34.12 18.69 1.35
CA ILE C 193 35.32 18.99 2.13
C ILE C 193 36.28 17.80 2.12
N THR C 194 35.79 16.63 2.52
CA THR C 194 36.50 15.36 2.40
C THR C 194 35.69 14.52 1.42
N PRO C 195 36.06 13.27 1.12
CA PRO C 195 35.12 12.41 0.38
C PRO C 195 33.95 11.94 1.21
N ARG C 196 33.91 12.25 2.50
CA ARG C 196 32.80 11.87 3.35
C ARG C 196 32.13 13.06 4.03
N CYS C 197 32.49 14.29 3.66
CA CYS C 197 31.99 15.46 4.35
C CYS C 197 31.74 16.60 3.38
N LEU C 198 30.68 17.36 3.64
CA LEU C 198 30.43 18.53 2.83
C LEU C 198 30.03 19.70 3.70
N VAL C 199 30.37 20.90 3.22
CA VAL C 199 30.12 22.14 3.94
C VAL C 199 28.65 22.25 4.26
N ASP C 200 28.30 22.29 5.54
CA ASP C 200 26.90 22.46 5.89
C ASP C 200 26.45 23.85 5.47
N TYR C 201 25.30 23.93 4.82
CA TYR C 201 24.77 25.20 4.34
C TYR C 201 23.26 25.10 4.19
N PRO C 202 22.54 26.23 4.26
CA PRO C 202 21.07 26.20 4.38
C PRO C 202 20.35 25.27 3.44
N TYR C 203 20.90 25.00 2.25
CA TYR C 203 20.22 24.18 1.26
C TYR C 203 20.99 22.91 0.96
N ARG C 204 21.90 22.51 1.87
CA ARG C 204 22.46 21.17 1.78
C ARG C 204 21.35 20.14 1.65
N LEU C 205 20.34 20.25 2.52
CA LEU C 205 19.27 19.26 2.55
C LEU C 205 18.45 19.24 1.27
N TRP C 206 18.34 20.37 0.60
CA TRP C 206 17.58 20.43 -0.65
C TRP C 206 18.43 20.03 -1.85
N HIS C 207 19.67 20.55 -1.93
CA HIS C 207 20.56 20.20 -3.04
C HIS C 207 21.00 18.74 -2.96
N TYR C 208 21.43 18.30 -1.78
CA TYR C 208 22.05 16.99 -1.58
C TYR C 208 21.19 16.20 -0.60
N PRO C 209 19.99 15.78 -1.03
CA PRO C 209 18.98 15.35 -0.04
C PRO C 209 19.32 14.06 0.66
N CYS C 210 20.13 13.20 0.04
CA CYS C 210 20.51 11.93 0.67
C CYS C 210 21.35 12.15 1.91
N THR C 211 22.04 13.28 1.99
CA THR C 211 22.89 13.57 3.14
C THR C 211 22.07 13.98 4.35
N ILE C 212 20.78 13.63 4.35
CA ILE C 212 19.88 14.04 5.42
C ILE C 212 20.38 13.54 6.77
N ASN C 213 20.80 12.27 6.81
CA ASN C 213 21.24 11.69 8.06
C ASN C 213 22.71 11.97 8.37
N TYR C 214 23.37 12.83 7.60
CA TYR C 214 24.76 13.15 7.90
C TYR C 214 24.83 13.90 9.22
N THR C 215 25.75 13.50 10.09
CA THR C 215 26.07 14.25 11.30
C THR C 215 26.91 15.47 10.94
N VAL C 216 26.68 16.59 11.64
CA VAL C 216 27.35 17.86 11.37
C VAL C 216 28.40 18.13 12.45
N PHE C 217 29.66 18.19 12.05
CA PHE C 217 30.75 18.43 12.98
C PHE C 217 31.30 19.84 12.81
N LYS C 218 31.95 20.34 13.87
CA LYS C 218 32.80 21.52 13.78
C LYS C 218 34.19 21.08 13.36
N ILE C 219 34.71 21.65 12.28
CA ILE C 219 36.05 21.32 11.83
C ILE C 219 36.84 22.61 11.63
N ARG C 220 38.15 22.46 11.60
CA ARG C 220 39.03 23.54 11.20
C ARG C 220 39.88 23.04 10.04
N MET C 221 40.08 23.92 9.07
CA MET C 221 40.82 23.61 7.85
C MET C 221 41.75 24.76 7.50
N TYR C 222 42.94 24.41 7.03
CA TYR C 222 43.97 25.41 6.71
C TYR C 222 43.86 25.74 5.23
N VAL C 223 43.29 26.90 4.94
CA VAL C 223 43.17 27.40 3.57
C VAL C 223 44.12 28.60 3.45
N GLY C 224 45.33 28.33 2.97
CA GLY C 224 46.35 29.32 2.79
C GLY C 224 46.64 30.07 4.08
N GLY C 225 47.23 29.38 5.05
CA GLY C 225 47.66 30.03 6.28
C GLY C 225 46.54 30.38 7.24
N VAL C 226 45.58 31.21 6.80
CA VAL C 226 44.42 31.52 7.62
C VAL C 226 43.57 30.26 7.80
N GLU C 227 43.45 29.80 9.04
CA GLU C 227 42.68 28.59 9.33
C GLU C 227 41.22 28.96 9.54
N HIS C 228 40.35 28.39 8.71
CA HIS C 228 38.94 28.67 8.80
C HIS C 228 38.27 27.71 9.76
N ARG C 229 37.23 28.20 10.42
CA ARG C 229 36.30 27.37 11.18
C ARG C 229 35.07 27.10 10.34
N LEU C 230 34.55 25.88 10.41
CA LEU C 230 33.49 25.42 9.53
C LEU C 230 32.63 24.41 10.27
N GLU C 231 31.35 24.35 9.87
CA GLU C 231 30.48 23.22 10.19
C GLU C 231 30.44 22.33 8.96
N ALA C 232 30.76 21.05 9.13
CA ALA C 232 30.66 20.09 8.03
C ALA C 232 29.71 18.96 8.40
N ALA C 233 28.78 18.66 7.49
CA ALA C 233 28.00 17.43 7.58
C ALA C 233 28.83 16.27 7.06
N CYS C 234 28.90 15.20 7.83
CA CYS C 234 29.78 14.07 7.52
C CYS C 234 29.03 12.75 7.57
N ASN C 235 29.44 11.84 6.71
CA ASN C 235 28.87 10.50 6.66
C ASN C 235 29.43 9.65 7.78
N ASP D 1 14.22 -37.12 27.66
CA ASP D 1 13.34 -35.98 27.44
C ASP D 1 12.76 -35.97 26.03
N ILE D 2 12.44 -34.77 25.51
CA ILE D 2 11.90 -34.60 24.15
C ILE D 2 12.64 -33.51 23.37
N GLN D 3 13.67 -33.90 22.64
CA GLN D 3 14.74 -32.98 22.27
C GLN D 3 14.57 -32.40 20.86
N MET D 4 14.45 -31.09 20.79
CA MET D 4 14.49 -30.35 19.54
C MET D 4 15.91 -29.94 19.24
N THR D 5 16.38 -30.24 18.03
CA THR D 5 17.71 -29.86 17.59
C THR D 5 17.58 -29.19 16.23
N GLN D 6 18.05 -27.94 16.12
CA GLN D 6 17.94 -27.22 14.87
C GLN D 6 19.22 -27.32 14.06
N SER D 7 19.09 -27.08 12.76
CA SER D 7 20.24 -26.87 11.92
C SER D 7 19.83 -25.91 10.82
N PRO D 8 20.76 -25.08 10.32
CA PRO D 8 22.14 -25.01 10.81
C PRO D 8 22.20 -24.33 12.16
N SER D 9 23.39 -24.21 12.75
CA SER D 9 23.47 -23.41 13.96
C SER D 9 23.34 -21.91 13.64
N SER D 10 23.94 -21.47 12.54
CA SER D 10 23.86 -20.08 12.12
C SER D 10 23.96 -20.05 10.61
N LEU D 11 23.80 -18.86 10.04
CA LEU D 11 23.73 -18.78 8.59
C LEU D 11 23.89 -17.33 8.14
N SER D 12 24.48 -17.16 6.96
CA SER D 12 24.70 -15.86 6.35
C SER D 12 24.19 -15.89 4.91
N ALA D 13 23.21 -15.04 4.61
CA ALA D 13 22.59 -15.06 3.28
C ALA D 13 22.44 -13.65 2.73
N SER D 14 22.46 -13.56 1.40
CA SER D 14 22.32 -12.30 0.72
C SER D 14 20.85 -11.96 0.57
N VAL D 15 20.54 -10.65 0.65
CA VAL D 15 19.16 -10.18 0.61
C VAL D 15 18.46 -10.74 -0.62
N GLY D 16 17.37 -11.48 -0.42
CA GLY D 16 16.66 -12.12 -1.48
C GLY D 16 16.96 -13.59 -1.66
N ASP D 17 17.79 -14.18 -0.79
CA ASP D 17 18.13 -15.59 -0.88
C ASP D 17 16.94 -16.45 -0.45
N ARG D 18 17.19 -17.74 -0.22
CA ARG D 18 16.18 -18.69 0.26
C ARG D 18 16.78 -19.43 1.44
N VAL D 19 16.30 -19.15 2.64
CA VAL D 19 16.89 -19.72 3.84
C VAL D 19 16.02 -20.86 4.33
N THR D 20 16.65 -21.91 4.85
CA THR D 20 15.98 -23.17 5.15
C THR D 20 16.50 -23.68 6.49
N ILE D 21 15.69 -23.52 7.53
CA ILE D 21 16.02 -23.98 8.88
C ILE D 21 15.27 -25.28 9.15
N THR D 22 15.95 -26.22 9.79
CA THR D 22 15.44 -27.57 10.02
C THR D 22 15.33 -27.80 11.53
N CYS D 23 14.12 -28.14 11.99
CA CYS D 23 13.94 -28.67 13.33
C CYS D 23 13.63 -30.14 13.26
N ARG D 24 14.40 -30.94 13.99
CA ARG D 24 14.11 -32.36 14.11
C ARG D 24 13.67 -32.64 15.54
N ALA D 25 12.68 -33.51 15.67
CA ALA D 25 12.06 -33.83 16.93
C ALA D 25 12.58 -35.18 17.42
N GLY D 26 12.83 -35.27 18.72
CA GLY D 26 13.25 -36.53 19.28
C GLY D 26 12.23 -37.64 19.11
N GLN D 27 10.95 -37.28 19.13
CA GLN D 27 9.84 -38.22 19.10
C GLN D 27 8.81 -37.76 18.08
N ASN D 28 7.92 -38.65 17.65
CA ASN D 28 6.85 -38.21 16.76
C ASN D 28 5.98 -37.22 17.51
N ILE D 29 6.09 -35.97 17.11
CA ILE D 29 5.55 -34.82 17.82
C ILE D 29 4.23 -34.46 17.15
N ASN D 30 3.73 -35.37 16.34
CA ASN D 30 2.50 -35.15 15.58
C ASN D 30 2.70 -33.82 14.86
N ASN D 31 1.76 -32.88 14.96
CA ASN D 31 1.78 -31.62 14.21
C ASN D 31 2.16 -30.42 15.07
N TYR D 32 2.38 -30.62 16.36
CA TYR D 32 2.46 -29.54 17.34
C TYR D 32 3.85 -28.92 17.34
N LEU D 33 4.06 -27.91 16.51
CA LEU D 33 5.34 -27.23 16.48
C LEU D 33 5.12 -25.74 16.22
N ASN D 34 5.98 -24.92 16.80
CA ASN D 34 5.89 -23.47 16.64
C ASN D 34 7.25 -22.89 16.24
N TRP D 35 7.20 -21.72 15.63
CA TRP D 35 8.40 -20.99 15.22
C TRP D 35 8.36 -19.59 15.78
N TYR D 36 9.43 -19.18 16.45
CA TYR D 36 9.56 -17.85 16.98
C TYR D 36 10.73 -17.14 16.33
N GLN D 37 10.54 -15.86 16.04
CA GLN D 37 11.61 -14.98 15.60
C GLN D 37 11.91 -14.03 16.73
N GLN D 38 13.18 -13.89 17.07
CA GLN D 38 13.65 -12.93 18.05
C GLN D 38 14.79 -12.14 17.45
N LYS D 39 14.74 -10.83 17.59
CA LYS D 39 15.88 -10.00 17.21
C LYS D 39 16.37 -9.30 18.47
N PRO D 40 17.55 -8.66 18.48
CA PRO D 40 18.30 -8.51 19.74
C PRO D 40 17.79 -7.36 20.59
N GLY D 41 17.70 -7.61 21.89
CA GLY D 41 17.07 -6.68 22.79
C GLY D 41 15.56 -6.68 22.78
N LYS D 42 14.94 -7.68 22.15
CA LYS D 42 13.51 -7.85 22.20
C LYS D 42 13.20 -9.27 22.64
N ALA D 43 11.97 -9.48 23.11
CA ALA D 43 11.49 -10.82 23.35
C ALA D 43 11.13 -11.47 22.03
N PRO D 44 10.97 -12.80 22.02
CA PRO D 44 10.50 -13.47 20.80
C PRO D 44 9.07 -13.10 20.44
N LYS D 45 8.80 -13.12 19.14
CA LYS D 45 7.45 -13.00 18.58
C LYS D 45 7.13 -14.28 17.82
N VAL D 46 5.90 -14.77 17.98
CA VAL D 46 5.50 -15.97 17.23
C VAL D 46 5.41 -15.63 15.75
N LEU D 47 5.56 -16.66 14.92
CA LEU D 47 5.76 -16.43 13.51
C LEU D 47 4.95 -17.46 12.72
N ILE D 48 5.14 -18.73 13.07
CA ILE D 48 4.36 -19.83 12.54
C ILE D 48 3.90 -20.68 13.71
N TYR D 49 2.62 -21.03 13.75
CA TYR D 49 2.09 -21.90 14.78
C TYR D 49 1.52 -23.14 14.11
N ALA D 50 1.55 -24.26 14.83
CA ALA D 50 1.16 -25.58 14.33
C ALA D 50 1.82 -25.88 12.99
N ALA D 51 3.16 -25.80 12.99
CA ALA D 51 4.00 -26.26 11.89
C ALA D 51 3.89 -25.44 10.61
N SER D 52 2.69 -24.93 10.27
CA SER D 52 2.52 -24.32 8.96
C SER D 52 1.61 -23.10 8.89
N ASN D 53 1.11 -22.61 10.01
CA ASN D 53 0.17 -21.50 10.00
C ASN D 53 0.87 -20.21 10.39
N LEU D 54 0.87 -19.24 9.48
CA LEU D 54 1.50 -17.95 9.73
C LEU D 54 0.65 -17.11 10.67
N GLN D 55 1.26 -16.61 11.74
CA GLN D 55 0.59 -15.63 12.59
C GLN D 55 0.11 -14.48 11.73
N SER D 56 -1.09 -13.99 12.02
CA SER D 56 -1.54 -12.75 11.41
C SER D 56 -0.43 -11.71 11.51
N GLY D 57 -0.26 -10.95 10.44
CA GLY D 57 0.80 -9.96 10.38
C GLY D 57 2.03 -10.43 9.62
N VAL D 58 2.44 -11.67 9.84
CA VAL D 58 3.67 -12.21 9.26
C VAL D 58 3.62 -12.19 7.73
N PRO D 59 4.56 -11.54 7.05
CA PRO D 59 4.58 -11.57 5.58
C PRO D 59 4.56 -12.98 5.00
N SER D 60 4.19 -13.06 3.73
CA SER D 60 3.98 -14.34 3.07
C SER D 60 5.28 -15.04 2.71
N ARG D 61 6.42 -14.34 2.76
CA ARG D 61 7.71 -14.97 2.50
C ARG D 61 7.98 -16.17 3.40
N PHE D 62 7.37 -16.22 4.58
CA PHE D 62 7.66 -17.26 5.55
C PHE D 62 6.75 -18.45 5.34
N SER D 63 7.35 -19.64 5.29
CA SER D 63 6.62 -20.87 5.00
C SER D 63 7.05 -21.92 5.99
N GLY D 64 6.08 -22.49 6.70
CA GLY D 64 6.33 -23.63 7.56
C GLY D 64 5.82 -24.88 6.86
N SER D 65 6.49 -25.99 7.14
CA SER D 65 6.06 -27.27 6.57
C SER D 65 6.68 -28.39 7.38
N GLY D 66 6.09 -29.56 7.23
CA GLY D 66 6.61 -30.75 7.88
C GLY D 66 5.70 -31.24 8.99
N SER D 67 5.91 -32.49 9.35
CA SER D 67 5.20 -33.15 10.44
C SER D 67 5.99 -34.39 10.80
N GLY D 68 5.62 -34.99 11.94
CA GLY D 68 6.30 -36.19 12.35
C GLY D 68 7.54 -35.85 13.15
N THR D 69 8.68 -35.69 12.48
CA THR D 69 9.88 -35.18 13.17
C THR D 69 10.66 -34.14 12.38
N ASP D 70 10.56 -34.10 11.06
CA ASP D 70 11.40 -33.22 10.24
C ASP D 70 10.56 -32.03 9.80
N PHE D 71 10.81 -30.87 10.41
CA PHE D 71 10.12 -29.63 10.11
C PHE D 71 11.06 -28.65 9.42
N THR D 72 10.48 -27.65 8.77
CA THR D 72 11.28 -26.74 7.96
C THR D 72 10.62 -25.37 7.92
N LEU D 73 11.29 -24.36 8.48
CA LEU D 73 10.94 -22.97 8.25
C LEU D 73 11.74 -22.49 7.06
N THR D 74 11.06 -21.88 6.07
CA THR D 74 11.75 -21.34 4.91
C THR D 74 11.35 -19.89 4.70
N ILE D 75 12.28 -19.09 4.22
CA ILE D 75 12.03 -17.72 3.79
C ILE D 75 12.35 -17.65 2.29
N SER D 76 11.35 -17.30 1.48
CA SER D 76 11.51 -17.39 0.03
C SER D 76 12.36 -16.25 -0.53
N SER D 77 12.17 -15.04 -0.01
CA SER D 77 12.92 -13.88 -0.50
C SER D 77 13.39 -13.14 0.74
N LEU D 78 14.58 -13.50 1.23
CA LEU D 78 15.09 -12.91 2.47
C LEU D 78 15.19 -11.40 2.32
N GLN D 79 14.30 -10.70 2.99
CA GLN D 79 14.20 -9.27 3.08
C GLN D 79 15.04 -8.78 4.25
N PRO D 80 15.42 -7.49 4.30
CA PRO D 80 16.36 -7.08 5.36
C PRO D 80 15.74 -7.11 6.74
N GLU D 81 14.44 -6.79 6.87
CA GLU D 81 13.77 -6.93 8.16
C GLU D 81 14.05 -8.29 8.82
N ASP D 82 14.36 -9.30 8.01
CA ASP D 82 14.25 -10.71 8.36
C ASP D 82 15.51 -11.29 9.01
N PHE D 83 16.49 -10.46 9.37
CA PHE D 83 17.70 -10.96 10.01
C PHE D 83 17.52 -10.98 11.51
N ALA D 84 17.51 -12.18 12.08
CA ALA D 84 17.23 -12.43 13.49
C ALA D 84 17.55 -13.89 13.77
N THR D 85 17.25 -14.34 14.98
CA THR D 85 17.48 -15.72 15.39
C THR D 85 16.13 -16.43 15.48
N TYR D 86 15.99 -17.54 14.78
CA TYR D 86 14.74 -18.26 14.73
C TYR D 86 14.82 -19.50 15.62
N TYR D 87 13.90 -19.59 16.59
CA TYR D 87 13.74 -20.76 17.43
C TYR D 87 12.50 -21.52 17.00
N CYS D 88 12.55 -22.84 17.13
CA CYS D 88 11.35 -23.65 17.07
C CYS D 88 11.00 -24.14 18.47
N GLN D 89 9.77 -24.60 18.63
CA GLN D 89 9.26 -25.10 19.91
C GLN D 89 8.26 -26.21 19.66
N GLN D 90 8.39 -27.28 20.43
CA GLN D 90 7.53 -28.45 20.37
C GLN D 90 6.32 -28.28 21.26
N SER D 91 5.27 -29.06 20.96
CA SER D 91 4.06 -29.00 21.79
C SER D 91 3.23 -30.30 21.86
N HIS D 92 3.69 -31.44 21.33
CA HIS D 92 3.01 -32.72 21.64
C HIS D 92 3.01 -32.95 23.16
N SER D 93 4.07 -32.52 23.85
CA SER D 93 4.22 -32.70 25.29
C SER D 93 3.84 -31.43 26.04
N THR D 94 3.61 -31.59 27.35
CA THR D 94 3.32 -30.44 28.20
C THR D 94 4.59 -29.83 28.78
N VAL D 95 5.65 -30.63 28.93
CA VAL D 95 6.98 -30.08 29.12
C VAL D 95 7.37 -29.53 27.76
N ARG D 96 7.29 -28.21 27.60
CA ARG D 96 7.72 -27.58 26.36
C ARG D 96 9.24 -27.64 26.24
N THR D 97 9.73 -27.86 25.02
CA THR D 97 11.16 -27.74 24.75
C THR D 97 11.39 -26.87 23.51
N PHE D 98 12.48 -26.10 23.53
CA PHE D 98 12.84 -25.16 22.49
C PHE D 98 13.98 -25.69 21.63
N GLY D 99 13.93 -25.35 20.35
CA GLY D 99 15.10 -25.51 19.51
C GLY D 99 16.20 -24.57 19.97
N GLN D 100 17.39 -24.78 19.41
CA GLN D 100 18.55 -24.00 19.81
C GLN D 100 18.63 -22.67 19.10
N GLY D 101 17.74 -22.40 18.16
CA GLY D 101 17.86 -21.19 17.36
C GLY D 101 18.84 -21.36 16.22
N THR D 102 18.59 -20.64 15.12
CA THR D 102 19.60 -20.46 14.08
C THR D 102 19.62 -18.98 13.77
N LYS D 103 20.77 -18.35 13.93
CA LYS D 103 20.90 -16.92 13.71
C LYS D 103 21.19 -16.69 12.23
N VAL D 104 20.36 -15.89 11.57
CA VAL D 104 20.58 -15.53 10.18
C VAL D 104 21.19 -14.14 10.10
N GLU D 105 22.21 -14.00 9.27
CA GLU D 105 22.98 -12.80 9.12
C GLU D 105 23.14 -12.57 7.62
N ILE D 106 23.69 -11.42 7.25
CA ILE D 106 23.65 -10.97 5.87
C ILE D 106 25.01 -11.21 5.23
N LYS D 107 25.03 -11.99 4.14
CA LYS D 107 26.25 -12.07 3.34
C LYS D 107 26.57 -10.70 2.77
N ARG D 108 27.85 -10.45 2.61
CA ARG D 108 28.30 -9.10 2.37
C ARG D 108 29.69 -9.18 1.76
N THR D 109 30.01 -8.18 0.94
CA THR D 109 31.34 -8.17 0.32
C THR D 109 32.40 -8.00 1.40
N VAL D 110 33.57 -8.61 1.18
CA VAL D 110 34.60 -8.63 2.20
C VAL D 110 35.05 -7.20 2.51
N ALA D 111 35.46 -6.97 3.76
CA ALA D 111 35.77 -5.62 4.22
C ALA D 111 37.01 -5.64 5.07
N ALA D 112 38.00 -4.85 4.69
CA ALA D 112 39.19 -4.70 5.50
C ALA D 112 38.83 -3.96 6.79
N PRO D 113 39.25 -4.46 7.96
CA PRO D 113 39.02 -3.70 9.20
C PRO D 113 39.79 -2.38 9.19
N SER D 114 39.94 -1.79 10.37
CA SER D 114 40.82 -0.64 10.52
C SER D 114 41.26 -0.66 11.98
N VAL D 115 42.51 -0.93 12.21
CA VAL D 115 43.03 -1.16 13.55
C VAL D 115 43.37 0.18 14.19
N PHE D 116 43.22 0.25 15.52
CA PHE D 116 43.50 1.42 16.32
C PHE D 116 44.04 0.94 17.66
N ILE D 117 45.08 1.60 18.18
CA ILE D 117 45.50 1.40 19.55
C ILE D 117 45.07 2.62 20.35
N PHE D 118 44.61 2.37 21.56
CA PHE D 118 44.31 3.44 22.51
C PHE D 118 45.17 3.22 23.74
N PRO D 119 46.10 4.11 24.04
CA PRO D 119 46.95 3.93 25.21
C PRO D 119 46.19 4.24 26.47
N PRO D 120 46.49 3.56 27.57
CA PRO D 120 45.79 3.82 28.84
C PRO D 120 45.82 5.28 29.21
N SER D 121 44.83 5.69 29.97
CA SER D 121 44.68 7.10 30.27
C SER D 121 45.47 7.46 31.51
N ASP D 122 45.81 8.75 31.62
CA ASP D 122 46.43 9.25 32.83
C ASP D 122 45.41 9.26 33.96
N GLU D 123 44.17 9.66 33.65
CA GLU D 123 43.08 9.65 34.64
C GLU D 123 42.94 8.30 35.32
N GLN D 124 43.13 7.22 34.54
CA GLN D 124 43.18 5.84 35.05
C GLN D 124 44.49 5.52 35.74
N LEU D 125 45.51 6.35 35.53
CA LEU D 125 46.86 6.00 35.95
C LEU D 125 47.28 6.79 37.19
N LYS D 126 46.35 7.49 37.84
CA LYS D 126 46.54 7.97 39.21
C LYS D 126 45.70 7.16 40.19
N SER D 127 45.14 6.04 39.75
CA SER D 127 44.36 5.18 40.62
C SER D 127 44.39 3.76 40.03
N GLY D 128 45.32 2.94 40.53
CA GLY D 128 45.20 1.50 40.39
C GLY D 128 45.91 0.81 39.24
N THR D 129 45.14 0.44 38.21
CA THR D 129 45.57 -0.49 37.18
C THR D 129 45.61 0.20 35.81
N ALA D 130 45.78 -0.60 34.76
CA ALA D 130 46.00 -0.06 33.42
C ALA D 130 45.59 -1.06 32.36
N SER D 131 44.70 -0.64 31.44
CA SER D 131 44.24 -1.50 30.36
C SER D 131 44.39 -0.81 29.01
N VAL D 132 44.79 -1.57 28.00
CA VAL D 132 45.02 -1.09 26.64
C VAL D 132 44.11 -1.86 25.68
N VAL D 133 43.47 -1.13 24.75
CA VAL D 133 42.39 -1.68 23.94
C VAL D 133 42.67 -1.47 22.46
N CYS D 134 42.69 -2.59 21.70
CA CYS D 134 42.77 -2.54 20.25
C CYS D 134 41.38 -2.60 19.64
N LEU D 135 41.17 -1.81 18.57
CA LEU D 135 39.86 -1.67 17.94
C LEU D 135 39.93 -2.03 16.46
N LEU D 136 39.26 -3.12 16.10
CA LEU D 136 39.01 -3.45 14.70
C LEU D 136 37.63 -2.92 14.37
N ASN D 137 37.47 -2.26 13.22
CA ASN D 137 36.26 -1.48 12.98
C ASN D 137 35.69 -1.76 11.59
N ASN D 138 34.43 -2.19 11.55
CA ASN D 138 33.63 -2.25 10.33
C ASN D 138 34.22 -3.23 9.31
N PHE D 139 34.48 -4.44 9.77
CA PHE D 139 35.05 -5.49 8.94
C PHE D 139 34.03 -6.60 8.71
N TYR D 140 34.22 -7.30 7.59
CA TYR D 140 33.38 -8.41 7.23
C TYR D 140 34.32 -9.33 6.45
N PRO D 141 34.38 -10.62 6.78
CA PRO D 141 33.54 -11.30 7.77
C PRO D 141 34.00 -11.15 9.23
N ARG D 142 33.18 -11.65 10.17
CA ARG D 142 33.44 -11.48 11.60
C ARG D 142 34.70 -12.20 12.04
N GLU D 143 34.97 -13.37 11.45
CA GLU D 143 36.13 -14.18 11.78
C GLU D 143 37.42 -13.38 11.64
N ALA D 144 38.04 -13.06 12.77
CA ALA D 144 39.36 -12.47 12.79
C ALA D 144 39.94 -12.69 14.18
N LYS D 145 41.25 -12.87 14.24
CA LYS D 145 41.91 -13.11 15.51
C LYS D 145 43.01 -12.08 15.75
N VAL D 146 43.19 -11.75 17.03
CA VAL D 146 44.01 -10.64 17.49
C VAL D 146 44.88 -11.15 18.64
N GLN D 147 46.14 -10.69 18.68
CA GLN D 147 47.07 -11.04 19.75
C GLN D 147 47.88 -9.81 20.16
N TRP D 148 48.49 -9.91 21.33
CA TRP D 148 49.15 -8.78 21.99
C TRP D 148 50.64 -9.04 22.14
N LYS D 149 51.46 -8.01 21.91
CA LYS D 149 52.89 -8.16 21.64
C LYS D 149 53.69 -7.28 22.59
N VAL D 150 53.66 -7.59 23.89
CA VAL D 150 54.44 -6.82 24.86
C VAL D 150 55.93 -7.00 24.60
N ASP D 151 56.61 -5.90 24.25
CA ASP D 151 58.05 -5.93 23.95
C ASP D 151 58.36 -6.96 22.86
N ASN D 152 57.41 -7.18 21.95
CA ASN D 152 57.46 -8.20 20.91
C ASN D 152 57.28 -9.59 21.51
N ALA D 153 57.34 -9.70 22.84
CA ALA D 153 56.93 -10.93 23.51
C ALA D 153 55.40 -10.97 23.59
N LEU D 154 54.87 -12.17 23.80
CA LEU D 154 53.45 -12.40 23.61
C LEU D 154 52.75 -12.61 24.95
N GLN D 155 51.45 -12.30 24.97
CA GLN D 155 50.62 -12.37 26.15
C GLN D 155 49.48 -13.36 25.93
N SER D 156 49.02 -13.98 27.02
CA SER D 156 48.01 -15.04 26.98
C SER D 156 47.16 -14.96 28.23
N GLY D 157 45.86 -14.75 28.06
CA GLY D 157 44.94 -14.71 29.18
C GLY D 157 44.84 -13.38 29.89
N ASN D 158 45.55 -12.36 29.43
CA ASN D 158 45.48 -11.02 29.99
C ASN D 158 44.41 -10.16 29.31
N SER D 159 43.76 -10.69 28.27
CA SER D 159 42.91 -9.91 27.39
C SER D 159 41.55 -10.59 27.23
N GLN D 160 40.52 -9.77 27.02
CA GLN D 160 39.18 -10.22 26.71
C GLN D 160 38.62 -9.41 25.54
N GLU D 161 37.81 -10.07 24.72
CA GLU D 161 37.26 -9.51 23.50
C GLU D 161 35.77 -9.18 23.67
N SER D 162 35.23 -8.48 22.68
CA SER D 162 33.79 -8.47 22.45
C SER D 162 33.51 -7.86 21.07
N VAL D 163 32.46 -8.34 20.42
CA VAL D 163 32.12 -7.96 19.06
C VAL D 163 30.73 -7.33 19.06
N THR D 164 30.51 -6.38 18.14
CA THR D 164 29.17 -5.87 17.92
C THR D 164 28.39 -6.81 17.00
N GLU D 165 27.07 -6.83 17.21
CA GLU D 165 26.17 -7.45 16.25
C GLU D 165 26.40 -6.82 14.88
N GLN D 166 26.01 -7.50 13.81
CA GLN D 166 26.18 -6.95 12.47
C GLN D 166 25.55 -5.56 12.38
N ASP D 167 26.27 -4.62 11.77
CA ASP D 167 25.86 -3.22 11.88
C ASP D 167 24.65 -2.95 10.97
N SER D 168 23.72 -2.16 11.48
CA SER D 168 22.45 -1.92 10.79
C SER D 168 22.66 -1.28 9.43
N LYS D 169 23.56 -0.29 9.35
CA LYS D 169 23.68 0.52 8.13
C LYS D 169 24.59 -0.14 7.09
N ASP D 170 25.73 -0.69 7.51
CA ASP D 170 26.71 -1.22 6.55
C ASP D 170 26.95 -2.71 6.73
N SER D 171 26.21 -3.39 7.58
CA SER D 171 26.22 -4.86 7.66
C SER D 171 27.62 -5.37 8.00
N THR D 172 28.33 -4.66 8.86
CA THR D 172 29.65 -5.08 9.27
C THR D 172 29.67 -5.36 10.76
N TYR D 173 30.80 -5.87 11.24
CA TYR D 173 31.08 -6.06 12.66
C TYR D 173 32.19 -5.11 13.10
N SER D 174 32.36 -5.03 14.42
CA SER D 174 33.51 -4.35 14.99
C SER D 174 33.96 -5.11 16.22
N LEU D 175 35.27 -5.07 16.48
CA LEU D 175 35.89 -5.85 17.54
C LEU D 175 36.64 -4.94 18.51
N SER D 176 36.43 -5.17 19.80
CA SER D 176 37.20 -4.59 20.89
C SER D 176 38.13 -5.65 21.44
N SER D 177 39.18 -5.21 22.14
CA SER D 177 40.11 -6.17 22.72
C SER D 177 40.94 -5.44 23.78
N THR D 178 40.58 -5.65 25.04
CA THR D 178 41.20 -4.97 26.16
C THR D 178 42.19 -5.91 26.85
N LEU D 179 43.48 -5.58 26.79
CA LEU D 179 44.50 -6.32 27.54
C LEU D 179 44.86 -5.57 28.82
N THR D 180 45.11 -6.34 29.89
CA THR D 180 45.04 -5.84 31.25
C THR D 180 46.33 -6.12 32.02
N LEU D 181 46.92 -5.07 32.61
CA LEU D 181 47.97 -5.17 33.62
C LEU D 181 47.77 -4.06 34.64
N SER D 182 48.70 -3.96 35.60
CA SER D 182 48.71 -2.89 36.59
C SER D 182 49.86 -1.93 36.28
N LYS D 183 49.85 -0.76 36.95
CA LYS D 183 50.94 0.19 36.80
C LYS D 183 52.28 -0.50 37.00
N ALA D 184 52.31 -1.49 37.89
CA ALA D 184 53.42 -2.42 38.04
C ALA D 184 53.92 -2.91 36.68
N ASP D 185 53.15 -3.79 36.04
CA ASP D 185 53.61 -4.42 34.82
C ASP D 185 53.56 -3.49 33.61
N TYR D 186 52.84 -2.36 33.68
CA TYR D 186 52.79 -1.48 32.51
C TYR D 186 53.96 -0.51 32.50
N GLU D 187 54.05 0.37 33.49
CA GLU D 187 55.19 1.28 33.57
C GLU D 187 56.47 0.50 33.82
N LYS D 188 56.70 -0.56 33.04
CA LYS D 188 57.81 -1.48 33.20
C LYS D 188 58.34 -1.88 31.83
N HIS D 189 57.44 -2.40 30.99
CA HIS D 189 57.78 -2.75 29.63
C HIS D 189 57.82 -1.48 28.78
N LYS D 190 58.08 -1.64 27.48
CA LYS D 190 58.46 -0.50 26.65
C LYS D 190 57.53 -0.26 25.47
N VAL D 191 57.29 -1.28 24.64
CA VAL D 191 56.42 -1.14 23.47
C VAL D 191 55.59 -2.41 23.36
N TYR D 192 54.32 -2.24 22.96
CA TYR D 192 53.57 -3.36 22.42
C TYR D 192 52.52 -2.85 21.46
N ALA D 193 51.76 -3.80 20.91
CA ALA D 193 50.96 -3.56 19.72
C ALA D 193 50.04 -4.73 19.47
N CYS D 194 48.74 -4.48 19.28
CA CYS D 194 47.92 -5.59 18.84
C CYS D 194 48.29 -5.85 17.37
N GLU D 195 48.33 -7.11 16.99
CA GLU D 195 48.58 -7.48 15.61
C GLU D 195 47.39 -8.31 15.13
N VAL D 196 46.69 -7.79 14.12
CA VAL D 196 45.42 -8.30 13.68
C VAL D 196 45.63 -9.07 12.39
N THR D 197 44.98 -10.22 12.27
CA THR D 197 44.96 -10.96 11.01
C THR D 197 43.52 -11.13 10.55
N HIS D 198 43.24 -10.71 9.31
CA HIS D 198 41.89 -10.83 8.77
C HIS D 198 41.94 -11.23 7.31
N GLN D 199 40.90 -11.97 6.89
CA GLN D 199 40.77 -12.36 5.49
C GLN D 199 40.75 -11.14 4.57
N GLY D 200 40.16 -10.04 5.03
CA GLY D 200 40.25 -8.83 4.24
C GLY D 200 41.63 -8.19 4.22
N LEU D 201 42.61 -8.76 4.91
CA LEU D 201 43.95 -8.20 5.00
C LEU D 201 44.96 -9.12 4.33
N SER D 202 45.74 -8.53 3.42
CA SER D 202 46.75 -9.30 2.68
C SER D 202 47.75 -9.95 3.63
N SER D 203 48.20 -9.21 4.62
CA SER D 203 49.04 -9.74 5.69
C SER D 203 48.84 -8.86 6.91
N PRO D 204 49.08 -9.42 8.13
CA PRO D 204 48.69 -8.72 9.37
C PRO D 204 49.01 -7.24 9.41
N VAL D 205 48.20 -6.50 10.16
CA VAL D 205 48.37 -5.07 10.35
C VAL D 205 48.65 -4.84 11.83
N THR D 206 49.91 -4.50 12.13
CA THR D 206 50.31 -4.15 13.48
C THR D 206 50.17 -2.64 13.67
N LYS D 207 49.74 -2.24 14.87
CA LYS D 207 49.77 -0.85 15.28
C LYS D 207 50.28 -0.79 16.70
N SER D 208 51.27 0.08 16.96
CA SER D 208 52.10 0.10 18.17
C SER D 208 52.06 1.46 18.86
N PHE D 209 52.86 1.58 19.92
CA PHE D 209 53.04 2.84 20.64
C PHE D 209 54.40 2.82 21.34
N ASN D 210 54.63 3.82 22.20
CA ASN D 210 55.74 3.84 23.14
C ASN D 210 55.29 4.60 24.38
N ARG D 211 55.65 4.09 25.56
CA ARG D 211 55.13 4.61 26.83
C ARG D 211 55.26 6.14 26.98
N GLY D 212 56.13 6.81 26.20
CA GLY D 212 56.31 8.24 26.30
C GLY D 212 55.67 9.01 25.14
N GLU D 213 55.59 10.33 25.34
CA GLU D 213 55.05 11.27 24.34
C GLU D 213 53.64 10.89 23.90
N SER E 2 68.89 32.05 -2.84
CA SER E 2 67.68 31.47 -3.42
C SER E 2 67.25 30.14 -2.78
N VAL E 3 65.96 30.01 -2.47
CA VAL E 3 65.45 28.87 -1.71
C VAL E 3 65.50 27.59 -2.52
N LEU E 4 65.08 27.64 -3.77
CA LEU E 4 65.36 26.58 -4.72
C LEU E 4 66.70 26.84 -5.37
N THR E 5 67.42 25.77 -5.68
CA THR E 5 68.80 25.86 -6.13
C THR E 5 68.92 25.43 -7.57
N GLN E 6 69.31 26.38 -8.43
CA GLN E 6 69.59 25.92 -9.77
C GLN E 6 71.01 26.26 -10.15
N PRO E 7 71.70 25.36 -10.83
CA PRO E 7 73.01 25.69 -11.39
C PRO E 7 72.91 26.93 -12.25
N PRO E 8 73.80 27.91 -12.08
CA PRO E 8 73.69 29.15 -12.87
C PRO E 8 73.88 28.92 -14.34
N SER E 9 74.57 27.85 -14.71
CA SER E 9 75.00 27.57 -16.06
C SER E 9 74.52 26.18 -16.44
N ALA E 10 74.44 25.92 -17.75
CA ALA E 10 74.24 24.57 -18.28
C ALA E 10 74.32 24.61 -19.81
N SER E 11 75.01 23.64 -20.40
CA SER E 11 75.35 23.74 -21.81
C SER E 11 75.10 22.42 -22.52
N GLY E 12 74.71 22.53 -23.78
CA GLY E 12 74.49 21.36 -24.62
C GLY E 12 74.71 21.73 -26.06
N THR E 13 74.99 20.73 -26.87
CA THR E 13 75.12 20.95 -28.30
C THR E 13 73.81 20.64 -29.00
N PRO E 14 73.57 21.20 -30.19
CA PRO E 14 72.24 21.08 -30.80
C PRO E 14 71.83 19.62 -31.00
N GLY E 15 70.54 19.37 -30.81
CA GLY E 15 69.98 18.04 -30.95
C GLY E 15 70.05 17.19 -29.71
N GLN E 16 70.80 17.61 -28.70
CA GLN E 16 70.92 16.83 -27.49
C GLN E 16 69.68 17.01 -26.60
N ARG E 17 69.47 16.04 -25.73
CA ARG E 17 68.44 16.10 -24.70
C ARG E 17 69.13 16.43 -23.39
N VAL E 18 68.80 17.57 -22.82
CA VAL E 18 69.46 18.06 -21.62
C VAL E 18 68.41 18.21 -20.52
N THR E 19 68.73 17.74 -19.32
CA THR E 19 67.88 17.92 -18.16
C THR E 19 68.61 18.77 -17.14
N ILE E 20 67.97 19.84 -16.68
CA ILE E 20 68.53 20.72 -15.67
C ILE E 20 67.72 20.61 -14.38
N SER E 21 68.39 20.71 -13.25
CA SER E 21 67.86 20.39 -11.95
C SER E 21 67.30 21.62 -11.23
N CYS E 22 66.49 21.37 -10.22
CA CYS E 22 65.97 22.42 -9.32
C CYS E 22 65.66 21.75 -8.00
N SER E 23 66.45 22.05 -6.96
CA SER E 23 66.38 21.31 -5.71
C SER E 23 65.87 22.17 -4.58
N GLY E 24 64.93 21.61 -3.81
CA GLY E 24 64.30 22.31 -2.71
C GLY E 24 64.18 21.52 -1.43
N SER E 25 62.98 21.50 -0.85
CA SER E 25 62.78 20.91 0.46
C SER E 25 61.32 20.50 0.61
N SER E 26 61.05 19.74 1.68
CA SER E 26 59.74 19.13 1.90
C SER E 26 58.63 20.18 1.94
N SER E 27 58.92 21.36 2.46
CA SER E 27 57.91 22.42 2.49
C SER E 27 57.52 22.93 1.11
N ASN E 28 58.38 22.77 0.08
CA ASN E 28 58.01 23.14 -1.28
C ASN E 28 57.88 21.96 -2.24
N ILE E 29 58.98 21.62 -2.94
CA ILE E 29 58.94 20.54 -3.93
C ILE E 29 58.55 19.20 -3.29
N GLY E 30 58.78 19.03 -1.99
CA GLY E 30 58.28 17.85 -1.32
C GLY E 30 56.76 17.75 -1.33
N SER E 31 56.08 18.90 -1.21
CA SER E 31 54.65 18.92 -0.92
C SER E 31 53.82 19.87 -1.78
N ASN E 32 54.36 20.39 -2.87
CA ASN E 32 53.59 21.30 -3.70
C ASN E 32 54.02 21.15 -5.16
N TYR E 33 53.32 21.87 -6.02
CA TYR E 33 53.60 21.85 -7.45
C TYR E 33 54.83 22.71 -7.76
N VAL E 34 55.66 22.23 -8.67
CA VAL E 34 56.79 22.99 -9.18
C VAL E 34 56.47 23.51 -10.58
N TYR E 35 56.90 24.72 -10.88
CA TYR E 35 56.65 25.36 -12.17
C TYR E 35 57.98 25.65 -12.87
N TRP E 36 57.89 26.05 -14.13
CA TRP E 36 59.08 26.28 -14.95
C TRP E 36 58.85 27.44 -15.90
N TYR E 37 59.87 28.29 -16.05
CA TYR E 37 59.75 29.51 -16.86
C TYR E 37 60.96 29.64 -17.78
N GLN E 38 60.70 29.88 -19.07
CA GLN E 38 61.72 30.32 -20.03
C GLN E 38 61.79 31.85 -19.99
N GLN E 39 62.99 32.41 -19.94
CA GLN E 39 63.14 33.86 -20.02
C GLN E 39 64.21 34.22 -21.03
N PHE E 40 63.81 34.88 -22.08
CA PHE E 40 64.73 35.48 -23.02
C PHE E 40 65.05 36.90 -22.59
N PRO E 41 66.21 37.42 -22.99
CA PRO E 41 66.64 38.74 -22.52
C PRO E 41 65.61 39.82 -22.82
N GLY E 42 65.41 40.71 -21.84
CA GLY E 42 64.56 41.86 -22.01
C GLY E 42 63.06 41.59 -22.05
N THR E 43 62.68 40.36 -22.39
CA THR E 43 61.29 39.97 -22.44
C THR E 43 60.82 39.40 -21.11
N ALA E 44 59.51 39.49 -20.87
CA ALA E 44 58.88 38.82 -19.72
C ALA E 44 59.12 37.31 -19.79
N PRO E 45 59.07 36.61 -18.66
CA PRO E 45 59.23 35.16 -18.68
C PRO E 45 57.93 34.44 -19.03
N LYS E 46 58.06 33.37 -19.82
CA LYS E 46 56.94 32.57 -20.30
C LYS E 46 56.76 31.33 -19.43
N LEU E 47 55.51 30.97 -19.15
CA LEU E 47 55.27 29.77 -18.35
C LEU E 47 55.44 28.52 -19.22
N LEU E 48 56.38 27.66 -18.84
CA LEU E 48 56.68 26.42 -19.55
C LEU E 48 56.00 25.19 -18.97
N ILE E 49 55.91 25.11 -17.64
CA ILE E 49 55.44 23.90 -16.96
C ILE E 49 54.68 24.30 -15.71
N TYR E 50 53.48 23.77 -15.54
CA TYR E 50 52.71 23.88 -14.31
C TYR E 50 52.31 22.48 -13.85
N GLY E 51 51.93 22.38 -12.58
CA GLY E 51 51.54 21.11 -12.00
C GLY E 51 52.58 20.03 -12.18
N ASN E 52 53.87 20.43 -12.09
CA ASN E 52 55.04 19.57 -12.16
C ASN E 52 55.34 19.09 -13.58
N ASN E 53 54.30 18.82 -14.40
CA ASN E 53 54.52 18.26 -15.72
C ASN E 53 53.38 18.54 -16.69
N GLN E 54 52.71 19.68 -16.56
CA GLN E 54 51.67 20.08 -17.48
C GLN E 54 52.17 21.21 -18.37
N ARG E 55 51.98 21.07 -19.68
CA ARG E 55 52.29 22.16 -20.60
C ARG E 55 51.07 23.05 -20.79
N PRO E 56 51.19 24.35 -20.65
CA PRO E 56 50.07 25.22 -21.02
C PRO E 56 49.89 25.34 -22.52
N SER E 57 49.13 26.36 -22.93
CA SER E 57 48.80 26.62 -24.32
C SER E 57 50.02 26.69 -25.22
N GLY E 58 50.18 25.71 -26.11
CA GLY E 58 51.14 25.78 -27.19
C GLY E 58 52.59 25.92 -26.77
N VAL E 59 53.07 24.89 -26.06
CA VAL E 59 54.47 24.78 -25.67
C VAL E 59 54.99 23.46 -26.24
N PRO E 60 56.08 23.48 -27.02
CA PRO E 60 56.51 22.26 -27.71
C PRO E 60 56.61 21.06 -26.77
N ASP E 61 56.25 19.87 -27.29
CA ASP E 61 56.28 18.68 -26.44
C ASP E 61 57.69 18.22 -26.18
N ARG E 62 58.72 18.97 -26.58
CA ARG E 62 60.09 18.60 -26.23
C ARG E 62 60.51 19.12 -24.85
N PHE E 63 59.64 19.86 -24.15
CA PHE E 63 59.86 20.24 -22.76
C PHE E 63 59.08 19.33 -21.84
N SER E 64 59.78 18.46 -21.12
CA SER E 64 59.15 17.59 -20.14
C SER E 64 59.58 18.02 -18.74
N GLY E 65 58.63 18.05 -17.81
CA GLY E 65 58.91 18.38 -16.43
C GLY E 65 58.65 17.17 -15.55
N SER E 66 59.44 17.01 -14.50
CA SER E 66 59.34 15.86 -13.64
C SER E 66 59.75 16.26 -12.23
N LYS E 67 59.70 15.27 -11.32
CA LYS E 67 59.89 15.56 -9.91
C LYS E 67 60.02 14.27 -9.14
N SER E 68 61.02 14.18 -8.26
CA SER E 68 61.26 12.99 -7.45
C SER E 68 61.67 13.46 -6.05
N GLY E 69 60.72 13.53 -5.14
CA GLY E 69 61.08 13.91 -3.79
C GLY E 69 61.14 15.40 -3.58
N THR E 70 62.34 15.94 -3.34
CA THR E 70 62.49 17.37 -3.08
C THR E 70 63.30 18.07 -4.18
N SER E 71 63.39 17.47 -5.35
CA SER E 71 63.98 18.15 -6.47
C SER E 71 63.10 17.98 -7.70
N ALA E 72 63.18 18.94 -8.60
CA ALA E 72 62.47 18.92 -9.86
C ALA E 72 63.49 18.92 -10.98
N SER E 73 63.06 18.51 -12.16
CA SER E 73 63.93 18.55 -13.33
C SER E 73 63.12 18.99 -14.54
N LEU E 74 63.84 19.57 -15.51
CA LEU E 74 63.26 20.02 -16.76
C LEU E 74 64.08 19.43 -17.89
N ALA E 75 63.44 18.65 -18.75
CA ALA E 75 64.11 18.10 -19.92
C ALA E 75 63.87 19.03 -21.11
N ILE E 76 64.93 19.22 -21.89
CA ILE E 76 64.85 19.95 -23.15
C ILE E 76 65.29 18.94 -24.20
N SER E 77 64.32 18.25 -24.81
CA SER E 77 64.65 17.30 -25.87
C SER E 77 64.88 18.02 -27.20
N GLY E 78 65.66 17.38 -28.07
CA GLY E 78 65.95 17.94 -29.37
C GLY E 78 66.32 19.41 -29.32
N LEU E 79 67.43 19.69 -28.64
CA LEU E 79 67.81 21.05 -28.31
C LEU E 79 68.15 21.84 -29.58
N ARG E 80 67.86 23.15 -29.55
CA ARG E 80 68.22 24.01 -30.67
C ARG E 80 68.66 25.37 -30.16
N SER E 81 69.31 26.13 -31.04
CA SER E 81 69.78 27.47 -30.67
C SER E 81 68.65 28.35 -30.18
N GLU E 82 67.42 28.06 -30.60
CA GLU E 82 66.25 28.79 -30.12
C GLU E 82 66.12 28.79 -28.61
N ASP E 83 66.84 27.93 -27.88
CA ASP E 83 66.55 27.66 -26.48
C ASP E 83 67.42 28.43 -25.51
N GLU E 84 68.61 28.87 -25.92
CA GLU E 84 69.47 29.69 -25.07
C GLU E 84 68.63 30.70 -24.31
N ALA E 85 68.59 30.56 -22.99
CA ALA E 85 67.75 31.42 -22.16
C ALA E 85 67.97 31.07 -20.69
N ASP E 86 67.52 31.98 -19.82
CA ASP E 86 67.25 31.66 -18.43
C ASP E 86 66.12 30.66 -18.31
N TYR E 87 66.21 29.77 -17.32
CA TYR E 87 65.15 28.85 -16.98
C TYR E 87 64.98 28.88 -15.47
N TYR E 88 64.00 29.62 -14.99
CA TYR E 88 63.69 29.64 -13.57
C TYR E 88 62.71 28.53 -13.23
N CYS E 89 62.89 27.94 -12.05
CA CYS E 89 61.85 27.08 -11.50
C CYS E 89 61.14 27.85 -10.40
N ALA E 90 60.06 27.25 -9.91
CA ALA E 90 59.31 27.85 -8.83
C ALA E 90 58.48 26.77 -8.18
N ALA E 91 58.00 27.06 -6.97
CA ALA E 91 57.09 26.16 -6.30
C ALA E 91 56.35 26.95 -5.23
N TRP E 92 55.24 26.36 -4.79
CA TRP E 92 54.61 26.79 -3.55
C TRP E 92 55.45 26.30 -2.41
N ASP E 93 55.44 27.04 -1.29
CA ASP E 93 56.26 26.71 -0.14
C ASP E 93 55.46 26.96 1.12
N ASP E 94 55.28 25.91 1.93
CA ASP E 94 54.41 25.99 3.09
C ASP E 94 55.14 26.54 4.32
N SER E 95 56.46 26.59 4.28
CA SER E 95 57.24 27.22 5.35
C SER E 95 57.02 28.73 5.33
N LEU E 96 57.68 29.41 6.28
CA LEU E 96 57.64 30.87 6.25
C LEU E 96 58.33 31.42 5.01
N SER E 97 59.25 30.66 4.40
CA SER E 97 59.91 31.11 3.18
C SER E 97 58.91 31.39 2.08
N GLY E 98 57.77 30.70 2.09
CA GLY E 98 56.78 30.84 1.04
C GLY E 98 55.98 32.11 1.15
N PRO E 99 54.80 32.14 0.51
CA PRO E 99 54.03 31.06 -0.12
C PRO E 99 54.55 30.60 -1.48
N TRP E 100 55.32 31.46 -2.14
CA TRP E 100 55.81 31.22 -3.49
C TRP E 100 57.32 31.41 -3.49
N VAL E 101 58.05 30.51 -4.17
CA VAL E 101 59.50 30.62 -4.25
C VAL E 101 59.97 30.36 -5.68
N PHE E 102 61.03 31.07 -6.07
CA PHE E 102 61.67 30.93 -7.38
C PHE E 102 63.04 30.28 -7.19
N GLY E 103 63.74 30.11 -8.30
CA GLY E 103 65.11 29.66 -8.30
C GLY E 103 66.03 30.76 -8.78
N GLY E 104 67.32 30.43 -8.81
CA GLY E 104 68.29 31.36 -9.37
C GLY E 104 68.29 31.44 -10.87
N GLY E 105 67.51 30.60 -11.54
CA GLY E 105 67.58 30.54 -12.98
C GLY E 105 68.82 29.79 -13.44
N THR E 106 68.72 29.15 -14.58
CA THR E 106 69.81 28.40 -15.17
C THR E 106 70.01 28.98 -16.55
N GLN E 107 70.92 29.95 -16.66
CA GLN E 107 71.34 30.36 -17.99
C GLN E 107 71.74 29.09 -18.73
N VAL E 108 70.95 28.70 -19.73
CA VAL E 108 71.25 27.58 -20.59
C VAL E 108 71.94 28.14 -21.83
N THR E 109 73.03 27.49 -22.24
CA THR E 109 73.80 27.89 -23.41
C THR E 109 73.84 26.75 -24.41
N VAL E 110 73.49 27.05 -25.66
CA VAL E 110 73.65 26.10 -26.74
C VAL E 110 74.95 26.45 -27.47
N LEU E 111 75.85 25.47 -27.59
CA LEU E 111 77.09 25.59 -28.34
C LEU E 111 76.84 24.99 -29.72
N GLY E 112 76.30 25.80 -30.62
CA GLY E 112 76.29 25.48 -32.03
C GLY E 112 77.47 26.04 -32.79
N GLN E 113 78.36 26.74 -32.10
CA GLN E 113 79.54 27.40 -32.64
C GLN E 113 80.82 26.76 -32.11
N PRO E 114 81.94 27.01 -32.76
CA PRO E 114 83.24 26.60 -32.23
C PRO E 114 83.91 27.69 -31.40
N LYS E 115 84.91 27.25 -30.65
CA LYS E 115 85.68 28.12 -29.73
C LYS E 115 86.27 29.30 -30.48
N ALA E 116 85.79 30.49 -30.20
CA ALA E 116 86.38 31.71 -30.70
C ALA E 116 87.19 32.39 -29.60
N ALA E 117 88.32 33.05 -30.01
CA ALA E 117 89.16 33.60 -28.95
C ALA E 117 88.95 35.11 -28.81
N PRO E 118 89.12 35.62 -27.60
CA PRO E 118 88.84 37.04 -27.36
C PRO E 118 89.87 38.01 -27.95
N SER E 119 89.47 38.74 -28.99
CA SER E 119 90.25 39.89 -29.44
C SER E 119 90.19 40.99 -28.39
N VAL E 120 91.35 41.55 -28.06
CA VAL E 120 91.47 42.54 -27.00
C VAL E 120 92.24 43.74 -27.52
N THR E 121 91.75 44.93 -27.20
CA THR E 121 92.41 46.18 -27.60
C THR E 121 92.36 47.14 -26.43
N LEU E 122 93.53 47.50 -25.90
CA LEU E 122 93.63 48.38 -24.75
C LEU E 122 93.76 49.82 -25.23
N PHE E 123 93.14 50.73 -24.50
CA PHE E 123 93.24 52.15 -24.81
C PHE E 123 93.83 52.89 -23.61
N PRO E 124 94.95 53.58 -23.78
CA PRO E 124 95.44 54.46 -22.72
C PRO E 124 94.48 55.61 -22.53
N PRO E 125 94.22 56.01 -21.30
CA PRO E 125 93.45 57.23 -21.07
C PRO E 125 94.09 58.36 -21.88
N SER E 126 93.32 58.93 -22.80
CA SER E 126 93.91 59.83 -23.79
C SER E 126 94.34 61.15 -23.15
N SER E 127 94.86 62.05 -23.98
CA SER E 127 95.50 63.27 -23.49
C SER E 127 94.49 64.25 -22.91
N GLU E 128 93.65 64.87 -23.75
CA GLU E 128 92.75 65.92 -23.27
C GLU E 128 91.68 65.42 -22.29
N GLU E 129 91.68 64.12 -21.95
CA GLU E 129 90.99 63.68 -20.74
C GLU E 129 91.85 63.92 -19.50
N LEU E 130 93.15 63.59 -19.58
CA LEU E 130 94.11 63.90 -18.52
C LEU E 130 94.50 65.38 -18.50
N GLN E 131 93.72 66.24 -19.16
CA GLN E 131 93.77 67.67 -18.97
C GLN E 131 92.61 68.17 -18.12
N ALA E 132 91.65 67.31 -17.79
CA ALA E 132 90.62 67.58 -16.80
C ALA E 132 90.89 66.79 -15.51
N ASN E 133 92.17 66.54 -15.22
CA ASN E 133 92.61 65.85 -14.00
C ASN E 133 91.87 64.54 -13.80
N LYS E 134 91.66 63.80 -14.90
CA LYS E 134 90.94 62.54 -14.86
C LYS E 134 91.57 61.58 -15.87
N ALA E 135 91.38 60.28 -15.64
CA ALA E 135 91.91 59.24 -16.48
C ALA E 135 90.93 58.09 -16.58
N THR E 136 90.73 57.56 -17.79
CA THR E 136 89.88 56.38 -17.97
C THR E 136 90.57 55.38 -18.90
N LEU E 137 91.18 54.36 -18.30
CA LEU E 137 91.55 53.19 -19.06
C LEU E 137 90.29 52.59 -19.67
N VAL E 138 90.45 51.91 -20.79
CA VAL E 138 89.32 51.20 -21.39
C VAL E 138 89.80 50.04 -22.24
N CYS E 139 89.37 48.83 -21.86
CA CYS E 139 89.69 47.59 -22.55
C CYS E 139 88.44 47.05 -23.24
N LEU E 140 88.59 46.57 -24.47
CA LEU E 140 87.47 46.11 -25.27
C LEU E 140 87.73 44.68 -25.72
N ILE E 141 86.85 43.77 -25.33
CA ILE E 141 86.94 42.35 -25.70
C ILE E 141 85.86 42.07 -26.74
N SER E 142 86.16 41.22 -27.71
CA SER E 142 85.21 40.98 -28.78
C SER E 142 85.57 39.72 -29.55
N ASP E 143 84.57 39.21 -30.27
CA ASP E 143 84.74 38.13 -31.25
C ASP E 143 85.14 36.80 -30.60
N PHE E 144 84.75 36.58 -29.34
CA PHE E 144 84.89 35.30 -28.65
C PHE E 144 83.51 34.66 -28.48
N TYR E 145 83.43 33.31 -28.59
CA TYR E 145 82.09 32.74 -28.66
C TYR E 145 81.49 32.35 -27.30
N PRO E 146 82.05 31.39 -26.56
CA PRO E 146 81.43 31.07 -25.26
C PRO E 146 81.38 32.27 -24.34
N GLY E 147 80.46 32.22 -23.38
CA GLY E 147 80.09 33.36 -22.53
C GLY E 147 81.21 34.15 -21.88
N ALA E 148 80.90 35.34 -21.37
CA ALA E 148 81.91 36.22 -20.78
C ALA E 148 82.71 35.59 -19.65
N VAL E 149 83.71 34.81 -20.04
CA VAL E 149 84.79 34.52 -19.14
C VAL E 149 85.42 35.83 -18.63
N THR E 150 85.89 35.82 -17.38
CA THR E 150 86.28 37.03 -16.68
C THR E 150 87.57 37.65 -17.22
N VAL E 151 87.79 38.92 -16.86
CA VAL E 151 88.93 39.75 -17.26
C VAL E 151 89.76 40.15 -16.03
N ALA E 152 90.36 41.34 -16.05
CA ALA E 152 91.10 41.86 -14.90
C ALA E 152 91.04 43.38 -14.99
N SER E 157 101.37 46.17 -10.97
CA SER E 157 101.47 45.08 -11.94
C SER E 157 100.88 43.78 -11.36
N SER E 158 100.00 43.92 -10.38
CA SER E 158 99.34 42.81 -9.69
C SER E 158 97.89 43.21 -9.42
N PRO E 159 96.98 42.20 -9.18
CA PRO E 159 95.52 42.48 -9.17
C PRO E 159 95.08 43.78 -8.52
N VAL E 160 94.15 44.48 -9.17
CA VAL E 160 93.66 45.79 -8.72
C VAL E 160 92.19 45.92 -9.05
N LYS E 161 91.33 45.95 -8.03
CA LYS E 161 89.89 45.99 -8.22
C LYS E 161 89.37 47.31 -7.63
N ALA E 162 89.53 48.40 -8.39
CA ALA E 162 89.01 49.73 -8.03
C ALA E 162 88.75 50.50 -9.34
N GLY E 163 87.60 50.21 -9.95
CA GLY E 163 87.23 50.80 -11.21
C GLY E 163 86.67 49.79 -12.20
N VAL E 164 87.01 48.51 -12.01
CA VAL E 164 86.62 47.42 -12.92
C VAL E 164 85.12 47.39 -13.10
N GLU E 165 84.65 47.83 -14.26
CA GLU E 165 83.24 47.79 -14.59
C GLU E 165 83.04 46.96 -15.86
N THR E 166 83.47 45.69 -15.80
CA THR E 166 83.32 44.81 -16.95
C THR E 166 81.87 44.38 -17.10
N THR E 167 81.46 44.19 -18.37
CA THR E 167 80.06 44.21 -18.75
C THR E 167 79.56 42.84 -19.20
N THR E 168 78.39 42.84 -19.81
CA THR E 168 77.77 41.60 -20.22
C THR E 168 78.08 41.32 -21.69
N PRO E 169 78.51 40.10 -21.98
CA PRO E 169 78.77 39.68 -23.36
C PRO E 169 77.62 39.97 -24.31
N SER E 170 77.69 41.11 -25.01
CA SER E 170 76.72 41.38 -26.07
C SER E 170 76.64 40.18 -26.99
N LYS E 171 75.49 39.51 -27.00
CA LYS E 171 75.31 38.41 -27.91
C LYS E 171 75.74 38.77 -29.33
N GLN E 172 75.54 40.03 -29.74
CA GLN E 172 75.13 40.25 -31.13
C GLN E 172 76.19 40.12 -32.19
N SER E 173 77.47 40.13 -31.86
CA SER E 173 78.52 40.22 -32.88
C SER E 173 78.63 38.92 -33.68
N ASN E 174 77.54 38.62 -34.41
CA ASN E 174 77.34 37.33 -35.07
C ASN E 174 77.47 36.19 -34.06
N ASN E 175 76.54 36.24 -33.09
CA ASN E 175 76.63 35.75 -31.72
C ASN E 175 77.99 35.30 -31.17
N LYS E 176 79.08 35.94 -31.63
CA LYS E 176 80.31 36.03 -30.83
C LYS E 176 80.18 37.23 -29.89
N TYR E 177 80.46 37.01 -28.61
CA TYR E 177 80.12 38.04 -27.65
C TYR E 177 81.19 39.13 -27.60
N ALA E 178 80.79 40.29 -27.12
CA ALA E 178 81.67 41.44 -26.94
C ALA E 178 81.77 41.76 -25.45
N ALA E 179 82.30 42.94 -25.13
CA ALA E 179 82.46 43.42 -23.77
C ALA E 179 83.15 44.78 -23.79
N SER E 180 83.14 45.45 -22.64
CA SER E 180 83.96 46.63 -22.41
C SER E 180 84.29 46.71 -20.92
N SER E 181 85.48 47.20 -20.61
CA SER E 181 85.98 47.32 -19.24
C SER E 181 86.69 48.65 -19.09
N TYR E 182 86.37 49.38 -18.03
CA TYR E 182 86.88 50.73 -17.84
C TYR E 182 87.57 50.82 -16.50
N LEU E 183 88.60 51.66 -16.43
CA LEU E 183 89.28 52.01 -15.19
C LEU E 183 89.22 53.53 -15.04
N SER E 184 88.86 54.00 -13.85
CA SER E 184 88.60 55.41 -13.61
C SER E 184 89.67 55.92 -12.64
N LEU E 185 90.72 56.54 -13.19
CA LEU E 185 91.88 56.95 -12.41
C LEU E 185 92.21 58.42 -12.64
N THR E 186 93.39 58.87 -12.19
CA THR E 186 93.80 60.27 -12.23
C THR E 186 95.20 60.39 -12.80
N PRO E 187 95.62 61.60 -13.22
CA PRO E 187 97.00 61.76 -13.74
C PRO E 187 98.07 61.23 -12.81
N GLU E 188 97.81 61.23 -11.50
CA GLU E 188 98.77 60.71 -10.54
C GLU E 188 99.08 59.23 -10.80
N GLN E 189 98.07 58.47 -11.19
CA GLN E 189 98.22 57.02 -11.33
C GLN E 189 99.15 56.64 -12.48
N CYS E 198 94.76 44.69 -18.73
CA CYS E 198 93.61 43.90 -19.15
C CYS E 198 94.02 42.46 -19.50
N GLN E 199 93.34 41.49 -18.89
CA GLN E 199 93.67 40.08 -19.09
C GLN E 199 92.37 39.28 -19.15
N VAL E 200 91.95 38.91 -20.35
CA VAL E 200 90.83 38.00 -20.54
C VAL E 200 91.33 36.56 -20.47
N THR E 201 90.66 35.75 -19.65
CA THR E 201 90.86 34.31 -19.61
C THR E 201 89.61 33.67 -20.20
N HIS E 202 89.73 33.00 -21.36
CA HIS E 202 88.57 32.41 -22.05
C HIS E 202 88.74 30.91 -22.21
N GLU E 203 87.96 30.14 -21.46
CA GLU E 203 87.85 28.69 -21.63
C GLU E 203 89.21 28.01 -21.59
N GLY E 204 90.04 28.43 -20.63
CA GLY E 204 91.35 27.84 -20.41
C GLY E 204 92.52 28.60 -20.98
N SER E 205 92.29 29.56 -21.89
CA SER E 205 93.33 30.35 -22.53
C SER E 205 93.28 31.78 -22.01
N THR E 206 94.19 32.62 -22.49
CA THR E 206 94.28 33.98 -21.96
C THR E 206 94.99 34.90 -22.95
N VAL E 207 94.76 36.21 -22.77
CA VAL E 207 95.32 37.26 -23.61
C VAL E 207 95.66 38.48 -22.73
N GLU E 208 96.73 39.20 -23.10
CA GLU E 208 97.11 40.44 -22.45
C GLU E 208 97.35 41.54 -23.48
N LYS E 209 97.20 42.79 -23.03
CA LYS E 209 97.63 44.00 -23.73
C LYS E 209 97.57 45.14 -22.71
N THR E 210 98.48 46.10 -22.85
CA THR E 210 98.57 47.16 -21.85
C THR E 210 99.35 48.37 -22.39
N VAL E 211 99.47 49.39 -21.53
CA VAL E 211 100.24 50.62 -21.76
C VAL E 211 100.30 51.36 -20.42
N ALA E 212 101.45 52.02 -20.13
CA ALA E 212 101.68 52.55 -18.77
C ALA E 212 101.97 54.05 -18.69
N PRO E 213 102.90 54.61 -19.51
CA PRO E 213 103.10 56.07 -19.41
C PRO E 213 102.03 56.88 -20.15
N GLN F 1 41.98 36.60 -25.29
CA GLN F 1 43.42 36.60 -25.11
C GLN F 1 43.81 37.29 -23.77
N VAL F 2 44.41 36.51 -22.87
CA VAL F 2 44.80 37.01 -21.55
C VAL F 2 45.93 38.02 -21.73
N GLN F 3 45.72 39.23 -21.26
CA GLN F 3 46.66 40.31 -21.48
C GLN F 3 46.83 41.13 -20.21
N LEU F 4 48.07 41.41 -19.85
CA LEU F 4 48.42 42.34 -18.78
C LEU F 4 49.26 43.45 -19.40
N VAL F 5 48.84 44.69 -19.19
CA VAL F 5 49.52 45.85 -19.76
C VAL F 5 49.89 46.78 -18.63
N GLN F 6 51.17 46.99 -18.43
CA GLN F 6 51.65 47.76 -17.31
C GLN F 6 51.90 49.20 -17.75
N SER F 7 52.10 50.07 -16.76
CA SER F 7 52.32 51.48 -17.00
C SER F 7 53.76 51.75 -17.40
N GLY F 8 53.98 52.94 -17.95
CA GLY F 8 55.31 53.32 -18.42
C GLY F 8 56.34 53.29 -17.32
N ALA F 9 57.59 53.50 -17.72
CA ALA F 9 58.74 53.40 -16.84
C ALA F 9 58.83 54.67 -16.01
N GLU F 10 58.59 54.58 -14.71
CA GLU F 10 58.79 55.75 -13.84
C GLU F 10 60.27 55.78 -13.42
N VAL F 11 60.78 57.00 -13.20
CA VAL F 11 62.16 57.21 -12.79
C VAL F 11 62.13 58.04 -11.51
N LYS F 12 62.82 57.58 -10.48
CA LYS F 12 62.54 58.03 -9.12
C LYS F 12 63.83 58.24 -8.37
N LYS F 13 63.92 59.37 -7.66
CA LYS F 13 65.02 59.62 -6.75
C LYS F 13 64.70 58.99 -5.38
N PRO F 14 65.73 58.66 -4.60
CA PRO F 14 65.52 57.84 -3.39
C PRO F 14 64.62 58.52 -2.37
N GLY F 15 64.15 57.70 -1.42
CA GLY F 15 63.22 58.15 -0.41
C GLY F 15 61.82 58.46 -0.90
N ALA F 16 61.61 58.53 -2.22
CA ALA F 16 60.28 58.69 -2.78
C ALA F 16 59.53 57.36 -2.76
N SER F 17 58.44 57.30 -3.52
CA SER F 17 57.72 56.05 -3.70
C SER F 17 57.30 55.97 -5.16
N VAL F 18 56.62 54.88 -5.52
CA VAL F 18 56.07 54.73 -6.86
C VAL F 18 54.90 53.76 -6.80
N LYS F 19 53.96 53.93 -7.73
CA LYS F 19 52.82 53.03 -7.89
C LYS F 19 52.79 52.61 -9.34
N VAL F 20 53.10 51.35 -9.61
CA VAL F 20 52.99 50.79 -10.96
C VAL F 20 51.59 50.22 -11.14
N SER F 21 51.00 50.42 -12.32
CA SER F 21 49.66 49.92 -12.60
C SER F 21 49.72 48.78 -13.60
N CYS F 22 48.94 47.75 -13.34
CA CYS F 22 48.75 46.59 -14.20
C CYS F 22 47.29 46.57 -14.61
N LYS F 23 47.02 46.38 -15.90
CA LYS F 23 45.67 46.40 -16.44
C LYS F 23 45.37 45.09 -17.15
N ALA F 24 44.33 44.39 -16.70
CA ALA F 24 44.04 43.02 -17.10
C ALA F 24 42.85 42.96 -18.07
N SER F 25 42.84 41.90 -18.89
CA SER F 25 41.81 41.70 -19.90
C SER F 25 41.97 40.29 -20.45
N GLY F 26 40.89 39.80 -21.06
CA GLY F 26 40.87 38.45 -21.61
C GLY F 26 40.41 37.37 -20.67
N TYR F 27 39.96 37.72 -19.47
CA TYR F 27 39.55 36.72 -18.49
C TYR F 27 38.76 37.41 -17.40
N ILE F 28 38.00 36.62 -16.65
CA ILE F 28 37.26 37.12 -15.50
C ILE F 28 38.23 37.64 -14.44
N PHE F 29 38.28 38.96 -14.25
CA PHE F 29 39.36 39.53 -13.45
C PHE F 29 39.22 39.21 -11.97
N THR F 30 38.02 38.91 -11.48
CA THR F 30 37.84 38.60 -10.07
C THR F 30 38.11 37.15 -9.74
N SER F 31 38.54 36.35 -10.72
CA SER F 31 38.63 34.91 -10.58
C SER F 31 40.04 34.42 -10.35
N HIS F 32 41.02 35.32 -10.37
CA HIS F 32 42.42 34.98 -10.19
C HIS F 32 43.04 35.94 -9.19
N GLY F 33 44.28 35.66 -8.83
CA GLY F 33 45.08 36.61 -8.10
C GLY F 33 45.82 37.54 -9.04
N ILE F 34 46.52 38.50 -8.44
CA ILE F 34 47.54 39.27 -9.12
C ILE F 34 48.81 39.15 -8.31
N SER F 35 49.93 38.90 -8.99
CA SER F 35 51.21 38.77 -8.34
C SER F 35 52.19 39.76 -8.94
N TRP F 36 53.07 40.30 -8.11
CA TRP F 36 54.08 41.25 -8.51
C TRP F 36 55.46 40.67 -8.26
N VAL F 37 56.33 40.73 -9.26
CA VAL F 37 57.60 40.01 -9.24
C VAL F 37 58.66 40.90 -9.89
N ARG F 38 59.62 41.36 -9.10
CA ARG F 38 60.66 42.24 -9.63
C ARG F 38 61.91 41.46 -10.01
N GLN F 39 62.77 42.12 -10.80
CA GLN F 39 63.99 41.49 -11.32
C GLN F 39 64.96 42.62 -11.60
N ALA F 40 66.03 42.70 -10.80
CA ALA F 40 67.02 43.74 -10.96
C ALA F 40 67.90 43.44 -12.16
N PRO F 41 68.60 44.47 -12.70
CA PRO F 41 69.41 44.26 -13.91
C PRO F 41 70.38 43.08 -13.83
N GLY F 42 70.21 42.12 -14.74
CA GLY F 42 71.02 40.91 -14.80
C GLY F 42 70.78 39.92 -13.68
N GLN F 43 69.90 40.22 -12.73
CA GLN F 43 69.62 39.34 -11.61
C GLN F 43 68.43 38.43 -11.95
N GLY F 44 67.90 37.75 -10.94
CA GLY F 44 66.78 36.86 -11.11
C GLY F 44 65.51 37.36 -10.43
N LEU F 45 64.43 36.62 -10.69
CA LEU F 45 63.09 37.01 -10.25
C LEU F 45 62.96 36.91 -8.73
N GLU F 46 62.45 37.97 -8.11
CA GLU F 46 62.23 38.06 -6.68
C GLU F 46 60.73 38.25 -6.44
N TRP F 47 60.04 37.19 -6.00
CA TRP F 47 58.64 37.31 -5.67
C TRP F 47 58.43 38.40 -4.63
N MET F 48 57.48 39.31 -4.89
CA MET F 48 57.22 40.46 -4.04
C MET F 48 56.00 40.32 -3.16
N GLY F 49 55.02 39.55 -3.60
CA GLY F 49 53.70 39.57 -3.00
C GLY F 49 52.67 39.14 -4.01
N TRP F 50 51.44 38.97 -3.53
CA TRP F 50 50.29 38.77 -4.41
C TRP F 50 49.00 38.98 -3.66
N ILE F 51 47.95 39.24 -4.42
CA ILE F 51 46.68 39.71 -3.88
C ILE F 51 45.54 38.90 -4.50
N SER F 52 44.44 38.77 -3.76
CA SER F 52 43.21 38.22 -4.31
C SER F 52 42.35 39.35 -4.85
N VAL F 53 41.91 39.21 -6.10
CA VAL F 53 40.96 40.20 -6.57
C VAL F 53 39.61 39.96 -5.92
N TYR F 54 39.31 38.71 -5.53
CA TYR F 54 38.01 38.44 -4.94
C TYR F 54 37.94 38.86 -3.48
N ASN F 55 38.80 38.28 -2.63
CA ASN F 55 38.72 38.53 -1.18
C ASN F 55 39.34 39.88 -0.82
N GLY F 56 40.66 39.94 -0.94
CA GLY F 56 41.45 41.01 -0.39
C GLY F 56 42.76 40.45 0.14
N TYR F 57 42.79 39.12 0.29
CA TYR F 57 43.96 38.40 0.79
C TYR F 57 45.24 38.89 0.13
N THR F 58 46.19 39.30 0.96
CA THR F 58 47.50 39.75 0.53
C THR F 58 48.54 39.01 1.35
N ASN F 59 49.57 38.52 0.67
CA ASN F 59 50.77 38.02 1.33
C ASN F 59 51.96 38.74 0.71
N TYR F 60 52.60 39.60 1.48
CA TYR F 60 53.74 40.33 0.97
C TYR F 60 55.03 39.60 1.32
N ALA F 61 56.03 39.77 0.47
CA ALA F 61 57.34 39.23 0.79
C ALA F 61 57.87 39.91 2.04
N GLN F 62 58.70 39.18 2.78
CA GLN F 62 59.16 39.60 4.09
C GLN F 62 60.32 40.60 3.98
N ASN F 63 61.26 40.33 3.08
CA ASN F 63 62.38 41.22 2.81
C ASN F 63 61.95 42.63 2.38
N LEU F 64 60.69 42.83 2.03
CA LEU F 64 60.21 44.14 1.64
C LEU F 64 59.77 44.98 2.82
N GLN F 65 59.98 44.49 4.05
CA GLN F 65 59.75 45.21 5.29
C GLN F 65 58.56 46.19 5.24
N GLY F 66 57.38 45.68 4.93
CA GLY F 66 56.16 46.48 5.00
C GLY F 66 56.13 47.71 4.12
N ARG F 67 57.02 47.77 3.13
CA ARG F 67 57.08 48.91 2.21
C ARG F 67 56.11 48.80 1.04
N VAL F 68 55.47 47.65 0.83
CA VAL F 68 54.72 47.36 -0.39
C VAL F 68 53.24 47.25 -0.08
N THR F 69 52.42 47.76 -0.99
CA THR F 69 50.98 47.65 -0.90
C THR F 69 50.41 47.33 -2.27
N MET F 70 49.73 46.19 -2.37
CA MET F 70 49.06 45.77 -3.59
C MET F 70 47.58 46.05 -3.45
N THR F 71 47.00 46.70 -4.45
CA THR F 71 45.57 46.90 -4.50
C THR F 71 45.07 46.49 -5.89
N THR F 72 43.77 46.23 -5.95
CA THR F 72 43.06 46.06 -7.21
C THR F 72 41.81 46.94 -7.19
N ASP F 73 41.26 47.13 -8.39
CA ASP F 73 39.98 47.81 -8.59
C ASP F 73 39.25 46.98 -9.64
N THR F 74 38.41 46.04 -9.17
CA THR F 74 37.72 45.14 -10.09
C THR F 74 36.90 45.92 -11.11
N SER F 75 36.43 47.13 -10.71
CA SER F 75 35.61 47.96 -11.58
C SER F 75 36.32 48.29 -12.88
N THR F 76 37.65 48.43 -12.86
CA THR F 76 38.37 48.79 -14.07
C THR F 76 39.49 47.80 -14.40
N SER F 77 39.49 46.62 -13.77
CA SER F 77 40.42 45.52 -14.07
C SER F 77 41.88 46.01 -14.04
N THR F 78 42.22 46.71 -12.97
CA THR F 78 43.54 47.31 -12.84
C THR F 78 44.08 47.07 -11.44
N ALA F 79 45.10 46.21 -11.33
CA ALA F 79 45.79 46.01 -10.07
C ALA F 79 46.92 47.00 -9.94
N TYR F 80 47.24 47.37 -8.70
CA TYR F 80 48.27 48.36 -8.42
C TYR F 80 49.31 47.80 -7.46
N MET F 81 50.57 48.00 -7.78
CA MET F 81 51.69 47.78 -6.88
C MET F 81 52.16 49.13 -6.37
N GLU F 82 52.62 49.17 -5.13
CA GLU F 82 53.20 50.42 -4.65
C GLU F 82 54.33 50.15 -3.67
N LEU F 83 55.49 50.76 -3.94
CA LEU F 83 56.68 50.62 -3.11
C LEU F 83 57.03 51.98 -2.51
N ARG F 84 56.87 52.11 -1.20
CA ARG F 84 57.21 53.32 -0.46
C ARG F 84 58.69 53.31 -0.07
N SER F 85 59.22 54.50 0.24
CA SER F 85 60.58 54.68 0.75
C SER F 85 61.61 53.95 -0.11
N LEU F 86 61.93 54.51 -1.27
CA LEU F 86 62.76 53.80 -2.24
C LEU F 86 64.25 53.89 -1.90
N ARG F 87 64.96 52.80 -2.16
CA ARG F 87 66.42 52.75 -2.11
C ARG F 87 66.94 52.34 -3.49
N SER F 88 68.26 52.38 -3.65
CA SER F 88 68.86 52.07 -4.94
C SER F 88 68.69 50.60 -5.30
N ASP F 89 68.70 49.71 -4.30
CA ASP F 89 68.45 48.29 -4.53
C ASP F 89 67.11 48.05 -5.18
N ASP F 90 66.18 49.00 -5.06
CA ASP F 90 64.86 48.87 -5.67
C ASP F 90 64.88 49.01 -7.17
N THR F 91 66.01 49.28 -7.79
CA THR F 91 66.03 49.44 -9.24
C THR F 91 65.91 48.08 -9.89
N ALA F 92 64.77 47.85 -10.55
CA ALA F 92 64.44 46.54 -11.10
C ALA F 92 63.30 46.69 -12.09
N VAL F 93 63.13 45.66 -12.92
CA VAL F 93 61.91 45.54 -13.71
C VAL F 93 60.84 44.91 -12.85
N TYR F 94 59.68 45.55 -12.77
CA TYR F 94 58.59 45.09 -11.91
C TYR F 94 57.50 44.51 -12.79
N PHE F 95 57.31 43.21 -12.70
CA PHE F 95 56.27 42.55 -13.44
C PHE F 95 55.00 42.44 -12.59
N CYS F 96 53.87 42.47 -13.27
CA CYS F 96 52.63 41.94 -12.74
C CYS F 96 52.34 40.63 -13.45
N ALA F 97 51.55 39.79 -12.79
CA ALA F 97 51.30 38.47 -13.32
C ALA F 97 50.05 37.93 -12.66
N ARG F 98 49.17 37.36 -13.48
CA ARG F 98 48.03 36.64 -12.97
C ARG F 98 48.52 35.42 -12.20
N ALA F 99 47.94 35.20 -11.02
CA ALA F 99 48.30 34.06 -10.18
C ALA F 99 47.05 33.29 -9.75
N SER F 100 47.20 31.96 -9.73
CA SER F 100 46.14 31.02 -9.35
C SER F 100 46.78 29.81 -8.70
N GLN F 101 45.99 29.08 -7.91
CA GLN F 101 46.57 27.97 -7.13
C GLN F 101 47.10 26.87 -8.04
N ILE F 102 46.42 26.60 -9.14
CA ILE F 102 46.76 25.43 -9.94
C ILE F 102 47.86 25.79 -10.91
N ARG F 103 47.58 26.75 -11.79
CA ARG F 103 48.54 27.13 -12.83
C ARG F 103 49.74 27.91 -12.30
N GLY F 104 49.64 28.55 -11.13
CA GLY F 104 50.72 29.38 -10.65
C GLY F 104 50.65 30.79 -11.21
N VAL F 105 51.82 31.45 -11.28
CA VAL F 105 51.93 32.77 -11.88
C VAL F 105 52.16 32.57 -13.37
N ASP F 106 51.09 32.73 -14.16
CA ASP F 106 50.99 32.11 -15.49
C ASP F 106 51.11 33.10 -16.64
N TYR F 107 50.44 34.24 -16.59
CA TYR F 107 50.61 35.28 -17.60
C TYR F 107 51.28 36.49 -16.96
N TRP F 108 52.42 36.88 -17.54
CA TRP F 108 53.23 37.98 -17.01
C TRP F 108 53.05 39.20 -17.89
N GLY F 109 52.86 40.36 -17.25
CA GLY F 109 52.94 41.60 -17.98
C GLY F 109 54.33 41.81 -18.56
N GLN F 110 54.41 42.72 -19.54
CA GLN F 110 55.70 42.98 -20.18
C GLN F 110 56.71 43.61 -19.23
N GLY F 111 56.28 44.08 -18.07
CA GLY F 111 57.21 44.57 -17.07
C GLY F 111 57.40 46.08 -17.13
N THR F 112 57.64 46.67 -15.97
CA THR F 112 57.87 48.09 -15.83
C THR F 112 59.27 48.31 -15.26
N LEU F 113 60.05 49.17 -15.90
CA LEU F 113 61.39 49.51 -15.40
C LEU F 113 61.30 50.66 -14.40
N VAL F 114 61.94 50.49 -13.25
CA VAL F 114 61.97 51.53 -12.23
C VAL F 114 63.44 51.72 -11.86
N THR F 115 63.99 52.88 -12.20
CA THR F 115 65.36 53.23 -11.81
C THR F 115 65.30 54.16 -10.61
N VAL F 116 66.07 53.85 -9.58
CA VAL F 116 66.22 54.72 -8.43
C VAL F 116 67.66 55.22 -8.41
N SER F 117 67.84 56.55 -8.51
CA SER F 117 69.17 57.14 -8.63
C SER F 117 69.16 58.58 -8.15
N SER F 118 70.07 58.88 -7.22
CA SER F 118 70.17 60.23 -6.64
C SER F 118 70.64 61.26 -7.65
N ALA F 119 71.31 60.82 -8.72
CA ALA F 119 71.75 61.74 -9.75
C ALA F 119 70.56 62.43 -10.42
N SER F 120 70.77 63.67 -10.84
CA SER F 120 69.82 64.37 -11.69
C SER F 120 70.36 64.41 -13.11
N THR F 121 69.56 65.00 -14.01
CA THR F 121 69.94 65.07 -15.42
C THR F 121 71.30 65.74 -15.58
N LYS F 122 72.15 65.14 -16.40
CA LYS F 122 73.51 65.63 -16.66
C LYS F 122 73.98 65.18 -18.04
N GLY F 123 74.42 66.12 -18.85
CA GLY F 123 74.96 65.83 -20.16
C GLY F 123 76.36 65.25 -20.06
N PRO F 124 76.83 64.64 -21.16
CA PRO F 124 78.12 63.92 -21.10
C PRO F 124 79.33 64.75 -21.45
N SER F 125 80.50 64.13 -21.36
CA SER F 125 81.75 64.69 -21.86
C SER F 125 82.39 63.66 -22.79
N VAL F 126 82.74 64.10 -23.99
CA VAL F 126 83.18 63.21 -25.07
C VAL F 126 84.71 63.25 -25.14
N PHE F 127 85.33 62.08 -25.07
CA PHE F 127 86.79 61.98 -24.99
C PHE F 127 87.32 61.00 -26.01
N PRO F 128 88.16 61.44 -26.95
CA PRO F 128 88.63 60.55 -28.02
C PRO F 128 89.39 59.35 -27.48
N LEU F 129 89.12 58.18 -28.09
CA LEU F 129 89.89 56.97 -27.85
C LEU F 129 90.80 56.75 -29.05
N ALA F 130 91.94 57.46 -29.01
CA ALA F 130 92.84 57.58 -30.15
C ALA F 130 93.53 56.27 -30.47
N PRO F 131 94.17 56.16 -31.65
CA PRO F 131 94.92 54.94 -31.97
C PRO F 131 96.43 55.15 -32.02
N SER F 132 97.17 54.12 -31.61
CA SER F 132 98.61 54.05 -31.83
C SER F 132 98.95 52.59 -32.10
N SER F 133 100.24 52.28 -32.20
CA SER F 133 100.66 50.90 -32.47
C SER F 133 100.27 49.96 -31.32
N ALA F 142 92.40 49.63 -34.33
CA ALA F 142 91.17 49.95 -33.63
C ALA F 142 91.16 51.39 -33.10
N LEU F 143 90.06 52.09 -33.36
CA LEU F 143 89.90 53.51 -33.08
C LEU F 143 88.50 53.77 -32.54
N GLY F 144 88.38 54.67 -31.54
CA GLY F 144 87.08 55.05 -31.05
C GLY F 144 86.91 56.42 -30.41
N CYS F 145 85.97 56.53 -29.46
CA CYS F 145 85.80 57.73 -28.66
C CYS F 145 84.74 57.43 -27.60
N LEU F 146 84.97 57.81 -26.34
CA LEU F 146 84.10 57.41 -25.23
C LEU F 146 83.36 58.60 -24.65
N VAL F 147 82.13 58.34 -24.16
CA VAL F 147 81.31 59.32 -23.46
C VAL F 147 81.22 58.91 -21.99
N LYS F 148 81.48 59.86 -21.09
CA LYS F 148 81.56 59.61 -19.65
C LYS F 148 80.75 60.65 -18.89
N ASP F 149 80.19 60.21 -17.75
CA ASP F 149 79.52 61.07 -16.78
C ASP F 149 78.24 61.69 -17.33
N TYR F 150 77.20 60.88 -17.58
CA TYR F 150 75.92 61.35 -18.08
C TYR F 150 74.76 60.62 -17.40
N PHE F 151 73.56 61.23 -17.48
CA PHE F 151 72.35 60.65 -16.91
C PHE F 151 71.11 61.37 -17.45
N PRO F 152 70.01 60.64 -17.73
CA PRO F 152 69.96 59.17 -17.66
C PRO F 152 70.31 58.56 -19.02
N GLU F 153 70.29 57.24 -19.13
CA GLU F 153 70.29 56.66 -20.47
C GLU F 153 68.96 56.99 -21.14
N PRO F 154 68.92 57.05 -22.49
CA PRO F 154 69.81 56.60 -23.56
C PRO F 154 70.78 57.63 -24.08
N VAL F 155 71.57 57.20 -25.05
CA VAL F 155 72.53 58.07 -25.70
C VAL F 155 72.95 57.48 -27.06
N THR F 156 72.94 58.30 -28.10
CA THR F 156 73.25 57.90 -29.46
C THR F 156 74.68 58.29 -29.80
N VAL F 157 75.26 57.60 -30.78
CA VAL F 157 76.51 58.05 -31.38
C VAL F 157 76.66 57.46 -32.78
N SER F 158 76.84 58.34 -33.76
CA SER F 158 77.13 58.01 -35.15
C SER F 158 78.48 58.61 -35.53
N TRP F 159 78.99 58.21 -36.69
CA TRP F 159 80.29 58.67 -37.15
C TRP F 159 80.16 59.28 -38.54
N ASN F 160 80.92 60.35 -38.77
CA ASN F 160 80.86 61.11 -40.02
C ASN F 160 79.42 61.43 -40.39
N SER F 161 78.69 61.98 -39.41
CA SER F 161 77.30 62.39 -39.58
C SER F 161 76.49 61.30 -40.29
N GLY F 162 76.45 60.11 -39.67
CA GLY F 162 75.71 59.00 -40.20
C GLY F 162 76.24 58.39 -41.47
N ALA F 163 77.21 59.04 -42.14
CA ALA F 163 77.77 58.50 -43.37
C ALA F 163 78.63 57.27 -43.07
N LEU F 164 79.61 57.43 -42.19
CA LEU F 164 80.44 56.30 -41.76
C LEU F 164 79.62 55.36 -40.88
N THR F 165 79.37 54.16 -41.38
CA THR F 165 78.62 53.19 -40.61
C THR F 165 79.32 51.85 -40.48
N SER F 166 80.30 51.55 -41.33
CA SER F 166 80.88 50.21 -41.41
C SER F 166 81.85 50.01 -40.26
N GLY F 167 81.63 48.95 -39.48
CA GLY F 167 82.46 48.65 -38.34
C GLY F 167 82.03 49.29 -37.03
N VAL F 168 81.13 50.27 -37.08
CA VAL F 168 80.72 50.98 -35.88
C VAL F 168 80.18 50.00 -34.85
N HIS F 169 80.65 50.13 -33.62
CA HIS F 169 80.19 49.33 -32.50
C HIS F 169 80.15 50.21 -31.26
N THR F 170 78.96 50.66 -30.89
CA THR F 170 78.74 51.27 -29.58
C THR F 170 78.45 50.15 -28.60
N PHE F 171 79.09 50.20 -27.45
CA PHE F 171 79.08 49.10 -26.49
C PHE F 171 77.92 49.23 -25.53
N PRO F 172 77.63 48.18 -24.76
CA PRO F 172 76.77 48.35 -23.59
C PRO F 172 77.31 49.45 -22.69
N ALA F 173 76.47 50.43 -22.40
CA ALA F 173 76.85 51.47 -21.47
C ALA F 173 77.05 50.87 -20.08
N VAL F 174 77.96 51.48 -19.31
CA VAL F 174 78.32 50.95 -18.01
C VAL F 174 78.07 52.01 -16.94
N LEU F 175 77.46 51.57 -15.84
CA LEU F 175 77.08 52.45 -14.75
C LEU F 175 78.09 52.28 -13.63
N GLN F 176 78.87 53.34 -13.37
CA GLN F 176 79.86 53.32 -12.31
C GLN F 176 79.16 53.50 -10.95
N SER F 177 79.96 53.71 -9.90
CA SER F 177 79.40 53.87 -8.56
C SER F 177 78.66 55.19 -8.41
N SER F 178 79.11 56.24 -9.09
CA SER F 178 78.59 57.59 -8.94
C SER F 178 77.27 57.83 -9.67
N GLY F 179 76.54 56.78 -10.06
CA GLY F 179 75.22 56.94 -10.63
C GLY F 179 75.16 57.50 -12.04
N LEU F 180 76.29 57.60 -12.73
CA LEU F 180 76.37 58.12 -14.10
C LEU F 180 76.91 57.04 -15.02
N TYR F 181 76.24 56.83 -16.16
CA TYR F 181 76.70 55.83 -17.12
C TYR F 181 77.93 56.33 -17.88
N SER F 182 78.47 55.47 -18.74
CA SER F 182 79.58 55.84 -19.63
C SER F 182 79.77 54.74 -20.68
N LEU F 183 80.20 55.17 -21.85
CA LEU F 183 80.24 54.32 -23.05
C LEU F 183 81.65 54.13 -23.56
N SER F 184 81.74 53.29 -24.60
CA SER F 184 82.82 53.29 -25.57
C SER F 184 82.20 52.97 -26.93
N SER F 185 82.66 53.67 -27.96
CA SER F 185 82.19 53.47 -29.33
C SER F 185 83.40 53.49 -30.27
N VAL F 186 83.71 52.35 -30.88
CA VAL F 186 84.95 52.21 -31.64
C VAL F 186 84.66 51.80 -33.07
N VAL F 187 85.52 52.24 -33.99
CA VAL F 187 85.45 51.93 -35.41
C VAL F 187 86.75 51.28 -35.83
N THR F 188 86.72 49.97 -36.10
CA THR F 188 87.89 49.27 -36.61
C THR F 188 88.12 49.64 -38.07
N VAL F 189 89.36 49.96 -38.42
CA VAL F 189 89.64 50.81 -39.59
C VAL F 189 90.83 50.32 -40.41
N PRO F 190 90.76 50.45 -41.77
CA PRO F 190 91.96 50.28 -42.60
C PRO F 190 93.10 51.11 -42.06
N SER F 191 94.17 50.42 -41.64
CA SER F 191 95.30 51.08 -40.98
C SER F 191 95.82 52.29 -41.77
N SER F 192 95.68 52.25 -43.09
CA SER F 192 96.18 53.27 -44.02
C SER F 192 95.37 54.55 -44.03
N SER F 193 94.26 54.60 -43.28
CA SER F 193 93.29 55.66 -43.48
C SER F 193 93.76 56.98 -42.88
N LEU F 194 94.43 56.90 -41.73
CA LEU F 194 94.72 58.05 -40.88
C LEU F 194 95.63 59.08 -41.53
N GLY F 195 95.96 58.90 -42.81
CA GLY F 195 96.71 59.91 -43.53
C GLY F 195 95.84 61.08 -43.95
N THR F 196 94.74 60.77 -44.66
CA THR F 196 93.78 61.76 -45.11
C THR F 196 92.35 61.51 -44.64
N GLN F 197 92.06 60.30 -44.15
CA GLN F 197 90.68 59.95 -43.80
C GLN F 197 90.26 60.57 -42.48
N THR F 198 89.05 61.11 -42.46
CA THR F 198 88.51 61.79 -41.30
C THR F 198 87.67 60.85 -40.45
N TYR F 199 87.78 60.98 -39.12
CA TYR F 199 86.99 60.17 -38.18
C TYR F 199 86.45 61.07 -37.07
N ILE F 200 85.15 61.33 -37.10
CA ILE F 200 84.46 62.16 -36.13
C ILE F 200 83.29 61.36 -35.56
N CYS F 201 83.02 61.50 -34.26
CA CYS F 201 81.90 60.83 -33.62
C CYS F 201 80.82 61.84 -33.23
N ASN F 202 79.60 61.60 -33.69
CA ASN F 202 78.45 62.49 -33.46
C ASN F 202 77.64 61.99 -32.26
N VAL F 203 77.88 62.58 -31.09
CA VAL F 203 77.17 62.20 -29.86
C VAL F 203 75.95 63.09 -29.67
N ASN F 204 74.99 62.58 -28.89
CA ASN F 204 73.73 63.26 -28.65
C ASN F 204 73.06 62.60 -27.45
N HIS F 205 72.50 63.42 -26.55
CA HIS F 205 71.85 62.92 -25.34
C HIS F 205 70.68 63.86 -25.04
N LYS F 206 69.53 63.59 -25.66
CA LYS F 206 68.42 64.54 -25.61
C LYS F 206 67.91 64.80 -24.20
N PRO F 207 67.85 63.80 -23.26
CA PRO F 207 67.48 64.11 -21.86
C PRO F 207 68.10 65.38 -21.29
N SER F 208 69.27 65.82 -21.80
CA SER F 208 69.92 67.03 -21.34
C SER F 208 70.13 68.08 -22.43
N ASN F 209 69.93 67.74 -23.70
CA ASN F 209 70.12 68.67 -24.82
C ASN F 209 71.57 69.13 -24.94
N THR F 210 72.43 68.15 -25.24
CA THR F 210 73.80 68.34 -25.68
C THR F 210 73.97 67.59 -27.00
N LYS F 211 74.54 68.27 -28.01
CA LYS F 211 74.77 67.68 -29.34
C LYS F 211 76.25 67.90 -29.69
N VAL F 212 77.12 67.03 -29.17
CA VAL F 212 78.56 67.20 -29.29
C VAL F 212 79.11 66.43 -30.48
N ASP F 213 80.04 67.03 -31.20
CA ASP F 213 80.81 66.38 -32.25
C ASP F 213 82.28 66.55 -31.91
N LYS F 214 82.99 65.43 -31.77
CA LYS F 214 84.39 65.46 -31.37
C LYS F 214 85.22 64.67 -32.37
N ARG F 215 86.25 65.32 -32.92
CA ARG F 215 87.13 64.71 -33.91
C ARG F 215 88.28 63.96 -33.25
N VAL F 216 88.57 62.76 -33.75
CA VAL F 216 89.59 61.89 -33.20
C VAL F 216 90.76 61.82 -34.18
N GLU F 217 91.98 61.78 -33.64
CA GLU F 217 93.23 61.65 -34.40
C GLU F 217 94.23 60.90 -33.53
N PRO F 218 95.44 60.57 -34.06
CA PRO F 218 96.55 60.15 -33.20
C PRO F 218 97.62 61.24 -33.03
N SER G 2 -69.63 -34.88 16.39
CA SER G 2 -68.20 -34.78 16.61
C SER G 2 -67.87 -33.69 17.63
N VAL G 3 -66.96 -32.77 17.29
CA VAL G 3 -66.51 -31.75 18.23
C VAL G 3 -66.73 -30.35 17.65
N LEU G 4 -66.68 -30.22 16.34
CA LEU G 4 -66.97 -28.96 15.65
C LEU G 4 -68.18 -29.15 14.73
N THR G 5 -68.70 -28.03 14.24
CA THR G 5 -69.94 -28.02 13.46
C THR G 5 -69.85 -27.03 12.32
N GLN G 6 -70.29 -27.45 11.14
CA GLN G 6 -70.39 -26.60 9.96
C GLN G 6 -71.60 -27.03 9.15
N PRO G 7 -72.18 -26.13 8.35
CA PRO G 7 -73.35 -26.50 7.53
C PRO G 7 -73.03 -27.69 6.65
N PRO G 8 -73.98 -28.58 6.42
CA PRO G 8 -73.67 -29.80 5.66
C PRO G 8 -73.48 -29.54 4.18
N SER G 9 -73.94 -28.39 3.67
CA SER G 9 -73.81 -28.11 2.24
C SER G 9 -73.63 -26.62 2.00
N ALA G 10 -73.34 -26.29 0.75
CA ALA G 10 -73.35 -24.92 0.27
C ALA G 10 -73.63 -24.96 -1.22
N SER G 11 -74.10 -23.83 -1.76
CA SER G 11 -74.40 -23.72 -3.18
C SER G 11 -73.72 -22.49 -3.75
N GLY G 12 -73.74 -22.37 -5.07
CA GLY G 12 -73.09 -21.23 -5.69
C GLY G 12 -73.32 -21.20 -7.18
N THR G 13 -72.97 -20.07 -7.77
CA THR G 13 -73.12 -19.79 -9.19
C THR G 13 -71.71 -19.45 -9.69
N PRO G 14 -71.45 -19.40 -11.02
CA PRO G 14 -70.14 -18.92 -11.48
C PRO G 14 -69.69 -17.61 -10.86
N GLY G 15 -68.78 -17.69 -9.89
CA GLY G 15 -68.11 -16.55 -9.28
C GLY G 15 -68.90 -15.78 -8.24
N GLN G 16 -69.53 -16.48 -7.30
CA GLN G 16 -70.48 -15.88 -6.36
C GLN G 16 -69.99 -15.89 -4.91
N ARG G 17 -68.69 -16.08 -4.69
CA ARG G 17 -68.07 -15.98 -3.37
C ARG G 17 -68.91 -16.63 -2.27
N VAL G 18 -69.06 -17.96 -2.30
CA VAL G 18 -69.84 -18.61 -1.26
C VAL G 18 -69.13 -18.52 0.08
N THR G 19 -69.91 -18.67 1.15
CA THR G 19 -69.42 -18.62 2.51
C THR G 19 -69.64 -19.98 3.18
N ILE G 20 -69.01 -20.14 4.34
CA ILE G 20 -68.98 -21.39 5.07
C ILE G 20 -68.50 -21.08 6.48
N SER G 21 -68.96 -21.81 7.49
CA SER G 21 -68.73 -21.44 8.89
C SER G 21 -68.28 -22.66 9.68
N CYS G 22 -67.42 -22.41 10.70
CA CYS G 22 -66.93 -23.43 11.64
C CYS G 22 -66.96 -22.85 13.04
N SER G 23 -67.64 -23.52 13.97
CA SER G 23 -67.92 -22.94 15.27
C SER G 23 -67.60 -23.91 16.41
N GLY G 24 -66.79 -23.44 17.37
CA GLY G 24 -66.42 -24.21 18.55
C GLY G 24 -66.53 -23.35 19.80
N SER G 25 -65.62 -23.57 20.74
CA SER G 25 -65.67 -22.94 22.06
C SER G 25 -64.40 -22.11 22.30
N SER G 26 -64.22 -21.71 23.56
CA SER G 26 -62.96 -21.10 23.99
C SER G 26 -61.82 -22.11 23.85
N SER G 27 -62.08 -23.37 24.19
CA SER G 27 -61.05 -24.40 24.22
C SER G 27 -60.49 -24.72 22.84
N ASN G 28 -61.12 -24.28 21.75
CA ASN G 28 -60.53 -24.47 20.44
C ASN G 28 -60.38 -23.15 19.69
N ILE G 29 -61.46 -22.66 19.08
CA ILE G 29 -61.36 -21.50 18.20
C ILE G 29 -60.88 -20.26 18.95
N GLY G 30 -61.11 -20.21 20.27
CA GLY G 30 -60.75 -19.06 21.08
C GLY G 30 -59.29 -18.67 21.04
N SER G 31 -58.41 -19.49 21.60
CA SER G 31 -57.03 -19.12 21.82
C SER G 31 -56.06 -19.74 20.81
N ASN G 32 -56.53 -20.62 19.93
CA ASN G 32 -55.68 -21.40 19.06
C ASN G 32 -55.89 -21.02 17.61
N TYR G 33 -55.01 -21.55 16.74
CA TYR G 33 -55.15 -21.37 15.30
C TYR G 33 -56.18 -22.39 14.74
N VAL G 34 -56.64 -22.13 13.51
CA VAL G 34 -57.69 -22.91 12.87
C VAL G 34 -57.34 -23.14 11.41
N TYR G 35 -57.29 -24.39 10.97
CA TYR G 35 -56.87 -24.73 9.62
C TYR G 35 -58.03 -25.32 8.82
N TRP G 36 -57.97 -25.15 7.49
CA TRP G 36 -59.05 -25.59 6.62
C TRP G 36 -58.51 -26.45 5.47
N TYR G 37 -59.23 -27.53 5.16
CA TYR G 37 -58.81 -28.55 4.20
C TYR G 37 -59.81 -28.70 3.07
N GLN G 38 -59.30 -29.10 1.90
CA GLN G 38 -60.09 -29.45 0.72
C GLN G 38 -59.99 -30.94 0.46
N GLN G 39 -61.13 -31.64 0.37
CA GLN G 39 -61.12 -33.09 0.08
C GLN G 39 -61.95 -33.39 -1.16
N PHE G 40 -61.25 -33.75 -2.25
CA PHE G 40 -61.83 -34.26 -3.48
C PHE G 40 -62.03 -35.76 -3.36
N PRO G 41 -63.16 -36.31 -3.80
CA PRO G 41 -63.54 -37.68 -3.43
C PRO G 41 -62.49 -38.70 -3.81
N GLY G 42 -62.18 -39.60 -2.88
CA GLY G 42 -61.14 -40.59 -3.11
C GLY G 42 -59.75 -39.99 -3.17
N THR G 43 -59.45 -39.02 -2.30
CA THR G 43 -58.11 -38.46 -2.21
C THR G 43 -57.87 -37.99 -0.79
N ALA G 44 -56.61 -37.96 -0.39
CA ALA G 44 -56.29 -37.40 0.91
C ALA G 44 -56.60 -35.91 0.92
N PRO G 45 -56.83 -35.34 2.11
CA PRO G 45 -57.14 -33.90 2.20
C PRO G 45 -55.93 -33.05 1.90
N LYS G 46 -56.17 -31.93 1.24
CA LYS G 46 -55.15 -30.99 0.79
C LYS G 46 -55.31 -29.72 1.63
N LEU G 47 -54.34 -29.46 2.51
CA LEU G 47 -54.43 -28.29 3.39
C LEU G 47 -54.54 -27.01 2.57
N LEU G 48 -55.50 -26.17 2.95
CA LEU G 48 -55.80 -24.95 2.22
C LEU G 48 -55.36 -23.69 2.94
N ILE G 49 -55.58 -23.61 4.26
CA ILE G 49 -55.20 -22.45 5.03
C ILE G 49 -54.72 -22.90 6.40
N TYR G 50 -53.55 -22.41 6.81
CA TYR G 50 -52.98 -22.63 8.13
C TYR G 50 -52.98 -21.32 8.91
N GLY G 51 -52.56 -21.39 10.16
CA GLY G 51 -52.74 -20.26 11.06
C GLY G 51 -54.21 -19.92 11.12
N ASN G 52 -54.59 -18.76 10.60
CA ASN G 52 -56.00 -18.42 10.50
C ASN G 52 -56.28 -17.83 9.13
N ASN G 53 -55.34 -17.06 8.60
CA ASN G 53 -55.46 -16.44 7.28
C ASN G 53 -54.29 -16.73 6.38
N GLN G 54 -53.46 -17.70 6.71
CA GLN G 54 -52.22 -17.96 5.99
C GLN G 54 -52.42 -19.11 5.03
N ARG G 55 -52.04 -18.88 3.74
CA ARG G 55 -52.17 -19.85 2.66
C ARG G 55 -50.78 -20.33 2.21
N PRO G 56 -50.62 -21.64 1.91
CA PRO G 56 -49.32 -22.12 1.44
C PRO G 56 -49.16 -22.08 -0.06
N SER G 57 -48.18 -22.80 -0.59
CA SER G 57 -47.95 -22.81 -2.03
C SER G 57 -49.15 -23.41 -2.75
N GLY G 58 -49.12 -23.31 -4.08
CA GLY G 58 -50.20 -23.81 -4.89
C GLY G 58 -51.51 -23.07 -4.72
N VAL G 59 -51.93 -22.85 -3.47
CA VAL G 59 -53.24 -22.29 -3.15
C VAL G 59 -53.40 -20.93 -3.83
N PRO G 60 -54.44 -20.74 -4.63
CA PRO G 60 -54.59 -19.49 -5.36
C PRO G 60 -54.84 -18.31 -4.43
N ASP G 61 -54.63 -17.10 -4.98
CA ASP G 61 -55.11 -15.88 -4.31
C ASP G 61 -56.60 -15.96 -4.02
N ARG G 62 -57.30 -16.89 -4.69
CA ARG G 62 -58.74 -17.05 -4.55
C ARG G 62 -59.14 -17.46 -3.13
N PHE G 63 -58.56 -18.55 -2.63
CA PHE G 63 -58.98 -19.07 -1.34
C PHE G 63 -58.43 -18.21 -0.21
N SER G 64 -59.33 -17.75 0.66
CA SER G 64 -58.94 -16.90 1.79
C SER G 64 -59.92 -17.17 2.92
N GLY G 65 -59.56 -16.67 4.10
CA GLY G 65 -60.36 -16.90 5.28
C GLY G 65 -60.26 -15.81 6.33
N SER G 66 -60.78 -16.09 7.53
CA SER G 66 -60.82 -15.15 8.64
C SER G 66 -61.36 -15.87 9.86
N LYS G 67 -61.25 -15.22 11.02
CA LYS G 67 -61.74 -15.75 12.29
C LYS G 67 -62.26 -14.61 13.16
N SER G 68 -63.35 -14.88 13.90
CA SER G 68 -63.92 -13.89 14.80
C SER G 68 -64.55 -14.61 16.00
N GLY G 69 -63.98 -14.37 17.18
CA GLY G 69 -64.52 -14.97 18.38
C GLY G 69 -64.34 -16.48 18.32
N THR G 70 -65.44 -17.20 18.55
CA THR G 70 -65.45 -18.65 18.41
C THR G 70 -65.98 -19.09 17.05
N SER G 71 -65.85 -18.23 16.04
CA SER G 71 -66.27 -18.53 14.67
C SER G 71 -65.10 -18.27 13.74
N ALA G 72 -64.77 -19.28 12.93
CA ALA G 72 -63.83 -19.12 11.82
C ALA G 72 -64.56 -19.50 10.52
N SER G 73 -64.40 -18.68 9.50
CA SER G 73 -65.18 -18.86 8.28
C SER G 73 -64.34 -18.46 7.08
N LEU G 74 -64.44 -19.24 6.00
CA LEU G 74 -63.70 -19.00 4.77
C LEU G 74 -64.61 -18.63 3.60
N ALA G 75 -64.04 -17.86 2.69
CA ALA G 75 -64.69 -17.48 1.45
C ALA G 75 -63.90 -18.07 0.29
N ILE G 76 -64.62 -18.70 -0.64
CA ILE G 76 -63.98 -19.35 -1.79
C ILE G 76 -63.87 -18.41 -2.98
N SER G 77 -64.44 -17.20 -2.87
CA SER G 77 -64.19 -16.08 -3.80
C SER G 77 -64.60 -16.53 -5.20
N GLY G 78 -63.84 -16.24 -6.24
CA GLY G 78 -64.22 -16.61 -7.60
C GLY G 78 -64.47 -18.10 -7.76
N LEU G 79 -65.57 -18.50 -8.40
CA LEU G 79 -65.95 -19.91 -8.48
C LEU G 79 -65.69 -20.46 -9.86
N ARG G 80 -64.91 -21.53 -9.90
CA ARG G 80 -64.88 -22.48 -11.00
C ARG G 80 -65.30 -23.83 -10.42
N SER G 81 -66.13 -24.57 -11.16
CA SER G 81 -66.65 -25.82 -10.63
C SER G 81 -65.54 -26.75 -10.18
N GLU G 82 -64.31 -26.50 -10.66
CA GLU G 82 -63.09 -27.13 -10.16
C GLU G 82 -63.02 -27.14 -8.63
N ASP G 83 -63.80 -26.30 -7.96
CA ASP G 83 -63.84 -26.22 -6.51
C ASP G 83 -64.85 -27.17 -5.87
N GLU G 84 -65.73 -27.80 -6.66
CA GLU G 84 -66.78 -28.65 -6.13
C GLU G 84 -66.19 -29.76 -5.26
N ALA G 85 -66.30 -29.65 -3.94
CA ALA G 85 -65.62 -30.60 -3.07
C ALA G 85 -66.26 -30.61 -1.70
N ASP G 86 -65.66 -31.40 -0.81
CA ASP G 86 -65.87 -31.33 0.62
C ASP G 86 -64.83 -30.38 1.20
N TYR G 87 -65.18 -29.75 2.32
CA TYR G 87 -64.30 -28.78 2.97
C TYR G 87 -64.39 -28.94 4.48
N TYR G 88 -63.26 -29.27 5.11
CA TYR G 88 -63.20 -29.58 6.53
C TYR G 88 -62.36 -28.55 7.27
N CYS G 89 -62.81 -28.18 8.47
CA CYS G 89 -62.10 -27.25 9.34
C CYS G 89 -61.50 -28.01 10.53
N ALA G 90 -60.51 -27.39 11.15
CA ALA G 90 -59.84 -27.99 12.29
C ALA G 90 -59.13 -26.91 13.08
N ALA G 91 -59.04 -27.13 14.40
CA ALA G 91 -58.23 -26.32 15.27
C ALA G 91 -57.62 -27.22 16.35
N TRP G 92 -56.69 -26.65 17.11
CA TRP G 92 -56.24 -27.30 18.32
C TRP G 92 -57.29 -27.14 19.42
N ASP G 93 -57.14 -27.92 20.48
CA ASP G 93 -57.99 -27.76 21.65
C ASP G 93 -57.14 -28.01 22.90
N ASP G 94 -56.70 -26.94 23.54
CA ASP G 94 -55.82 -27.02 24.70
C ASP G 94 -56.31 -27.98 25.76
N SER G 95 -57.62 -28.26 25.79
CA SER G 95 -58.22 -29.11 26.81
C SER G 95 -57.99 -30.60 26.56
N LEU G 96 -58.79 -31.43 27.24
CA LEU G 96 -58.87 -32.85 26.96
C LEU G 96 -59.79 -33.14 25.79
N SER G 97 -60.72 -32.22 25.48
CA SER G 97 -61.52 -32.31 24.26
C SER G 97 -60.66 -32.43 23.01
N GLY G 98 -59.37 -32.12 23.10
CA GLY G 98 -58.49 -32.21 21.98
C GLY G 98 -57.45 -33.31 22.12
N PRO G 99 -56.18 -32.99 21.81
CA PRO G 99 -55.68 -31.64 21.50
C PRO G 99 -55.97 -31.17 20.07
N TRP G 100 -56.63 -32.02 19.29
CA TRP G 100 -56.91 -31.72 17.89
C TRP G 100 -58.33 -32.15 17.55
N VAL G 101 -59.09 -31.26 16.92
CA VAL G 101 -60.47 -31.54 16.56
C VAL G 101 -60.71 -31.10 15.12
N PHE G 102 -61.68 -31.76 14.48
CA PHE G 102 -62.07 -31.59 13.09
C PHE G 102 -63.53 -31.17 12.99
N GLY G 103 -63.93 -30.79 11.77
CA GLY G 103 -65.32 -30.53 11.44
C GLY G 103 -66.02 -31.70 10.74
N GLY G 104 -67.32 -31.55 10.56
CA GLY G 104 -68.04 -32.55 9.83
C GLY G 104 -67.91 -32.44 8.33
N GLY G 105 -67.20 -31.42 7.87
CA GLY G 105 -67.06 -31.16 6.46
C GLY G 105 -68.31 -30.51 5.87
N THR G 106 -68.12 -29.88 4.71
CA THR G 106 -69.20 -29.22 3.98
C THR G 106 -68.97 -29.49 2.50
N GLN G 107 -69.76 -30.41 1.95
CA GLN G 107 -69.73 -30.60 0.50
C GLN G 107 -70.39 -29.38 -0.15
N VAL G 108 -69.76 -28.86 -1.19
CA VAL G 108 -70.21 -27.62 -1.82
C VAL G 108 -70.45 -27.87 -3.31
N THR G 109 -71.67 -27.62 -3.75
CA THR G 109 -72.07 -27.80 -5.14
C THR G 109 -72.37 -26.45 -5.78
N VAL G 110 -72.29 -26.41 -7.11
CA VAL G 110 -72.58 -25.20 -7.87
C VAL G 110 -73.94 -25.33 -8.54
N LEU G 111 -74.66 -24.19 -8.65
CA LEU G 111 -76.05 -24.17 -9.06
C LEU G 111 -76.24 -24.28 -10.57
N GLY G 112 -75.16 -24.22 -11.36
CA GLY G 112 -75.30 -24.02 -12.79
C GLY G 112 -76.13 -25.10 -13.49
N GLN G 113 -75.80 -26.36 -13.24
CA GLN G 113 -76.30 -27.46 -14.07
C GLN G 113 -77.81 -27.65 -13.91
N PRO G 114 -78.51 -28.01 -15.00
CA PRO G 114 -79.97 -28.13 -14.95
C PRO G 114 -80.43 -29.38 -14.20
N LYS G 115 -81.71 -29.40 -13.92
CA LYS G 115 -82.33 -30.59 -13.34
C LYS G 115 -82.44 -31.69 -14.41
N ALA G 116 -81.92 -32.87 -14.09
CA ALA G 116 -82.06 -34.07 -14.93
C ALA G 116 -82.88 -35.11 -14.19
N ALA G 117 -83.53 -35.98 -14.95
CA ALA G 117 -84.36 -37.02 -14.37
C ALA G 117 -83.71 -38.40 -14.53
N PRO G 118 -83.85 -39.28 -13.53
CA PRO G 118 -83.21 -40.59 -13.61
C PRO G 118 -83.76 -41.43 -14.74
N SER G 119 -82.85 -42.16 -15.40
CA SER G 119 -83.19 -43.15 -16.41
C SER G 119 -82.94 -44.53 -15.81
N VAL G 120 -84.02 -45.27 -15.52
CA VAL G 120 -83.88 -46.46 -14.70
C VAL G 120 -84.07 -47.71 -15.56
N THR G 121 -83.38 -48.78 -15.16
CA THR G 121 -83.51 -50.10 -15.75
C THR G 121 -83.61 -51.12 -14.62
N LEU G 122 -84.50 -52.10 -14.79
CA LEU G 122 -84.70 -53.15 -13.81
C LEU G 122 -84.49 -54.50 -14.46
N PHE G 123 -83.61 -55.29 -13.91
CA PHE G 123 -83.46 -56.62 -14.45
C PHE G 123 -84.05 -57.65 -13.50
N PRO G 124 -84.71 -58.67 -14.03
CA PRO G 124 -85.26 -59.71 -13.18
C PRO G 124 -84.22 -60.78 -12.91
N PRO G 125 -84.51 -61.79 -12.08
CA PRO G 125 -83.55 -62.88 -11.93
C PRO G 125 -83.27 -63.53 -13.26
N SER G 126 -81.98 -63.69 -13.56
CA SER G 126 -81.58 -64.46 -14.71
C SER G 126 -81.91 -65.92 -14.51
N SER G 127 -82.25 -66.60 -15.61
CA SER G 127 -82.34 -68.05 -15.58
C SER G 127 -81.12 -68.65 -14.87
N GLU G 128 -79.92 -68.13 -15.16
CA GLU G 128 -78.70 -68.70 -14.59
C GLU G 128 -78.68 -68.58 -13.07
N GLU G 129 -79.31 -67.53 -12.51
CA GLU G 129 -79.30 -67.37 -11.05
C GLU G 129 -80.39 -68.21 -10.39
N LEU G 130 -81.60 -68.24 -10.95
CA LEU G 130 -82.64 -69.11 -10.41
C LEU G 130 -82.17 -70.55 -10.33
N GLN G 131 -81.30 -70.96 -11.25
CA GLN G 131 -80.69 -72.28 -11.16
C GLN G 131 -79.96 -72.49 -9.85
N ALA G 132 -79.29 -71.44 -9.34
CA ALA G 132 -78.53 -71.52 -8.10
C ALA G 132 -79.39 -71.26 -6.87
N ASN G 133 -80.71 -71.29 -7.00
CA ASN G 133 -81.65 -71.14 -5.89
C ASN G 133 -81.61 -69.75 -5.27
N LYS G 134 -81.36 -68.72 -6.09
CA LYS G 134 -81.37 -67.34 -5.65
C LYS G 134 -82.12 -66.50 -6.67
N ALA G 135 -82.43 -65.28 -6.28
CA ALA G 135 -83.08 -64.33 -7.16
C ALA G 135 -82.54 -62.96 -6.80
N THR G 136 -82.27 -62.14 -7.81
CA THR G 136 -81.77 -60.80 -7.56
C THR G 136 -82.38 -59.84 -8.57
N LEU G 137 -83.08 -58.84 -8.08
CA LEU G 137 -83.57 -57.76 -8.91
C LEU G 137 -82.55 -56.63 -8.89
N VAL G 138 -82.12 -56.20 -10.08
CA VAL G 138 -81.06 -55.21 -10.24
C VAL G 138 -81.67 -53.94 -10.85
N CYS G 139 -81.77 -52.88 -10.05
CA CYS G 139 -82.38 -51.63 -10.48
C CYS G 139 -81.30 -50.57 -10.64
N LEU G 140 -81.18 -50.02 -11.84
CA LEU G 140 -80.07 -49.14 -12.16
C LEU G 140 -80.58 -47.74 -12.46
N ILE G 141 -80.28 -46.81 -11.56
CA ILE G 141 -80.68 -45.41 -11.68
C ILE G 141 -79.47 -44.63 -12.21
N SER G 142 -79.67 -43.83 -13.26
CA SER G 142 -78.55 -43.11 -13.86
C SER G 142 -78.99 -41.82 -14.54
N ASP G 143 -77.98 -41.03 -14.93
CA ASP G 143 -78.13 -39.79 -15.70
C ASP G 143 -78.96 -38.72 -14.99
N PHE G 144 -79.16 -38.82 -13.69
CA PHE G 144 -79.97 -37.85 -12.99
C PHE G 144 -79.11 -36.75 -12.37
N TYR G 145 -79.77 -35.69 -11.92
CA TYR G 145 -79.12 -34.57 -11.21
C TYR G 145 -80.17 -33.66 -10.62
N PRO G 146 -79.97 -33.16 -9.38
CA PRO G 146 -78.84 -33.39 -8.46
C PRO G 146 -78.80 -34.81 -7.91
N GLY G 147 -77.63 -35.27 -7.47
CA GLY G 147 -77.49 -36.64 -6.99
C GLY G 147 -78.28 -36.97 -5.75
N ALA G 148 -79.60 -36.74 -5.78
CA ALA G 148 -80.46 -36.92 -4.62
C ALA G 148 -81.69 -37.70 -5.05
N VAL G 149 -81.77 -38.96 -4.62
CA VAL G 149 -82.78 -39.89 -5.12
C VAL G 149 -83.13 -40.85 -4.00
N THR G 150 -84.40 -41.26 -3.93
CA THR G 150 -84.82 -42.30 -3.01
C THR G 150 -85.53 -43.40 -3.78
N VAL G 151 -85.20 -44.64 -3.45
CA VAL G 151 -85.70 -45.81 -4.17
C VAL G 151 -86.57 -46.63 -3.21
N ALA G 152 -87.63 -47.21 -3.75
CA ALA G 152 -88.59 -48.00 -2.97
C ALA G 152 -89.02 -49.20 -3.80
N TRP G 153 -88.91 -50.39 -3.22
CA TRP G 153 -89.33 -51.62 -3.89
C TRP G 153 -90.76 -51.98 -3.50
N LYS G 154 -91.51 -52.51 -4.47
CA LYS G 154 -92.92 -52.81 -4.28
C LYS G 154 -93.27 -54.14 -4.93
N ALA G 155 -93.93 -55.01 -4.16
CA ALA G 155 -94.40 -56.31 -4.61
C ALA G 155 -95.92 -56.28 -4.79
N ASP G 156 -96.38 -56.63 -5.98
CA ASP G 156 -97.81 -56.73 -6.28
C ASP G 156 -98.54 -55.43 -5.95
N SER G 157 -97.80 -54.31 -6.05
CA SER G 157 -98.29 -52.96 -5.74
C SER G 157 -98.51 -52.75 -4.24
N SER G 158 -97.60 -53.28 -3.42
CA SER G 158 -97.59 -53.03 -1.99
C SER G 158 -96.16 -53.18 -1.49
N PRO G 159 -95.77 -52.42 -0.45
CA PRO G 159 -94.34 -52.20 -0.18
C PRO G 159 -93.54 -53.46 0.15
N VAL G 160 -92.22 -53.36 -0.13
CA VAL G 160 -91.19 -54.33 0.22
C VAL G 160 -90.06 -53.54 0.86
N LYS G 161 -89.44 -54.07 1.92
CA LYS G 161 -88.45 -53.26 2.63
C LYS G 161 -87.17 -53.94 3.11
N ALA G 162 -87.00 -55.26 2.95
CA ALA G 162 -85.77 -55.91 3.40
C ALA G 162 -85.21 -56.83 2.31
N GLY G 163 -83.92 -57.17 2.49
CA GLY G 163 -83.12 -57.73 1.41
C GLY G 163 -82.74 -56.71 0.37
N VAL G 164 -83.00 -55.42 0.63
CA VAL G 164 -82.78 -54.32 -0.31
C VAL G 164 -81.46 -53.64 0.02
N GLU G 165 -80.70 -53.32 -1.02
CA GLU G 165 -79.38 -52.73 -0.88
C GLU G 165 -79.23 -51.65 -1.94
N THR G 166 -78.92 -50.42 -1.52
CA THR G 166 -78.93 -49.28 -2.42
C THR G 166 -77.61 -48.53 -2.27
N THR G 167 -77.12 -48.00 -3.39
CA THR G 167 -75.83 -47.36 -3.40
C THR G 167 -75.94 -45.86 -3.18
N THR G 168 -74.82 -45.27 -2.78
CA THR G 168 -74.68 -43.83 -2.68
C THR G 168 -74.49 -43.23 -4.08
N PRO G 169 -75.20 -42.15 -4.41
CA PRO G 169 -74.97 -41.48 -5.70
C PRO G 169 -73.50 -41.24 -5.99
N SER G 170 -73.08 -41.55 -7.20
CA SER G 170 -71.72 -41.30 -7.65
C SER G 170 -71.75 -40.34 -8.84
N LYS G 171 -70.89 -39.34 -8.80
CA LYS G 171 -70.84 -38.32 -9.85
C LYS G 171 -70.14 -38.91 -11.07
N GLN G 172 -70.92 -39.59 -11.91
CA GLN G 172 -70.38 -40.24 -13.11
C GLN G 172 -69.80 -39.24 -14.11
N SER G 173 -69.35 -39.75 -15.26
CA SER G 173 -68.50 -38.97 -16.19
C SER G 173 -69.16 -37.66 -16.61
N ASN G 174 -70.36 -37.75 -17.19
CA ASN G 174 -71.15 -36.60 -17.59
C ASN G 174 -71.40 -35.59 -16.46
N ASN G 175 -70.80 -35.82 -15.28
CA ASN G 175 -71.03 -35.01 -14.09
C ASN G 175 -72.51 -35.04 -13.66
N LYS G 176 -73.23 -36.10 -14.03
CA LYS G 176 -74.50 -36.41 -13.43
C LYS G 176 -74.30 -37.61 -12.49
N TYR G 177 -75.39 -38.25 -12.09
CA TYR G 177 -75.27 -39.24 -11.03
C TYR G 177 -75.86 -40.57 -11.46
N ALA G 178 -75.55 -41.58 -10.65
CA ALA G 178 -75.92 -42.96 -10.91
C ALA G 178 -75.97 -43.69 -9.57
N ALA G 179 -76.94 -44.59 -9.43
CA ALA G 179 -77.05 -45.40 -8.22
C ALA G 179 -77.67 -46.72 -8.59
N SER G 180 -77.35 -47.77 -7.83
CA SER G 180 -77.92 -49.09 -8.04
C SER G 180 -78.67 -49.56 -6.80
N SER G 181 -79.74 -50.30 -7.01
CA SER G 181 -80.53 -50.86 -5.91
C SER G 181 -80.81 -52.33 -6.20
N TYR G 182 -80.48 -53.20 -5.24
CA TYR G 182 -80.62 -54.63 -5.38
C TYR G 182 -81.64 -55.16 -4.36
N LEU G 183 -82.63 -55.89 -4.84
CA LEU G 183 -83.54 -56.65 -3.99
C LEU G 183 -83.23 -58.15 -4.12
N SER G 184 -82.99 -58.81 -2.99
CA SER G 184 -82.65 -60.23 -2.95
C SER G 184 -83.86 -61.05 -2.53
N LEU G 185 -84.30 -61.96 -3.40
CA LEU G 185 -85.50 -62.73 -3.15
C LEU G 185 -85.18 -64.23 -3.12
N THR G 186 -86.07 -64.99 -2.50
CA THR G 186 -86.09 -66.43 -2.72
C THR G 186 -86.74 -66.72 -4.07
N PRO G 187 -86.20 -67.66 -4.82
CA PRO G 187 -86.91 -68.13 -6.02
C PRO G 187 -88.40 -68.34 -5.75
N GLU G 188 -88.70 -68.87 -4.56
CA GLU G 188 -90.09 -69.06 -4.14
C GLU G 188 -90.83 -67.73 -4.06
N GLN G 189 -90.26 -66.76 -3.35
CA GLN G 189 -90.84 -65.43 -3.30
C GLN G 189 -91.00 -64.86 -4.71
N TRP G 190 -89.94 -64.92 -5.51
CA TRP G 190 -89.92 -64.26 -6.81
C TRP G 190 -91.03 -64.80 -7.73
N LYS G 191 -91.27 -66.12 -7.68
CA LYS G 191 -92.35 -66.69 -8.47
C LYS G 191 -93.71 -66.51 -7.82
N SER G 192 -93.77 -66.45 -6.49
CA SER G 192 -95.05 -66.45 -5.78
C SER G 192 -95.61 -65.05 -5.61
N HIS G 193 -95.32 -64.14 -6.53
CA HIS G 193 -95.91 -62.81 -6.54
C HIS G 193 -96.36 -62.49 -7.97
N ARG G 194 -97.25 -61.52 -8.10
CA ARG G 194 -97.65 -61.06 -9.43
C ARG G 194 -96.46 -60.54 -10.20
N SER G 195 -95.71 -59.64 -9.58
CA SER G 195 -94.66 -58.83 -10.17
C SER G 195 -94.02 -58.04 -9.04
N TYR G 196 -92.79 -57.59 -9.27
CA TYR G 196 -92.05 -56.72 -8.38
C TYR G 196 -91.80 -55.39 -9.10
N SER G 197 -91.72 -54.30 -8.34
CA SER G 197 -91.53 -52.99 -8.94
C SER G 197 -90.44 -52.19 -8.24
N CYS G 198 -89.62 -51.51 -9.03
CA CYS G 198 -88.59 -50.60 -8.53
C CYS G 198 -89.09 -49.18 -8.71
N GLN G 199 -89.44 -48.54 -7.62
CA GLN G 199 -89.94 -47.18 -7.62
C GLN G 199 -88.81 -46.25 -7.17
N VAL G 200 -88.27 -45.48 -8.11
CA VAL G 200 -87.20 -44.53 -7.82
C VAL G 200 -87.69 -43.12 -8.12
N THR G 201 -87.65 -42.27 -7.11
CA THR G 201 -88.16 -40.91 -7.20
C THR G 201 -86.98 -39.93 -7.14
N HIS G 202 -87.20 -38.74 -7.69
CA HIS G 202 -86.14 -37.75 -7.85
C HIS G 202 -86.79 -36.38 -7.97
N GLU G 203 -86.68 -35.57 -6.93
CA GLU G 203 -87.24 -34.22 -6.89
C GLU G 203 -88.76 -34.25 -7.20
N GLY G 204 -89.50 -34.80 -6.24
CA GLY G 204 -90.95 -34.81 -6.28
C GLY G 204 -91.59 -35.66 -7.35
N SER G 205 -90.83 -36.23 -8.27
CA SER G 205 -91.42 -37.03 -9.34
C SER G 205 -90.83 -38.43 -9.31
N THR G 206 -91.61 -39.37 -9.85
CA THR G 206 -91.30 -40.78 -9.69
C THR G 206 -91.36 -41.48 -11.04
N VAL G 207 -90.44 -42.41 -11.25
CA VAL G 207 -90.48 -43.35 -12.36
C VAL G 207 -90.45 -44.76 -11.79
N GLU G 208 -91.24 -45.65 -12.39
CA GLU G 208 -91.34 -47.03 -11.95
C GLU G 208 -90.91 -47.94 -13.09
N LYS G 209 -90.29 -49.06 -12.73
CA LYS G 209 -90.10 -50.14 -13.69
C LYS G 209 -90.40 -51.45 -12.98
N THR G 210 -91.05 -52.37 -13.71
CA THR G 210 -91.63 -53.57 -13.12
C THR G 210 -91.24 -54.81 -13.92
N VAL G 211 -91.20 -55.95 -13.22
CA VAL G 211 -90.84 -57.22 -13.82
C VAL G 211 -91.73 -58.31 -13.25
N ALA G 212 -91.87 -59.39 -13.99
CA ALA G 212 -92.71 -60.51 -13.56
C ALA G 212 -92.07 -61.82 -13.99
N PRO G 213 -92.40 -62.93 -13.31
CA PRO G 213 -91.90 -64.23 -13.74
C PRO G 213 -92.70 -64.76 -14.94
N GLN H 1 6.11 11.50 -9.92
CA GLN H 1 4.72 11.20 -10.25
C GLN H 1 4.07 10.64 -9.02
N VAL H 2 3.78 11.53 -8.07
CA VAL H 2 3.03 11.14 -6.89
C VAL H 2 1.64 10.69 -7.30
N GLN H 3 1.15 9.65 -6.64
CA GLN H 3 -0.19 9.14 -6.87
C GLN H 3 -0.96 9.16 -5.55
N LEU H 4 -2.30 9.06 -5.65
CA LEU H 4 -3.17 9.11 -4.49
C LEU H 4 -4.31 8.11 -4.63
N VAL H 5 -4.59 7.35 -3.57
CA VAL H 5 -5.69 6.38 -3.59
C VAL H 5 -6.53 6.57 -2.35
N GLN H 6 -7.79 6.93 -2.53
CA GLN H 6 -8.63 7.26 -1.38
C GLN H 6 -9.24 5.98 -0.79
N SER H 7 -9.77 6.09 0.42
CA SER H 7 -10.38 4.94 1.07
C SER H 7 -11.64 4.53 0.31
N GLY H 8 -12.25 3.43 0.72
CA GLY H 8 -13.48 3.00 0.08
C GLY H 8 -14.65 3.93 0.34
N ALA H 9 -15.86 3.56 -0.09
CA ALA H 9 -17.01 4.43 0.09
C ALA H 9 -17.70 4.09 1.40
N GLU H 10 -17.77 5.06 2.30
CA GLU H 10 -18.58 4.85 3.49
C GLU H 10 -20.03 5.27 3.16
N VAL H 11 -20.98 4.81 3.98
CA VAL H 11 -22.38 5.26 3.93
C VAL H 11 -22.92 5.40 5.36
N LYS H 12 -23.20 6.63 5.77
CA LYS H 12 -23.43 6.97 7.17
C LYS H 12 -24.83 7.56 7.36
N LYS H 13 -25.40 7.30 8.54
CA LYS H 13 -26.70 7.83 8.94
C LYS H 13 -26.58 9.33 9.24
N PRO H 14 -27.69 10.08 9.13
CA PRO H 14 -27.62 11.51 9.43
C PRO H 14 -27.11 11.76 10.84
N GLY H 15 -26.22 12.76 10.96
CA GLY H 15 -25.65 13.17 12.24
C GLY H 15 -24.32 12.51 12.60
N SER H 16 -23.99 11.36 12.02
CA SER H 16 -22.70 10.75 12.30
C SER H 16 -21.60 11.44 11.50
N SER H 17 -20.46 10.78 11.35
CA SER H 17 -19.33 11.41 10.70
C SER H 17 -18.52 10.36 9.94
N VAL H 18 -17.79 10.84 8.94
CA VAL H 18 -17.06 9.99 8.01
C VAL H 18 -15.64 10.50 7.89
N LYS H 19 -14.69 9.55 7.83
CA LYS H 19 -13.25 9.82 7.77
C LYS H 19 -12.71 9.20 6.48
N VAL H 20 -12.34 10.05 5.52
CA VAL H 20 -11.87 9.61 4.20
C VAL H 20 -10.34 9.67 4.19
N SER H 21 -9.68 8.53 3.99
CA SER H 21 -8.23 8.54 3.89
C SER H 21 -7.78 8.87 2.47
N CYS H 22 -6.55 9.37 2.36
CA CYS H 22 -5.95 9.69 1.06
C CYS H 22 -4.46 9.36 1.19
N LYS H 23 -4.06 8.20 0.68
CA LYS H 23 -2.70 7.70 0.83
C LYS H 23 -1.89 8.05 -0.42
N ALA H 24 -0.80 8.80 -0.22
CA ALA H 24 0.10 9.20 -1.29
C ALA H 24 1.27 8.22 -1.44
N SER H 25 1.82 8.17 -2.64
CA SER H 25 2.90 7.23 -2.92
C SER H 25 3.76 7.79 -4.04
N GLY H 26 4.88 7.10 -4.28
CA GLY H 26 5.67 7.28 -5.48
C GLY H 26 6.26 8.66 -5.67
N GLY H 27 6.44 9.42 -4.59
CA GLY H 27 6.96 10.75 -4.67
C GLY H 27 8.18 10.95 -3.79
N THR H 28 8.69 12.18 -3.86
CA THR H 28 9.92 12.55 -3.17
C THR H 28 9.69 13.00 -1.74
N LEU H 29 8.49 13.41 -1.37
CA LEU H 29 8.24 13.92 -0.03
C LEU H 29 7.57 12.87 0.85
N ASN H 30 7.38 13.23 2.12
CA ASN H 30 6.72 12.37 3.10
C ASN H 30 5.31 12.81 3.43
N SER H 31 5.07 14.11 3.50
CA SER H 31 3.74 14.69 3.54
C SER H 31 3.65 15.73 2.43
N TYR H 32 2.49 15.81 1.77
CA TYR H 32 2.30 16.74 0.67
C TYR H 32 1.23 17.77 1.00
N GLU H 33 1.10 18.75 0.10
CA GLU H 33 -0.05 19.65 0.12
C GLU H 33 -1.27 18.86 -0.36
N ILE H 34 -2.07 18.38 0.58
CA ILE H 34 -3.23 17.56 0.26
C ILE H 34 -4.48 18.40 0.44
N THR H 35 -5.21 18.62 -0.65
CA THR H 35 -6.44 19.40 -0.67
C THR H 35 -7.63 18.46 -0.84
N TRP H 36 -8.81 18.95 -0.44
CA TRP H 36 -10.03 18.15 -0.46
C TRP H 36 -11.13 18.89 -1.21
N VAL H 37 -11.83 18.15 -2.06
CA VAL H 37 -12.83 18.71 -2.96
C VAL H 37 -14.04 17.80 -2.97
N ARG H 38 -15.22 18.40 -2.94
CA ARG H 38 -16.47 17.68 -2.83
C ARG H 38 -17.31 17.94 -4.06
N GLN H 39 -18.07 16.93 -4.51
CA GLN H 39 -18.98 17.10 -5.64
C GLN H 39 -20.23 16.27 -5.37
N ALA H 40 -21.35 16.96 -5.17
CA ALA H 40 -22.65 16.31 -5.11
C ALA H 40 -23.03 15.78 -6.50
N PRO H 41 -24.03 14.90 -6.59
CA PRO H 41 -24.35 14.30 -7.90
C PRO H 41 -24.95 15.33 -8.84
N GLY H 42 -24.32 15.50 -10.00
CA GLY H 42 -24.83 16.37 -11.03
C GLY H 42 -24.38 17.80 -10.83
N GLN H 43 -24.01 18.10 -9.60
CA GLN H 43 -23.68 19.45 -9.19
C GLN H 43 -22.19 19.71 -9.43
N GLY H 44 -21.76 20.93 -9.11
CA GLY H 44 -20.39 21.34 -9.30
C GLY H 44 -19.41 20.86 -8.22
N LEU H 45 -18.25 21.52 -8.19
CA LEU H 45 -17.17 21.19 -7.27
C LEU H 45 -17.14 22.18 -6.11
N GLU H 46 -17.07 21.64 -4.90
CA GLU H 46 -16.90 22.46 -3.71
C GLU H 46 -15.52 22.21 -3.11
N TRP H 47 -14.72 23.28 -3.01
CA TRP H 47 -13.49 23.17 -2.24
C TRP H 47 -13.83 23.14 -0.76
N MET H 48 -13.25 22.18 -0.04
CA MET H 48 -13.50 22.00 1.39
C MET H 48 -12.34 22.48 2.26
N GLY H 49 -11.14 22.00 2.00
CA GLY H 49 -10.00 22.36 2.82
C GLY H 49 -8.73 21.79 2.25
N GLY H 50 -7.62 22.09 2.91
CA GLY H 50 -6.32 21.58 2.51
C GLY H 50 -5.33 21.62 3.64
N ILE H 51 -4.26 20.83 3.49
CA ILE H 51 -3.21 20.73 4.48
C ILE H 51 -1.86 20.86 3.77
N THR H 52 -0.89 21.41 4.49
CA THR H 52 0.45 21.63 3.97
C THR H 52 1.36 20.46 4.31
N PRO H 53 2.56 20.39 3.73
CA PRO H 53 3.45 19.29 4.09
C PRO H 53 3.93 19.34 5.53
N ILE H 54 3.66 20.44 6.24
CA ILE H 54 4.04 20.61 7.63
C ILE H 54 2.83 20.71 8.54
N PHE H 55 1.64 20.35 8.02
CA PHE H 55 0.44 20.00 8.77
C PHE H 55 -0.37 21.21 9.22
N GLU H 56 -0.34 22.27 8.42
CA GLU H 56 -1.14 23.47 8.61
C GLU H 56 -2.40 23.40 7.76
N THR H 57 -3.54 23.69 8.39
CA THR H 57 -4.85 23.43 7.82
C THR H 57 -5.55 24.73 7.44
N THR H 58 -6.20 24.74 6.27
CA THR H 58 -7.13 25.80 5.89
C THR H 58 -8.44 25.19 5.46
N TYR H 59 -9.56 25.77 5.90
CA TYR H 59 -10.89 25.26 5.60
C TYR H 59 -11.77 26.38 5.03
N ALA H 60 -12.61 26.02 4.07
CA ALA H 60 -13.63 26.95 3.61
C ALA H 60 -14.55 27.34 4.76
N GLN H 61 -15.04 28.60 4.73
CA GLN H 61 -15.82 29.12 5.86
C GLN H 61 -17.10 28.32 6.07
N LYS H 62 -17.69 27.82 4.99
CA LYS H 62 -18.96 27.12 5.09
C LYS H 62 -18.81 25.69 5.60
N PHE H 63 -17.64 25.29 6.10
CA PHE H 63 -17.50 23.99 6.74
C PHE H 63 -16.91 24.10 8.13
N GLN H 64 -16.84 25.31 8.68
CA GLN H 64 -16.09 25.47 9.92
C GLN H 64 -16.78 24.69 11.03
N GLY H 65 -15.96 24.10 11.90
CA GLY H 65 -16.45 23.24 12.95
C GLY H 65 -16.78 21.83 12.53
N ARG H 66 -17.04 21.61 11.24
CA ARG H 66 -17.51 20.31 10.77
C ARG H 66 -16.41 19.45 10.18
N VAL H 67 -15.38 20.07 9.60
CA VAL H 67 -14.34 19.32 8.90
C VAL H 67 -13.01 19.53 9.61
N THR H 68 -12.19 18.48 9.64
CA THR H 68 -10.86 18.53 10.24
C THR H 68 -9.93 17.65 9.43
N ILE H 69 -8.88 18.25 8.87
CA ILE H 69 -7.92 17.50 8.06
C ILE H 69 -6.74 17.12 8.94
N THR H 70 -6.25 15.89 8.79
CA THR H 70 -5.12 15.38 9.55
C THR H 70 -4.22 14.58 8.63
N ALA H 71 -2.99 14.33 9.09
CA ALA H 71 -2.05 13.50 8.36
C ALA H 71 -1.36 12.56 9.31
N ASP H 72 -0.99 11.38 8.80
CA ASP H 72 -0.05 10.49 9.48
C ASP H 72 1.12 10.23 8.53
N GLU H 73 2.25 10.88 8.82
CA GLU H 73 3.41 10.78 7.95
C GLU H 73 3.94 9.35 7.91
N SER H 74 3.78 8.59 8.99
CA SER H 74 4.17 7.19 9.02
C SER H 74 3.76 6.46 7.75
N THR H 75 2.49 6.61 7.37
CA THR H 75 1.88 5.86 6.28
C THR H 75 1.55 6.72 5.06
N SER H 76 2.07 7.95 4.98
CA SER H 76 1.84 8.83 3.84
C SER H 76 0.34 8.99 3.58
N THR H 77 -0.42 9.16 4.64
CA THR H 77 -1.88 9.21 4.57
C THR H 77 -2.41 10.52 5.13
N THR H 78 -3.39 11.10 4.44
CA THR H 78 -4.09 12.30 4.88
C THR H 78 -5.55 11.95 5.15
N TYR H 79 -6.14 12.54 6.19
CA TYR H 79 -7.53 12.26 6.55
C TYR H 79 -8.39 13.53 6.48
N MET H 80 -9.60 13.36 5.98
CA MET H 80 -10.62 14.39 6.05
C MET H 80 -11.80 13.82 6.83
N GLU H 81 -12.23 14.52 7.87
CA GLU H 81 -13.32 14.08 8.72
C GLU H 81 -14.43 15.13 8.65
N LEU H 82 -15.60 14.74 8.15
CA LEU H 82 -16.77 15.60 8.15
C LEU H 82 -17.78 15.02 9.13
N SER H 83 -18.16 15.82 10.10
CA SER H 83 -19.02 15.38 11.20
C SER H 83 -20.37 16.08 11.09
N SER H 84 -21.32 15.60 11.89
CA SER H 84 -22.65 16.19 11.90
C SER H 84 -23.25 16.16 10.48
N LEU H 85 -23.36 14.94 9.94
CA LEU H 85 -23.70 14.76 8.53
C LEU H 85 -25.20 14.93 8.32
N ARG H 86 -25.57 15.74 7.34
CA ARG H 86 -26.93 15.84 6.86
C ARG H 86 -27.07 15.00 5.61
N PRO H 87 -28.30 14.80 5.12
CA PRO H 87 -28.44 14.16 3.81
C PRO H 87 -27.79 14.99 2.72
N GLU H 88 -27.83 16.30 2.84
CA GLU H 88 -27.32 17.10 1.75
C GLU H 88 -25.80 17.08 1.67
N ASP H 89 -25.13 16.34 2.55
CA ASP H 89 -23.70 16.05 2.43
C ASP H 89 -23.41 14.81 1.59
N THR H 90 -24.40 14.28 0.88
CA THR H 90 -24.18 13.13 0.03
C THR H 90 -23.43 13.58 -1.21
N ALA H 91 -22.25 13.01 -1.44
CA ALA H 91 -21.40 13.53 -2.49
C ALA H 91 -20.22 12.58 -2.69
N VAL H 92 -19.51 12.84 -3.78
CA VAL H 92 -18.22 12.23 -4.05
C VAL H 92 -17.16 13.12 -3.42
N TYR H 93 -16.25 12.52 -2.64
CA TYR H 93 -15.24 13.25 -1.91
C TYR H 93 -13.88 12.97 -2.51
N TYR H 94 -13.35 13.95 -3.25
CA TYR H 94 -12.04 13.84 -3.87
C TYR H 94 -10.95 14.44 -2.98
N CYS H 95 -9.78 13.83 -2.98
CA CYS H 95 -8.55 14.47 -2.55
C CYS H 95 -7.64 14.65 -3.76
N ALA H 96 -6.75 15.63 -3.67
CA ALA H 96 -5.80 15.93 -4.74
C ALA H 96 -4.59 16.63 -4.12
N ARG H 97 -3.49 16.70 -4.89
CA ARG H 97 -2.27 17.39 -4.45
C ARG H 97 -2.27 18.80 -5.03
N ASP H 98 -2.37 19.79 -4.16
CA ASP H 98 -2.29 21.21 -4.54
C ASP H 98 -0.84 21.66 -4.50
N GLY H 99 0.02 20.88 -5.14
CA GLY H 99 1.45 21.10 -5.01
C GLY H 99 1.90 22.35 -5.73
N VAL H 100 3.02 22.88 -5.27
CA VAL H 100 3.73 23.93 -6.01
C VAL H 100 4.52 23.26 -7.13
N ARG H 101 4.23 23.65 -8.36
CA ARG H 101 4.78 22.96 -9.51
C ARG H 101 5.45 23.88 -10.50
N TYR H 102 5.28 25.20 -10.36
CA TYR H 102 5.86 26.10 -11.32
C TYR H 102 6.13 27.43 -10.66
N CYS H 103 7.38 27.89 -10.78
CA CYS H 103 7.83 29.21 -10.35
C CYS H 103 8.47 29.92 -11.53
N GLY H 104 8.08 31.16 -11.75
CA GLY H 104 8.62 31.93 -12.84
C GLY H 104 8.42 33.40 -12.56
N GLY H 105 9.43 34.21 -12.87
CA GLY H 105 9.28 35.66 -12.71
C GLY H 105 8.88 36.06 -11.31
N GLY H 106 9.48 35.41 -10.31
CA GLY H 106 9.28 35.82 -8.93
C GLY H 106 7.97 35.40 -8.31
N ARG H 107 7.12 34.69 -9.04
CA ARG H 107 5.88 34.12 -8.51
C ARG H 107 5.95 32.60 -8.55
N CYS H 108 5.28 31.95 -7.59
CA CYS H 108 5.18 30.50 -7.56
C CYS H 108 3.72 30.08 -7.59
N TYR H 109 3.44 29.01 -8.34
CA TYR H 109 2.09 28.64 -8.72
C TYR H 109 1.73 27.21 -8.31
N ASN H 110 0.63 27.06 -7.57
CA ASN H 110 0.05 25.78 -7.25
C ASN H 110 -1.06 25.40 -8.25
N TRP H 111 -1.46 24.13 -8.21
CA TRP H 111 -2.64 23.60 -8.88
C TRP H 111 -2.81 22.12 -8.52
N PHE H 112 -4.03 21.64 -8.69
CA PHE H 112 -4.41 20.27 -8.38
C PHE H 112 -3.94 19.33 -9.48
N ASP H 113 -3.09 18.34 -9.16
CA ASP H 113 -2.73 17.54 -10.32
C ASP H 113 -3.05 16.05 -10.23
N PRO H 114 -2.74 15.33 -9.16
CA PRO H 114 -3.12 13.91 -9.14
C PRO H 114 -4.62 13.68 -9.08
N TRP H 115 -5.31 14.11 -8.02
CA TRP H 115 -6.73 13.79 -7.80
C TRP H 115 -6.95 12.31 -7.55
N GLY H 116 -7.44 11.98 -6.35
CA GLY H 116 -7.73 10.61 -6.03
C GLY H 116 -8.84 10.05 -6.91
N GLN H 117 -9.18 8.80 -6.63
CA GLN H 117 -10.23 8.14 -7.37
C GLN H 117 -11.63 8.55 -6.92
N GLY H 118 -11.75 9.44 -5.94
CA GLY H 118 -13.05 9.76 -5.36
C GLY H 118 -13.53 8.71 -4.39
N THR H 119 -14.23 9.12 -3.34
CA THR H 119 -15.06 8.19 -2.61
C THR H 119 -16.44 8.80 -2.49
N LEU H 120 -17.46 7.96 -2.58
CA LEU H 120 -18.83 8.39 -2.40
C LEU H 120 -19.19 8.26 -0.94
N VAL H 121 -19.75 9.32 -0.36
CA VAL H 121 -20.34 9.26 0.96
C VAL H 121 -21.83 9.53 0.76
N THR H 122 -22.63 8.47 0.76
CA THR H 122 -24.07 8.60 0.75
C THR H 122 -24.55 8.64 2.19
N VAL H 123 -25.41 9.61 2.50
CA VAL H 123 -25.90 9.80 3.87
C VAL H 123 -27.42 9.90 3.85
N SER H 124 -28.07 9.05 4.64
CA SER H 124 -29.51 8.91 4.65
C SER H 124 -29.90 8.01 5.81
N SER H 125 -31.16 8.12 6.22
CA SER H 125 -31.71 7.18 7.20
C SER H 125 -31.79 5.78 6.63
N ALA H 126 -31.92 5.67 5.30
CA ALA H 126 -31.97 4.38 4.62
C ALA H 126 -30.74 3.53 4.92
N SER H 127 -30.93 2.22 4.89
CA SER H 127 -29.85 1.25 5.04
C SER H 127 -29.82 0.31 3.84
N THR H 128 -28.63 -0.19 3.52
CA THR H 128 -28.36 -0.81 2.23
C THR H 128 -29.38 -1.92 1.93
N LYS H 129 -29.75 -2.04 0.65
CA LYS H 129 -30.69 -3.06 0.16
C LYS H 129 -30.36 -3.40 -1.28
N GLY H 130 -30.41 -4.69 -1.60
CA GLY H 130 -30.31 -5.13 -2.98
C GLY H 130 -31.53 -4.70 -3.77
N PRO H 131 -31.40 -4.69 -5.09
CA PRO H 131 -32.48 -4.16 -5.92
C PRO H 131 -33.43 -5.25 -6.37
N SER H 132 -34.72 -4.96 -6.33
CA SER H 132 -35.72 -5.86 -6.92
C SER H 132 -35.83 -5.50 -8.39
N VAL H 133 -35.23 -6.32 -9.25
CA VAL H 133 -35.17 -6.04 -10.68
C VAL H 133 -36.24 -6.85 -11.42
N PHE H 134 -37.00 -6.18 -12.28
CA PHE H 134 -38.13 -6.75 -12.99
C PHE H 134 -38.01 -6.53 -14.49
N PRO H 135 -38.23 -7.57 -15.33
CA PRO H 135 -38.17 -7.37 -16.80
C PRO H 135 -39.01 -6.19 -17.28
N LEU H 136 -38.69 -5.66 -18.46
CA LEU H 136 -39.54 -4.70 -19.15
C LEU H 136 -39.82 -5.32 -20.51
N ALA H 137 -40.96 -6.01 -20.61
CA ALA H 137 -41.16 -6.95 -21.69
C ALA H 137 -41.42 -6.22 -23.00
N PRO H 138 -40.83 -6.68 -24.10
CA PRO H 138 -40.97 -5.97 -25.37
C PRO H 138 -42.42 -5.98 -25.84
N SER H 139 -42.89 -4.79 -26.26
CA SER H 139 -44.24 -4.56 -26.75
C SER H 139 -44.36 -4.82 -28.24
N SER H 140 -45.13 -3.96 -28.92
CA SER H 140 -45.14 -3.90 -30.38
C SER H 140 -45.66 -2.54 -30.83
N GLY H 145 -41.65 0.36 -35.08
CA GLY H 145 -41.04 0.87 -36.30
C GLY H 145 -40.01 -0.06 -36.93
N GLY H 146 -40.16 -1.37 -36.71
CA GLY H 146 -39.15 -2.35 -37.07
C GLY H 146 -38.06 -2.53 -36.04
N THR H 147 -37.84 -1.52 -35.20
CA THR H 147 -37.04 -1.63 -34.00
C THR H 147 -37.96 -1.73 -32.81
N ALA H 148 -37.64 -2.65 -31.88
CA ALA H 148 -38.40 -2.87 -30.66
C ALA H 148 -37.60 -2.42 -29.45
N ALA H 149 -38.28 -1.79 -28.50
CA ALA H 149 -37.67 -1.29 -27.28
C ALA H 149 -37.97 -2.26 -26.13
N LEU H 150 -36.94 -2.96 -25.66
CA LEU H 150 -37.09 -3.79 -24.48
C LEU H 150 -36.19 -3.24 -23.37
N GLY H 151 -36.38 -3.74 -22.16
CA GLY H 151 -35.53 -3.33 -21.07
C GLY H 151 -35.73 -4.21 -19.85
N CYS H 152 -35.09 -3.82 -18.76
CA CYS H 152 -35.34 -4.40 -17.45
C CYS H 152 -35.03 -3.34 -16.40
N LEU H 153 -35.78 -3.37 -15.30
CA LEU H 153 -35.81 -2.26 -14.34
C LEU H 153 -35.27 -2.74 -12.99
N VAL H 154 -34.34 -1.95 -12.42
CA VAL H 154 -33.74 -2.23 -11.11
C VAL H 154 -34.35 -1.28 -10.08
N LYS H 155 -35.14 -1.83 -9.14
CA LYS H 155 -35.95 -1.06 -8.22
C LYS H 155 -35.59 -1.34 -6.76
N ASP H 156 -35.77 -0.31 -5.94
CA ASP H 156 -35.70 -0.39 -4.48
C ASP H 156 -34.35 -0.88 -3.99
N TYR H 157 -33.35 0.01 -4.02
CA TYR H 157 -32.02 -0.34 -3.58
C TYR H 157 -31.35 0.89 -2.96
N PHE H 158 -30.30 0.61 -2.18
CA PHE H 158 -29.52 1.64 -1.51
C PHE H 158 -28.17 1.05 -1.14
N PRO H 159 -27.07 1.80 -1.28
CA PRO H 159 -27.02 3.12 -1.91
C PRO H 159 -26.69 2.95 -3.39
N GLU H 160 -26.41 4.05 -4.08
CA GLU H 160 -25.82 3.91 -5.40
C GLU H 160 -24.41 3.33 -5.22
N PRO H 161 -23.85 2.70 -6.26
CA PRO H 161 -24.31 2.59 -7.65
C PRO H 161 -24.92 1.24 -7.93
N VAL H 162 -25.31 1.00 -9.18
CA VAL H 162 -25.61 -0.37 -9.59
C VAL H 162 -25.25 -0.51 -11.07
N THR H 163 -24.42 -1.51 -11.37
CA THR H 163 -23.92 -1.74 -12.72
C THR H 163 -24.80 -2.73 -13.47
N VAL H 164 -25.20 -2.37 -14.69
CA VAL H 164 -26.12 -3.15 -15.50
C VAL H 164 -25.50 -3.36 -16.86
N SER H 165 -25.11 -4.59 -17.16
CA SER H 165 -24.70 -4.93 -18.52
C SER H 165 -25.79 -5.76 -19.20
N TRP H 166 -25.52 -6.13 -20.45
CA TRP H 166 -26.41 -7.02 -21.18
C TRP H 166 -25.58 -8.15 -21.77
N ASN H 167 -26.03 -9.39 -21.54
CA ASN H 167 -25.34 -10.59 -22.02
C ASN H 167 -23.86 -10.54 -21.66
N SER H 168 -23.57 -10.33 -20.39
CA SER H 168 -22.20 -10.21 -19.89
C SER H 168 -21.43 -9.12 -20.63
N GLY H 169 -22.11 -8.02 -20.95
CA GLY H 169 -21.46 -6.93 -21.64
C GLY H 169 -21.30 -7.12 -23.12
N ALA H 170 -21.94 -8.13 -23.72
CA ALA H 170 -21.85 -8.37 -25.15
C ALA H 170 -22.78 -7.50 -25.99
N LEU H 171 -23.87 -7.01 -25.41
CA LEU H 171 -24.77 -6.05 -26.08
C LEU H 171 -24.54 -4.69 -25.44
N THR H 172 -23.90 -3.79 -26.19
CA THR H 172 -23.60 -2.44 -25.70
C THR H 172 -24.22 -1.38 -26.58
N SER H 173 -24.07 -1.49 -27.90
CA SER H 173 -24.79 -0.60 -28.81
C SER H 173 -26.25 -0.53 -28.41
N GLY H 174 -26.84 0.66 -28.53
CA GLY H 174 -28.26 0.82 -28.32
C GLY H 174 -28.76 0.75 -26.89
N VAL H 175 -27.91 0.34 -25.92
CA VAL H 175 -28.32 0.35 -24.51
C VAL H 175 -28.50 1.80 -24.04
N HIS H 176 -29.30 1.97 -23.00
CA HIS H 176 -29.43 3.24 -22.28
C HIS H 176 -29.71 2.84 -20.82
N THR H 177 -28.65 2.61 -20.05
CA THR H 177 -28.81 2.54 -18.60
C THR H 177 -29.07 3.95 -18.09
N PHE H 178 -30.03 4.12 -17.17
CA PHE H 178 -30.47 5.47 -16.90
C PHE H 178 -29.94 5.97 -15.56
N PRO H 179 -29.80 7.29 -15.43
CA PRO H 179 -29.54 7.89 -14.11
C PRO H 179 -30.53 7.38 -13.07
N ALA H 180 -30.00 6.90 -11.95
CA ALA H 180 -30.88 6.48 -10.88
C ALA H 180 -31.61 7.68 -10.29
N VAL H 181 -32.85 7.44 -9.86
CA VAL H 181 -33.68 8.44 -9.23
C VAL H 181 -33.99 7.99 -7.82
N LEU H 182 -33.96 8.94 -6.88
CA LEU H 182 -34.22 8.62 -5.47
C LEU H 182 -35.69 8.87 -5.19
N GLN H 183 -36.36 7.85 -4.68
CA GLN H 183 -37.79 7.90 -4.39
C GLN H 183 -38.02 8.42 -2.97
N SER H 184 -39.24 8.88 -2.73
CA SER H 184 -39.63 9.34 -1.40
C SER H 184 -39.22 8.33 -0.33
N SER H 185 -39.34 7.03 -0.64
CA SER H 185 -38.98 5.99 0.33
C SER H 185 -37.51 6.06 0.73
N GLY H 186 -36.68 6.80 0.01
CA GLY H 186 -35.25 6.76 0.22
C GLY H 186 -34.53 5.68 -0.55
N LEU H 187 -35.21 4.99 -1.46
CA LEU H 187 -34.60 3.96 -2.28
C LEU H 187 -34.42 4.45 -3.71
N TYR H 188 -33.30 4.09 -4.30
CA TYR H 188 -33.01 4.49 -5.67
C TYR H 188 -33.75 3.57 -6.65
N SER H 189 -33.93 4.07 -7.87
CA SER H 189 -34.49 3.24 -8.94
C SER H 189 -34.12 3.82 -10.29
N LEU H 190 -33.52 2.97 -11.13
CA LEU H 190 -33.20 3.32 -12.50
C LEU H 190 -33.70 2.22 -13.40
N SER H 191 -33.89 2.55 -14.68
CA SER H 191 -34.32 1.57 -15.68
C SER H 191 -33.28 1.52 -16.80
N SER H 192 -32.86 0.31 -17.15
CA SER H 192 -31.94 0.13 -18.28
C SER H 192 -32.70 -0.47 -19.46
N VAL H 193 -32.70 0.25 -20.59
CA VAL H 193 -33.37 -0.17 -21.81
C VAL H 193 -32.32 -0.39 -22.89
N VAL H 194 -32.70 -1.17 -23.91
CA VAL H 194 -31.89 -1.33 -25.11
C VAL H 194 -32.82 -1.57 -26.28
N THR H 195 -32.63 -0.80 -27.36
CA THR H 195 -33.39 -1.02 -28.58
C THR H 195 -32.72 -2.10 -29.40
N VAL H 196 -33.53 -2.94 -30.01
CA VAL H 196 -33.05 -4.12 -30.72
C VAL H 196 -34.03 -4.33 -31.87
N PRO H 197 -33.65 -4.98 -32.97
CA PRO H 197 -34.59 -5.15 -34.08
C PRO H 197 -35.62 -6.22 -33.74
N SER H 198 -36.86 -5.94 -34.12
CA SER H 198 -37.96 -6.80 -33.68
C SER H 198 -37.81 -8.22 -34.20
N SER H 199 -37.23 -8.40 -35.38
CA SER H 199 -37.06 -9.76 -35.90
C SER H 199 -36.08 -10.60 -35.08
N SER H 200 -35.54 -10.07 -34.00
CA SER H 200 -34.73 -10.86 -33.09
C SER H 200 -35.52 -11.35 -31.88
N LEU H 201 -36.70 -10.79 -31.65
CA LEU H 201 -37.51 -11.19 -30.50
C LEU H 201 -37.84 -12.67 -30.61
N GLY H 202 -37.69 -13.37 -29.49
CA GLY H 202 -38.03 -14.78 -29.47
C GLY H 202 -37.01 -15.60 -30.23
N THR H 203 -35.99 -14.93 -30.73
CA THR H 203 -34.89 -15.60 -31.40
C THR H 203 -33.56 -15.35 -30.76
N GLN H 204 -33.37 -14.17 -30.18
CA GLN H 204 -32.22 -13.86 -29.33
C GLN H 204 -32.69 -13.78 -27.88
N THR H 205 -31.84 -14.22 -26.95
CA THR H 205 -32.13 -14.13 -25.52
C THR H 205 -31.48 -12.86 -24.96
N TYR H 206 -32.29 -12.04 -24.27
CA TYR H 206 -31.85 -10.74 -23.75
C TYR H 206 -31.78 -10.82 -22.22
N ILE H 207 -30.56 -10.94 -21.70
CA ILE H 207 -30.31 -11.09 -20.27
C ILE H 207 -29.65 -9.81 -19.77
N CYS H 208 -30.23 -9.19 -18.73
CA CYS H 208 -29.65 -8.00 -18.11
C CYS H 208 -28.91 -8.41 -16.85
N ASN H 209 -27.59 -8.25 -16.87
CA ASN H 209 -26.74 -8.50 -15.71
C ASN H 209 -26.78 -7.28 -14.81
N VAL H 210 -27.30 -7.44 -13.60
CA VAL H 210 -27.41 -6.36 -12.64
C VAL H 210 -26.59 -6.72 -11.43
N ASN H 211 -25.59 -5.90 -11.11
CA ASN H 211 -24.67 -6.17 -10.02
C ASN H 211 -24.61 -4.95 -9.09
N HIS H 212 -25.10 -5.12 -7.87
CA HIS H 212 -25.14 -4.06 -6.86
C HIS H 212 -24.22 -4.44 -5.71
N LYS H 213 -22.99 -3.94 -5.74
CA LYS H 213 -21.93 -4.27 -4.79
C LYS H 213 -22.18 -3.87 -3.35
N PRO H 214 -22.71 -2.67 -3.05
CA PRO H 214 -22.94 -2.34 -1.62
C PRO H 214 -23.72 -3.39 -0.90
N SER H 215 -24.61 -4.08 -1.61
CA SER H 215 -25.37 -5.22 -1.12
C SER H 215 -24.73 -6.55 -1.47
N ASN H 216 -23.64 -6.54 -2.24
CA ASN H 216 -22.91 -7.76 -2.65
C ASN H 216 -23.87 -8.84 -3.20
N THR H 217 -24.87 -8.40 -3.98
CA THR H 217 -25.84 -9.28 -4.62
C THR H 217 -25.90 -9.01 -6.11
N LYS H 218 -25.83 -10.07 -6.92
CA LYS H 218 -25.93 -9.99 -8.37
C LYS H 218 -27.22 -10.66 -8.86
N VAL H 219 -27.79 -10.09 -9.92
CA VAL H 219 -28.97 -10.63 -10.59
C VAL H 219 -28.74 -10.61 -12.09
N ASP H 220 -29.09 -11.71 -12.76
CA ASP H 220 -28.96 -11.84 -14.21
C ASP H 220 -30.34 -12.24 -14.73
N LYS H 221 -31.18 -11.25 -15.04
CA LYS H 221 -32.58 -11.48 -15.38
C LYS H 221 -32.80 -11.54 -16.88
N ARG H 222 -33.67 -12.47 -17.31
CA ARG H 222 -34.01 -12.64 -18.71
C ARG H 222 -35.23 -11.81 -19.07
N VAL H 223 -35.32 -11.44 -20.35
CA VAL H 223 -36.46 -10.70 -20.86
C VAL H 223 -36.97 -11.39 -22.11
N GLU H 224 -38.27 -11.58 -22.19
CA GLU H 224 -38.98 -12.17 -23.31
C GLU H 224 -40.25 -11.35 -23.54
N PRO H 225 -40.81 -11.41 -24.74
CA PRO H 225 -42.09 -10.73 -24.98
C PRO H 225 -43.22 -11.37 -24.16
N LYS H 226 -44.36 -10.69 -24.11
CA LYS H 226 -45.41 -11.09 -23.18
C LYS H 226 -46.60 -11.78 -23.87
N GLN I 1 -40.09 -32.27 -3.67
CA GLN I 1 -41.08 -31.81 -2.72
C GLN I 1 -41.24 -32.83 -1.60
N VAL I 2 -42.00 -32.49 -0.57
CA VAL I 2 -42.33 -33.40 0.53
C VAL I 2 -43.56 -34.21 0.18
N GLN I 3 -43.48 -35.52 0.38
CA GLN I 3 -44.62 -36.41 0.25
C GLN I 3 -44.59 -37.41 1.39
N LEU I 4 -45.63 -38.24 1.44
CA LEU I 4 -45.66 -39.39 2.34
C LEU I 4 -46.27 -40.56 1.58
N VAL I 5 -45.50 -41.63 1.42
CA VAL I 5 -45.93 -42.81 0.69
C VAL I 5 -46.39 -43.83 1.71
N GLN I 6 -47.71 -43.99 1.85
CA GLN I 6 -48.23 -45.02 2.73
C GLN I 6 -48.12 -46.39 2.05
N SER I 7 -48.10 -47.42 2.88
CA SER I 7 -48.09 -48.77 2.37
C SER I 7 -49.45 -49.11 1.77
N GLY I 8 -49.58 -50.34 1.28
CA GLY I 8 -50.78 -50.78 0.62
C GLY I 8 -51.93 -51.01 1.59
N ALA I 9 -53.05 -51.44 1.02
CA ALA I 9 -54.29 -51.65 1.74
C ALA I 9 -54.32 -53.08 2.24
N GLU I 10 -54.05 -53.28 3.54
CA GLU I 10 -54.24 -54.61 4.09
C GLU I 10 -55.74 -54.82 4.33
N VAL I 11 -56.15 -56.09 4.45
CA VAL I 11 -57.55 -56.45 4.74
C VAL I 11 -57.57 -57.72 5.58
N LYS I 12 -58.28 -57.68 6.72
CA LYS I 12 -58.47 -58.84 7.58
C LYS I 12 -59.66 -58.56 8.50
N LYS I 13 -60.17 -59.62 9.13
CA LYS I 13 -61.45 -59.60 9.84
C LYS I 13 -61.25 -59.47 11.36
N PRO I 14 -62.31 -59.40 12.19
CA PRO I 14 -62.20 -58.69 13.47
C PRO I 14 -61.29 -59.38 14.47
N GLY I 15 -60.44 -58.58 15.11
CA GLY I 15 -59.48 -59.02 16.10
C GLY I 15 -58.06 -59.02 15.56
N ALA I 16 -57.77 -58.10 14.64
CA ALA I 16 -56.60 -58.23 13.78
C ALA I 16 -55.61 -57.09 14.00
N SER I 17 -54.33 -57.45 13.90
CA SER I 17 -53.24 -56.48 14.02
C SER I 17 -52.93 -55.94 12.64
N VAL I 18 -53.62 -54.87 12.24
CA VAL I 18 -53.15 -54.08 11.11
C VAL I 18 -51.92 -53.27 11.54
N LYS I 19 -51.12 -52.86 10.56
CA LYS I 19 -49.98 -51.97 10.85
C LYS I 19 -49.57 -51.29 9.54
N VAL I 20 -50.20 -50.16 9.24
CA VAL I 20 -49.93 -49.45 8.00
C VAL I 20 -48.70 -48.57 8.19
N SER I 21 -47.74 -48.71 7.26
CA SER I 21 -46.54 -47.88 7.26
C SER I 21 -46.73 -46.65 6.40
N CYS I 22 -45.83 -45.70 6.58
CA CYS I 22 -46.01 -44.34 6.06
C CYS I 22 -44.61 -43.76 5.92
N LYS I 23 -44.12 -43.72 4.68
CA LYS I 23 -42.73 -43.40 4.40
C LYS I 23 -42.61 -41.93 4.01
N ALA I 24 -41.73 -41.21 4.71
CA ALA I 24 -41.63 -39.77 4.60
C ALA I 24 -40.36 -39.35 3.86
N SER I 25 -40.47 -38.26 3.10
CA SER I 25 -39.34 -37.71 2.35
C SER I 25 -39.67 -36.26 1.96
N GLY I 26 -38.61 -35.50 1.67
CA GLY I 26 -38.75 -34.11 1.26
C GLY I 26 -38.69 -33.09 2.37
N TYR I 27 -38.35 -33.51 3.58
CA TYR I 27 -38.15 -32.60 4.70
C TYR I 27 -37.32 -33.36 5.73
N ILE I 28 -37.01 -32.69 6.84
CA ILE I 28 -36.24 -33.33 7.90
C ILE I 28 -37.23 -34.13 8.74
N PHE I 29 -37.24 -35.46 8.58
CA PHE I 29 -38.26 -36.29 9.21
C PHE I 29 -38.39 -35.99 10.70
N THR I 30 -37.26 -35.84 11.37
CA THR I 30 -37.26 -35.60 12.80
C THR I 30 -37.70 -34.18 13.15
N SER I 31 -37.69 -33.26 12.19
CA SER I 31 -38.03 -31.88 12.48
C SER I 31 -39.48 -31.73 12.94
N HIS I 32 -40.43 -32.27 12.15
CA HIS I 32 -41.84 -32.20 12.46
C HIS I 32 -42.30 -33.44 13.23
N GLY I 33 -43.61 -33.50 13.52
CA GLY I 33 -44.25 -34.70 14.00
C GLY I 33 -45.31 -35.15 13.01
N ILE I 34 -45.78 -36.40 13.13
CA ILE I 34 -46.85 -36.86 12.25
C ILE I 34 -47.96 -37.53 13.04
N SER I 35 -49.16 -37.46 12.50
CA SER I 35 -50.38 -37.95 13.11
C SER I 35 -51.02 -39.01 12.21
N TRP I 36 -52.28 -39.35 12.54
CA TRP I 36 -53.09 -40.23 11.72
C TRP I 36 -54.54 -39.80 11.81
N VAL I 37 -55.21 -39.73 10.67
CA VAL I 37 -56.64 -39.48 10.60
C VAL I 37 -57.25 -40.58 9.73
N ARG I 38 -58.27 -41.26 10.25
CA ARG I 38 -59.00 -42.24 9.44
C ARG I 38 -60.31 -41.64 8.97
N GLN I 39 -60.84 -42.20 7.89
CA GLN I 39 -62.12 -41.73 7.34
C GLN I 39 -62.92 -42.95 6.91
N ALA I 40 -63.82 -43.41 7.79
CA ALA I 40 -64.79 -44.41 7.36
C ALA I 40 -65.62 -43.82 6.21
N PRO I 41 -65.97 -44.62 5.20
CA PRO I 41 -66.35 -44.04 3.91
C PRO I 41 -67.67 -43.28 4.03
N GLY I 42 -67.71 -42.13 3.38
CA GLY I 42 -68.89 -41.27 3.35
C GLY I 42 -68.93 -40.22 4.44
N GLN I 43 -68.60 -40.60 5.67
CA GLN I 43 -68.57 -39.68 6.78
C GLN I 43 -67.22 -38.97 6.86
N GLY I 44 -66.99 -38.24 7.95
CA GLY I 44 -65.91 -37.28 8.01
C GLY I 44 -64.62 -37.85 8.59
N LEU I 45 -63.66 -36.94 8.77
CA LEU I 45 -62.32 -37.31 9.24
C LEU I 45 -62.31 -37.47 10.75
N GLU I 46 -61.54 -38.45 11.23
CA GLU I 46 -61.42 -38.77 12.65
C GLU I 46 -59.95 -38.70 13.07
N TRP I 47 -59.58 -37.65 13.79
CA TRP I 47 -58.24 -37.60 14.32
C TRP I 47 -58.03 -38.74 15.31
N MET I 48 -56.84 -39.35 15.23
CA MET I 48 -56.61 -40.68 15.77
C MET I 48 -55.34 -40.74 16.60
N GLY I 49 -54.69 -39.60 16.81
CA GLY I 49 -53.43 -39.53 17.54
C GLY I 49 -52.36 -38.78 16.76
N TRP I 50 -51.23 -38.56 17.44
CA TRP I 50 -50.02 -38.10 16.78
C TRP I 50 -48.82 -38.40 17.66
N ILE I 51 -47.64 -38.33 17.04
CA ILE I 51 -46.40 -38.77 17.64
C ILE I 51 -45.30 -37.76 17.33
N SER I 52 -44.29 -37.73 18.18
CA SER I 52 -43.04 -37.04 17.88
C SER I 52 -42.07 -38.00 17.22
N VAL I 53 -41.51 -37.57 16.09
CA VAL I 53 -40.39 -38.32 15.55
C VAL I 53 -39.21 -38.21 16.51
N TYR I 54 -39.17 -37.13 17.30
CA TYR I 54 -38.04 -36.78 18.17
C TYR I 54 -38.27 -37.16 19.63
N ASN I 55 -39.30 -36.60 20.27
CA ASN I 55 -39.52 -36.89 21.69
C ASN I 55 -39.90 -38.35 21.90
N GLY I 56 -40.74 -38.88 21.03
CA GLY I 56 -41.52 -40.05 21.36
C GLY I 56 -42.87 -39.72 21.97
N TYR I 57 -43.15 -38.44 22.20
CA TYR I 57 -44.44 -38.03 22.74
C TYR I 57 -45.57 -38.54 21.86
N THR I 58 -46.58 -39.12 22.50
CA THR I 58 -47.73 -39.68 21.81
C THR I 58 -48.99 -39.23 22.52
N ASN I 59 -49.88 -38.53 21.82
CA ASN I 59 -51.23 -38.28 22.34
C ASN I 59 -52.22 -39.08 21.50
N TYR I 60 -52.53 -40.29 21.97
CA TYR I 60 -53.56 -41.09 21.34
C TYR I 60 -54.95 -40.61 21.76
N ALA I 61 -55.93 -40.86 20.89
CA ALA I 61 -57.30 -40.36 21.11
C ALA I 61 -58.07 -41.27 22.07
N GLN I 62 -59.03 -40.65 22.77
CA GLN I 62 -59.76 -41.35 23.82
C GLN I 62 -60.62 -42.47 23.23
N ASN I 63 -61.37 -42.16 22.17
CA ASN I 63 -62.23 -43.12 21.47
C ASN I 63 -61.57 -44.48 21.31
N LEU I 64 -60.37 -44.49 20.75
CA LEU I 64 -59.62 -45.72 20.51
C LEU I 64 -58.97 -46.13 21.83
N GLN I 65 -59.69 -46.96 22.57
CA GLN I 65 -59.38 -47.37 23.94
C GLN I 65 -58.00 -48.00 24.04
N GLY I 66 -56.94 -47.23 23.87
CA GLY I 66 -55.60 -47.80 23.97
C GLY I 66 -55.32 -48.89 22.97
N ARG I 67 -56.07 -48.93 21.87
CA ARG I 67 -55.79 -49.89 20.81
C ARG I 67 -54.61 -49.46 19.94
N VAL I 68 -54.40 -48.14 19.79
CA VAL I 68 -53.46 -47.62 18.82
C VAL I 68 -52.04 -47.73 19.35
N THR I 69 -51.06 -47.69 18.43
CA THR I 69 -49.65 -47.61 18.81
C THR I 69 -48.88 -46.98 17.65
N MET I 70 -48.86 -45.65 17.62
CA MET I 70 -48.04 -44.98 16.64
C MET I 70 -46.58 -45.21 16.99
N THR I 71 -45.73 -45.23 15.97
CA THR I 71 -44.36 -45.66 16.15
C THR I 71 -43.55 -45.27 14.92
N THR I 72 -42.31 -44.82 15.13
CA THR I 72 -41.43 -44.44 14.05
C THR I 72 -40.04 -45.02 14.26
N ASP I 73 -39.25 -44.97 13.18
CA ASP I 73 -37.91 -45.55 13.11
C ASP I 73 -37.09 -44.53 12.33
N THR I 74 -36.34 -43.69 13.06
CA THR I 74 -35.68 -42.56 12.44
C THR I 74 -34.66 -43.01 11.41
N SER I 75 -34.15 -44.23 11.57
CA SER I 75 -33.28 -44.86 10.60
C SER I 75 -33.87 -44.80 9.19
N THR I 76 -35.06 -45.36 9.02
CA THR I 76 -35.62 -45.59 7.70
C THR I 76 -36.63 -44.51 7.27
N SER I 77 -36.86 -43.48 8.09
CA SER I 77 -37.86 -42.44 7.80
C SER I 77 -39.25 -43.03 7.60
N THR I 78 -39.53 -44.17 8.21
CA THR I 78 -40.85 -44.78 8.14
C THR I 78 -41.59 -44.55 9.45
N ALA I 79 -42.89 -44.30 9.35
CA ALA I 79 -43.74 -44.20 10.52
C ALA I 79 -44.85 -45.23 10.43
N TYR I 80 -45.25 -45.76 11.58
CA TYR I 80 -46.18 -46.88 11.63
C TYR I 80 -47.36 -46.57 12.54
N MET I 81 -48.46 -47.30 12.29
CA MET I 81 -49.71 -47.21 13.07
C MET I 81 -50.28 -48.62 13.19
N GLU I 82 -49.89 -49.34 14.24
CA GLU I 82 -50.54 -50.59 14.59
C GLU I 82 -51.86 -50.31 15.30
N LEU I 83 -52.89 -51.08 14.94
CA LEU I 83 -54.17 -51.01 15.64
C LEU I 83 -54.66 -52.43 15.86
N ARG I 84 -54.76 -52.85 17.12
CA ARG I 84 -55.10 -54.22 17.45
C ARG I 84 -56.60 -54.38 17.69
N SER I 85 -57.01 -55.64 17.84
CA SER I 85 -58.36 -56.02 18.26
C SER I 85 -59.41 -55.31 17.42
N LEU I 86 -59.35 -55.57 16.11
CA LEU I 86 -60.11 -54.84 15.12
C LEU I 86 -61.60 -55.14 15.19
N ARG I 87 -62.39 -54.23 14.62
CA ARG I 87 -63.84 -54.38 14.60
C ARG I 87 -64.39 -53.57 13.43
N SER I 88 -65.66 -53.86 13.11
CA SER I 88 -66.32 -53.33 11.91
C SER I 88 -66.10 -51.83 11.73
N ASP I 89 -66.24 -51.04 12.81
CA ASP I 89 -66.19 -49.59 12.68
C ASP I 89 -64.87 -49.12 12.10
N ASP I 90 -63.79 -49.86 12.37
CA ASP I 90 -62.43 -49.61 11.94
C ASP I 90 -62.23 -49.71 10.43
N THR I 91 -63.29 -49.80 9.62
CA THR I 91 -63.13 -49.81 8.17
C THR I 91 -63.07 -48.37 7.72
N ALA I 92 -61.90 -47.94 7.25
CA ALA I 92 -61.66 -46.55 6.92
C ALA I 92 -60.41 -46.46 6.05
N VAL I 93 -60.30 -45.34 5.35
CA VAL I 93 -59.01 -44.91 4.79
C VAL I 93 -58.20 -44.27 5.91
N TYR I 94 -56.99 -44.78 6.13
CA TYR I 94 -56.11 -44.35 7.21
C TYR I 94 -54.97 -43.55 6.60
N PHE I 95 -54.98 -42.24 6.80
CA PHE I 95 -53.90 -41.39 6.34
C PHE I 95 -52.92 -41.10 7.46
N CYS I 96 -51.67 -40.87 7.10
CA CYS I 96 -50.73 -40.19 7.98
C CYS I 96 -50.52 -38.78 7.44
N ALA I 97 -49.98 -37.92 8.29
CA ALA I 97 -49.73 -36.56 7.85
C ALA I 97 -48.69 -35.89 8.75
N ARG I 98 -47.80 -35.10 8.14
CA ARG I 98 -46.90 -34.29 8.92
C ARG I 98 -47.72 -33.35 9.81
N ALA I 99 -47.13 -32.97 10.96
CA ALA I 99 -47.80 -32.10 11.93
C ALA I 99 -46.79 -31.13 12.54
N SER I 100 -46.94 -29.85 12.25
CA SER I 100 -46.25 -28.78 12.96
C SER I 100 -47.21 -28.12 13.96
N GLN I 101 -46.63 -27.47 14.97
CA GLN I 101 -47.44 -26.73 15.93
C GLN I 101 -48.09 -25.50 15.30
N ILE I 102 -47.54 -24.98 14.20
CA ILE I 102 -48.05 -23.78 13.56
C ILE I 102 -48.78 -24.10 12.26
N ARG I 103 -48.25 -25.01 11.45
CA ARG I 103 -48.89 -25.37 10.19
C ARG I 103 -49.83 -26.57 10.32
N GLY I 104 -50.23 -26.93 11.55
CA GLY I 104 -51.20 -27.99 11.74
C GLY I 104 -50.67 -29.33 11.25
N VAL I 105 -51.60 -30.21 10.89
CA VAL I 105 -51.30 -31.40 10.08
C VAL I 105 -51.47 -30.99 8.62
N ASP I 106 -50.36 -30.92 7.88
CA ASP I 106 -50.38 -30.13 6.65
C ASP I 106 -50.24 -30.93 5.36
N TYR I 107 -49.35 -31.91 5.29
CA TYR I 107 -49.22 -32.71 4.09
C TYR I 107 -49.56 -34.15 4.42
N TRP I 108 -50.48 -34.74 3.65
CA TRP I 108 -51.07 -36.04 3.95
C TRP I 108 -50.58 -37.08 2.96
N GLY I 109 -50.42 -38.32 3.44
CA GLY I 109 -50.12 -39.45 2.58
C GLY I 109 -51.26 -39.68 1.60
N GLN I 110 -51.17 -40.69 0.73
CA GLN I 110 -52.23 -40.88 -0.27
C GLN I 110 -53.46 -41.52 0.35
N GLY I 111 -53.27 -42.55 1.15
CA GLY I 111 -54.37 -43.25 1.77
C GLY I 111 -54.00 -44.70 1.99
N THR I 112 -54.57 -45.28 3.05
CA THR I 112 -54.52 -46.72 3.25
C THR I 112 -55.91 -47.15 3.70
N LEU I 113 -56.63 -47.79 2.78
CA LEU I 113 -57.90 -48.40 3.10
C LEU I 113 -57.64 -49.73 3.79
N VAL I 114 -58.36 -49.99 4.87
CA VAL I 114 -58.21 -51.25 5.58
C VAL I 114 -59.59 -51.70 6.06
N THR I 115 -59.96 -52.92 5.69
CA THR I 115 -61.32 -53.40 5.85
C THR I 115 -61.37 -54.60 6.78
N VAL I 116 -62.35 -54.59 7.68
CA VAL I 116 -62.67 -55.71 8.55
C VAL I 116 -64.09 -56.15 8.23
N SER I 117 -64.27 -57.45 8.07
CA SER I 117 -65.60 -58.03 7.98
C SER I 117 -65.44 -59.52 8.07
N SER I 118 -66.50 -60.19 8.52
CA SER I 118 -66.47 -61.61 8.83
C SER I 118 -66.28 -62.47 7.57
N ALA I 119 -66.14 -61.84 6.42
CA ALA I 119 -66.09 -62.53 5.14
C ALA I 119 -64.69 -63.08 4.87
N SER I 120 -64.64 -64.19 4.13
CA SER I 120 -63.38 -64.69 3.59
C SER I 120 -63.29 -64.38 2.09
N THR I 121 -62.16 -64.71 1.50
CA THR I 121 -61.96 -64.44 0.07
C THR I 121 -62.74 -65.42 -0.78
N LYS I 122 -63.56 -64.88 -1.67
CA LYS I 122 -64.49 -65.68 -2.45
C LYS I 122 -64.76 -64.96 -3.76
N GLY I 123 -64.56 -65.66 -4.88
CA GLY I 123 -64.82 -65.12 -6.19
C GLY I 123 -66.30 -64.86 -6.44
N PRO I 124 -66.60 -64.08 -7.49
CA PRO I 124 -67.99 -63.73 -7.76
C PRO I 124 -68.67 -64.71 -8.67
N SER I 125 -69.96 -64.92 -8.44
CA SER I 125 -70.81 -65.56 -9.44
C SER I 125 -71.31 -64.48 -10.39
N VAL I 126 -71.20 -64.75 -11.69
CA VAL I 126 -71.59 -63.80 -12.71
C VAL I 126 -72.82 -64.34 -13.43
N PHE I 127 -73.83 -63.49 -13.57
CA PHE I 127 -75.08 -63.89 -14.21
C PHE I 127 -75.42 -62.88 -15.29
N PRO I 128 -75.94 -63.35 -16.43
CA PRO I 128 -76.20 -62.43 -17.54
C PRO I 128 -77.49 -61.65 -17.28
N LEU I 129 -77.38 -60.33 -17.23
CA LEU I 129 -78.56 -59.46 -17.14
C LEU I 129 -79.05 -59.15 -18.55
N ALA I 130 -79.79 -60.10 -19.13
CA ALA I 130 -80.14 -60.12 -20.55
C ALA I 130 -81.07 -58.95 -20.92
N PRO I 131 -81.15 -58.60 -22.23
CA PRO I 131 -81.94 -57.42 -22.66
C PRO I 131 -83.43 -57.69 -22.87
N SER I 132 -84.29 -57.00 -22.12
CA SER I 132 -85.72 -57.27 -22.18
C SER I 132 -86.40 -56.47 -23.29
N THR I 136 -85.63 -52.19 -25.64
CA THR I 136 -86.49 -51.08 -25.20
C THR I 136 -86.96 -50.28 -26.43
N SER I 137 -87.04 -48.94 -26.35
CA SER I 137 -87.77 -48.21 -27.38
C SER I 137 -87.11 -46.90 -27.82
N GLY I 138 -85.83 -46.67 -27.51
CA GLY I 138 -85.16 -45.48 -27.98
C GLY I 138 -84.31 -45.73 -29.21
N GLY I 139 -84.65 -46.79 -29.95
CA GLY I 139 -83.73 -47.32 -30.94
C GLY I 139 -82.51 -47.96 -30.33
N THR I 140 -82.61 -48.39 -29.06
CA THR I 140 -81.46 -48.85 -28.30
C THR I 140 -81.96 -49.88 -27.27
N ALA I 141 -81.08 -50.29 -26.36
CA ALA I 141 -81.34 -51.34 -25.39
C ALA I 141 -80.30 -51.32 -24.28
N ALA I 142 -80.70 -51.78 -23.09
CA ALA I 142 -79.80 -51.93 -21.95
C ALA I 142 -79.56 -53.40 -21.66
N LEU I 143 -78.29 -53.78 -21.54
CA LEU I 143 -77.91 -55.15 -21.22
C LEU I 143 -76.62 -55.11 -20.42
N GLY I 144 -76.50 -56.04 -19.49
CA GLY I 144 -75.31 -56.11 -18.68
C GLY I 144 -75.08 -57.48 -18.12
N CYS I 145 -74.36 -57.52 -17.00
CA CYS I 145 -74.24 -58.78 -16.27
C CYS I 145 -73.86 -58.46 -14.83
N LEU I 146 -74.39 -59.27 -13.90
CA LEU I 146 -74.35 -59.03 -12.47
C LEU I 146 -73.23 -59.85 -11.82
N VAL I 147 -72.47 -59.19 -10.95
CA VAL I 147 -71.28 -59.79 -10.33
C VAL I 147 -71.53 -60.01 -8.84
N LYS I 148 -72.28 -61.06 -8.50
CA LYS I 148 -72.84 -61.23 -7.17
C LYS I 148 -71.87 -61.89 -6.20
N ASP I 149 -72.05 -61.58 -4.91
CA ASP I 149 -71.43 -62.24 -3.75
C ASP I 149 -69.95 -62.55 -3.90
N TYR I 150 -69.09 -61.54 -3.84
CA TYR I 150 -67.65 -61.74 -3.84
C TYR I 150 -67.02 -60.95 -2.69
N PHE I 151 -65.76 -61.26 -2.43
CA PHE I 151 -65.02 -60.56 -1.38
C PHE I 151 -63.51 -60.76 -1.56
N PRO I 152 -62.70 -59.69 -1.48
CA PRO I 152 -63.13 -58.31 -1.21
C PRO I 152 -63.13 -57.48 -2.48
N GLU I 153 -63.46 -56.19 -2.40
CA GLU I 153 -63.29 -55.31 -3.56
C GLU I 153 -61.81 -55.26 -3.96
N PRO I 154 -61.51 -54.90 -5.21
CA PRO I 154 -62.30 -54.52 -6.38
C PRO I 154 -62.41 -55.62 -7.45
N VAL I 155 -63.24 -55.32 -8.45
CA VAL I 155 -63.58 -56.23 -9.53
C VAL I 155 -63.45 -55.48 -10.85
N THR I 156 -62.62 -56.01 -11.74
CA THR I 156 -62.47 -55.50 -13.09
C THR I 156 -63.61 -56.01 -13.96
N VAL I 157 -64.11 -55.16 -14.85
CA VAL I 157 -65.04 -55.64 -15.86
C VAL I 157 -64.89 -54.87 -17.16
N SER I 158 -64.58 -55.60 -18.23
CA SER I 158 -64.56 -55.12 -19.61
C SER I 158 -65.68 -55.78 -20.38
N TRP I 159 -65.87 -55.34 -21.62
CA TRP I 159 -66.75 -56.03 -22.55
C TRP I 159 -65.98 -56.29 -23.84
N ASN I 160 -66.21 -57.45 -24.44
CA ASN I 160 -65.56 -57.81 -25.70
C ASN I 160 -64.03 -57.76 -25.60
N SER I 161 -63.50 -58.11 -24.42
CA SER I 161 -62.06 -58.00 -24.16
C SER I 161 -61.54 -56.60 -24.49
N GLY I 162 -62.37 -55.59 -24.20
CA GLY I 162 -61.98 -54.21 -24.36
C GLY I 162 -62.39 -53.57 -25.66
N ALA I 163 -63.08 -54.30 -26.54
CA ALA I 163 -63.55 -53.72 -27.78
C ALA I 163 -64.73 -52.78 -27.55
N LEU I 164 -65.63 -53.15 -26.64
CA LEU I 164 -66.83 -52.36 -26.35
C LEU I 164 -66.51 -51.35 -25.26
N THR I 165 -66.39 -50.09 -25.65
CA THR I 165 -65.94 -49.02 -24.79
C THR I 165 -67.01 -47.97 -24.53
N SER I 166 -67.83 -47.66 -25.52
CA SER I 166 -68.86 -46.64 -25.42
C SER I 166 -70.22 -47.32 -25.32
N GLY I 167 -71.04 -46.86 -24.39
CA GLY I 167 -72.23 -47.55 -23.99
C GLY I 167 -72.10 -48.25 -22.65
N VAL I 168 -70.87 -48.50 -22.19
CA VAL I 168 -70.69 -49.25 -20.96
C VAL I 168 -70.82 -48.33 -19.75
N HIS I 169 -71.10 -48.95 -18.61
CA HIS I 169 -71.24 -48.29 -17.32
C HIS I 169 -71.18 -49.34 -16.23
N THR I 170 -70.09 -49.35 -15.48
CA THR I 170 -69.89 -50.29 -14.38
C THR I 170 -70.16 -49.58 -13.06
N PHE I 171 -71.19 -50.05 -12.35
CA PHE I 171 -71.62 -49.34 -11.16
C PHE I 171 -70.72 -49.60 -9.96
N PRO I 172 -70.70 -48.67 -9.00
CA PRO I 172 -70.07 -48.97 -7.72
C PRO I 172 -70.76 -50.14 -7.06
N ALA I 173 -70.04 -50.80 -6.17
CA ALA I 173 -70.52 -52.05 -5.61
C ALA I 173 -71.49 -51.81 -4.45
N VAL I 174 -72.04 -52.91 -3.94
CA VAL I 174 -72.94 -52.88 -2.79
C VAL I 174 -72.50 -53.95 -1.81
N LEU I 175 -72.47 -53.59 -0.53
CA LEU I 175 -72.15 -54.53 0.53
C LEU I 175 -73.47 -55.08 1.05
N GLN I 176 -73.81 -56.31 0.65
CA GLN I 176 -74.99 -56.94 1.21
C GLN I 176 -74.72 -57.34 2.65
N SER I 177 -75.81 -57.60 3.40
CA SER I 177 -75.66 -57.98 4.80
C SER I 177 -74.79 -59.22 4.98
N SER I 178 -74.67 -60.04 3.95
CA SER I 178 -73.84 -61.24 4.03
C SER I 178 -72.37 -60.91 4.21
N GLY I 179 -71.96 -59.65 4.02
CA GLY I 179 -70.57 -59.29 3.97
C GLY I 179 -69.93 -59.38 2.60
N LEU I 180 -70.64 -59.95 1.62
CA LEU I 180 -70.14 -60.15 0.28
C LEU I 180 -70.66 -59.06 -0.63
N TYR I 181 -69.77 -58.51 -1.45
CA TYR I 181 -70.10 -57.41 -2.35
C TYR I 181 -70.75 -57.93 -3.64
N SER I 182 -71.44 -57.02 -4.34
CA SER I 182 -71.87 -57.30 -5.71
C SER I 182 -72.16 -55.98 -6.43
N LEU I 183 -71.84 -55.95 -7.73
CA LEU I 183 -72.03 -54.80 -8.60
C LEU I 183 -72.59 -55.26 -9.92
N SER I 184 -72.83 -54.31 -10.81
CA SER I 184 -73.35 -54.61 -12.14
C SER I 184 -72.76 -53.62 -13.14
N SER I 185 -72.55 -54.10 -14.37
CA SER I 185 -72.08 -53.26 -15.46
C SER I 185 -72.99 -53.45 -16.66
N VAL I 186 -73.63 -52.37 -17.10
CA VAL I 186 -74.55 -52.40 -18.23
C VAL I 186 -73.89 -51.68 -19.40
N VAL I 187 -74.21 -52.12 -20.61
CA VAL I 187 -73.78 -51.43 -21.82
C VAL I 187 -74.97 -51.31 -22.77
N THR I 188 -75.26 -50.08 -23.21
CA THR I 188 -76.35 -49.83 -24.11
C THR I 188 -75.90 -50.08 -25.56
N VAL I 189 -76.81 -50.57 -26.39
CA VAL I 189 -76.51 -51.34 -27.61
C VAL I 189 -77.60 -51.11 -28.65
N PRO I 190 -77.38 -51.20 -29.97
CA PRO I 190 -78.43 -50.75 -30.87
C PRO I 190 -79.35 -51.92 -31.18
N SER I 191 -80.63 -51.75 -30.84
CA SER I 191 -81.59 -52.84 -30.76
C SER I 191 -81.46 -53.81 -31.92
N SER I 192 -81.18 -53.29 -33.12
CA SER I 192 -81.13 -54.12 -34.32
C SER I 192 -80.04 -55.19 -34.26
N SER I 193 -78.93 -54.91 -33.58
CA SER I 193 -77.70 -55.66 -33.76
C SER I 193 -77.58 -56.87 -32.82
N LEU I 194 -78.67 -57.39 -32.29
CA LEU I 194 -78.57 -58.55 -31.43
C LEU I 194 -78.32 -59.84 -32.19
N GLY I 195 -78.21 -59.76 -33.52
CA GLY I 195 -77.71 -60.86 -34.32
C GLY I 195 -76.50 -60.42 -35.12
N THR I 196 -75.59 -61.36 -35.37
CA THR I 196 -74.28 -61.15 -36.01
C THR I 196 -73.40 -60.16 -35.26
N GLN I 197 -73.72 -59.85 -33.99
CA GLN I 197 -72.87 -59.02 -33.12
C GLN I 197 -73.18 -59.39 -31.67
N THR I 198 -72.29 -60.18 -31.06
CA THR I 198 -72.51 -60.72 -29.73
C THR I 198 -71.94 -59.79 -28.65
N TYR I 199 -72.30 -60.04 -27.39
CA TYR I 199 -71.95 -59.17 -26.26
C TYR I 199 -71.57 -60.01 -25.05
N ILE I 200 -70.28 -60.02 -24.69
CA ILE I 200 -69.79 -60.83 -23.57
C ILE I 200 -68.99 -59.96 -22.60
N CYS I 201 -69.19 -60.21 -21.30
CA CYS I 201 -68.60 -59.43 -20.22
C CYS I 201 -67.53 -60.25 -19.53
N ASN I 202 -66.30 -59.74 -19.49
CA ASN I 202 -65.18 -60.42 -18.87
C ASN I 202 -64.96 -59.86 -17.47
N VAL I 203 -64.96 -60.74 -16.47
CA VAL I 203 -64.90 -60.34 -15.07
C VAL I 203 -63.62 -60.90 -14.46
N ASN I 204 -62.79 -60.00 -13.96
CA ASN I 204 -61.55 -60.35 -13.29
C ASN I 204 -61.70 -59.99 -11.83
N HIS I 205 -61.47 -60.96 -10.94
CA HIS I 205 -61.50 -60.73 -9.49
C HIS I 205 -60.13 -61.16 -8.98
N LYS I 206 -59.17 -60.24 -9.11
CA LYS I 206 -57.77 -60.56 -8.86
C LYS I 206 -57.50 -61.06 -7.44
N PRO I 207 -58.18 -60.60 -6.38
CA PRO I 207 -57.92 -61.17 -5.05
C PRO I 207 -58.04 -62.70 -4.97
N SER I 208 -58.99 -63.30 -5.69
CA SER I 208 -59.17 -64.75 -5.67
C SER I 208 -58.48 -65.45 -6.82
N ASN I 209 -58.06 -64.71 -7.85
CA ASN I 209 -57.59 -65.24 -9.13
C ASN I 209 -58.73 -65.92 -9.90
N THR I 210 -59.89 -65.25 -9.91
CA THR I 210 -61.07 -65.70 -10.64
C THR I 210 -61.23 -64.84 -11.89
N LYS I 211 -61.06 -65.43 -13.06
CA LYS I 211 -61.56 -64.86 -14.30
C LYS I 211 -62.78 -65.67 -14.73
N VAL I 212 -63.92 -64.99 -14.89
CA VAL I 212 -65.10 -65.58 -15.50
C VAL I 212 -65.62 -64.64 -16.57
N ASP I 213 -65.75 -65.16 -17.79
CA ASP I 213 -66.14 -64.38 -18.95
C ASP I 213 -67.51 -64.89 -19.38
N LYS I 214 -68.57 -64.13 -19.11
CA LYS I 214 -69.95 -64.54 -19.36
C LYS I 214 -70.55 -63.76 -20.52
N ARG I 215 -71.37 -64.43 -21.32
CA ARG I 215 -71.96 -63.85 -22.51
C ARG I 215 -73.47 -63.68 -22.32
N VAL I 216 -73.95 -62.48 -22.63
CA VAL I 216 -75.35 -62.14 -22.45
C VAL I 216 -76.04 -62.18 -23.82
N GLU I 217 -76.97 -63.09 -23.95
CA GLU I 217 -77.80 -63.22 -25.14
C GLU I 217 -79.22 -62.83 -24.81
N PRO I 218 -80.10 -62.71 -25.81
CA PRO I 218 -81.53 -62.52 -25.52
C PRO I 218 -82.36 -63.80 -25.61
N ASP J 1 -16.15 35.08 1.29
CA ASP J 1 -15.11 34.35 0.59
C ASP J 1 -14.66 35.18 -0.56
N ILE J 2 -13.87 34.53 -1.42
CA ILE J 2 -13.37 35.10 -2.68
C ILE J 2 -14.01 34.30 -3.81
N GLN J 3 -15.07 34.82 -4.42
CA GLN J 3 -15.92 33.97 -5.21
C GLN J 3 -15.82 34.27 -6.70
N MET J 4 -16.19 33.26 -7.49
CA MET J 4 -15.79 33.16 -8.89
C MET J 4 -16.96 32.63 -9.72
N THR J 5 -17.21 33.27 -10.85
CA THR J 5 -18.42 33.02 -11.60
C THR J 5 -18.09 32.96 -13.08
N GLN J 6 -18.53 31.89 -13.74
CA GLN J 6 -18.23 31.69 -15.15
C GLN J 6 -19.46 31.94 -16.00
N SER J 7 -19.25 32.47 -17.20
CA SER J 7 -20.35 32.53 -18.14
C SER J 7 -19.89 31.95 -19.47
N PRO J 8 -20.79 31.24 -20.18
CA PRO J 8 -22.08 30.76 -19.68
C PRO J 8 -21.94 29.62 -18.68
N SER J 9 -23.09 29.08 -18.26
CA SER J 9 -23.10 27.84 -17.49
C SER J 9 -23.29 26.64 -18.41
N SER J 10 -24.17 26.76 -19.38
CA SER J 10 -24.40 25.72 -20.38
C SER J 10 -24.17 26.33 -21.76
N LEU J 11 -23.85 25.48 -22.72
CA LEU J 11 -23.41 25.96 -24.01
C LEU J 11 -23.49 24.81 -25.02
N SER J 12 -24.00 25.10 -26.22
CA SER J 12 -24.12 24.10 -27.27
C SER J 12 -23.25 24.52 -28.45
N ALA J 13 -22.45 23.59 -28.98
CA ALA J 13 -21.50 23.93 -30.01
C ALA J 13 -21.24 22.74 -30.93
N SER J 14 -21.06 23.02 -32.22
CA SER J 14 -20.75 22.01 -33.22
C SER J 14 -19.26 21.77 -33.25
N VAL J 15 -18.86 20.55 -33.64
CA VAL J 15 -17.45 20.26 -33.80
C VAL J 15 -16.85 21.22 -34.83
N GLY J 16 -15.66 21.75 -34.51
CA GLY J 16 -15.00 22.73 -35.34
C GLY J 16 -15.33 24.17 -35.02
N ASP J 17 -16.43 24.43 -34.32
CA ASP J 17 -16.72 25.78 -33.85
C ASP J 17 -15.65 26.23 -32.85
N ARG J 18 -15.56 27.53 -32.67
CA ARG J 18 -14.81 28.11 -31.57
C ARG J 18 -15.75 28.36 -30.41
N VAL J 19 -15.31 28.03 -29.20
CA VAL J 19 -16.01 28.46 -28.01
C VAL J 19 -15.03 29.09 -27.04
N THR J 20 -15.55 30.03 -26.25
CA THR J 20 -14.81 30.69 -25.20
C THR J 20 -15.66 30.65 -23.93
N ILE J 21 -15.01 30.47 -22.79
CA ILE J 21 -15.68 30.50 -21.50
C ILE J 21 -15.01 31.57 -20.66
N THR J 22 -15.78 32.28 -19.84
CA THR J 22 -15.24 33.36 -19.02
C THR J 22 -15.12 32.94 -17.56
N CYS J 23 -14.06 33.39 -16.89
CA CYS J 23 -14.01 33.40 -15.43
C CYS J 23 -13.90 34.83 -14.93
N ARG J 24 -14.58 35.11 -13.84
CA ARG J 24 -14.53 36.42 -13.23
C ARG J 24 -14.45 36.22 -11.73
N ALA J 25 -13.34 36.67 -11.15
CA ALA J 25 -13.13 36.67 -9.71
C ALA J 25 -13.58 38.00 -9.13
N GLY J 26 -14.11 37.96 -7.91
CA GLY J 26 -14.55 39.18 -7.25
C GLY J 26 -13.39 40.08 -6.84
N GLN J 27 -12.21 39.50 -6.61
CA GLN J 27 -11.03 40.24 -6.25
C GLN J 27 -9.98 40.03 -7.33
N ASN J 28 -9.05 40.98 -7.42
CA ASN J 28 -7.90 40.80 -8.30
C ASN J 28 -7.08 39.62 -7.80
N ILE J 29 -6.93 38.59 -8.63
CA ILE J 29 -6.17 37.41 -8.26
C ILE J 29 -4.87 37.33 -9.03
N ASN J 30 -4.38 38.47 -9.50
CA ASN J 30 -3.15 38.54 -10.29
C ASN J 30 -3.39 37.61 -11.48
N ASN J 31 -2.62 36.54 -11.68
CA ASN J 31 -2.90 35.56 -12.72
C ASN J 31 -2.88 34.12 -12.15
N TYR J 32 -3.37 33.97 -10.93
CA TYR J 32 -3.33 32.68 -10.24
C TYR J 32 -4.63 31.90 -10.51
N LEU J 33 -4.77 31.52 -11.78
CA LEU J 33 -5.98 30.84 -12.22
C LEU J 33 -5.63 29.48 -12.81
N ASN J 34 -6.51 28.50 -12.55
CA ASN J 34 -6.43 27.18 -13.13
C ASN J 34 -7.76 26.80 -13.75
N TRP J 35 -7.71 26.06 -14.85
CA TRP J 35 -8.88 25.48 -15.47
C TRP J 35 -8.81 23.97 -15.36
N TYR J 36 -9.94 23.36 -15.04
CA TYR J 36 -10.04 21.92 -15.08
C TYR J 36 -11.16 21.50 -16.02
N GLN J 37 -10.98 20.34 -16.65
CA GLN J 37 -12.01 19.70 -17.44
C GLN J 37 -12.46 18.41 -16.76
N GLN J 38 -13.76 18.18 -16.75
CA GLN J 38 -14.31 16.96 -16.16
C GLN J 38 -15.35 16.36 -17.08
N LYS J 39 -15.22 15.10 -17.31
CA LYS J 39 -16.22 14.27 -17.96
C LYS J 39 -16.92 13.43 -16.90
N PRO J 40 -18.17 13.00 -17.15
CA PRO J 40 -18.93 12.34 -16.07
C PRO J 40 -18.27 11.05 -15.63
N GLY J 41 -18.44 10.74 -14.35
CA GLY J 41 -17.87 9.51 -13.80
C GLY J 41 -16.37 9.49 -13.76
N LYS J 42 -15.72 10.65 -13.83
CA LYS J 42 -14.28 10.78 -13.75
C LYS J 42 -13.96 12.01 -12.93
N ALA J 43 -12.82 11.98 -12.24
CA ALA J 43 -12.32 13.15 -11.55
C ALA J 43 -11.80 14.16 -12.57
N PRO J 44 -11.71 15.44 -12.22
CA PRO J 44 -11.28 16.45 -13.20
C PRO J 44 -9.78 16.32 -13.50
N LYS J 45 -9.36 17.04 -14.53
CA LYS J 45 -7.96 17.09 -14.97
C LYS J 45 -7.56 18.54 -15.20
N VAL J 46 -6.38 18.94 -14.72
CA VAL J 46 -5.89 20.29 -15.00
C VAL J 46 -5.77 20.46 -16.52
N LEU J 47 -5.93 21.70 -16.97
CA LEU J 47 -5.91 21.98 -18.38
C LEU J 47 -5.07 23.23 -18.62
N ILE J 48 -5.31 24.25 -17.81
CA ILE J 48 -4.51 25.45 -17.87
C ILE J 48 -4.08 25.76 -16.45
N TYR J 49 -2.81 26.10 -16.27
CA TYR J 49 -2.32 26.66 -15.02
C TYR J 49 -1.71 28.02 -15.31
N ALA J 50 -1.62 28.83 -14.25
CA ALA J 50 -1.10 30.19 -14.32
C ALA J 50 -1.89 31.05 -15.28
N ALA J 51 -3.17 30.75 -15.45
CA ALA J 51 -4.07 31.49 -16.33
C ALA J 51 -3.75 31.38 -17.82
N SER J 52 -2.62 30.80 -18.22
CA SER J 52 -2.38 30.74 -19.67
C SER J 52 -1.34 29.70 -20.07
N ASN J 53 -0.94 28.83 -19.15
CA ASN J 53 0.02 27.78 -19.46
C ASN J 53 -0.70 26.44 -19.54
N LEU J 54 -0.48 25.69 -20.63
CA LEU J 54 -1.08 24.37 -20.79
C LEU J 54 -0.36 23.33 -19.96
N GLN J 55 -1.12 22.39 -19.40
CA GLN J 55 -0.51 21.18 -18.89
C GLN J 55 0.09 20.43 -20.05
N SER J 56 1.24 19.78 -19.81
CA SER J 56 1.84 18.97 -20.86
C SER J 56 0.86 17.89 -21.30
N GLY J 57 0.75 17.70 -22.61
CA GLY J 57 -0.19 16.76 -23.16
C GLY J 57 -1.56 17.32 -23.48
N VAL J 58 -1.87 18.53 -23.03
CA VAL J 58 -3.11 19.20 -23.41
C VAL J 58 -2.96 19.79 -24.81
N PRO J 59 -3.77 19.35 -25.77
CA PRO J 59 -3.66 19.84 -27.15
C PRO J 59 -3.70 21.35 -27.34
N SER J 60 -3.18 21.77 -28.50
CA SER J 60 -2.89 23.17 -28.77
C SER J 60 -4.13 24.02 -29.03
N ARG J 61 -5.28 23.40 -29.29
CA ARG J 61 -6.50 24.20 -29.45
C ARG J 61 -6.93 24.85 -28.14
N PHE J 62 -6.45 24.34 -27.01
CA PHE J 62 -6.73 24.97 -25.72
C PHE J 62 -5.79 26.13 -25.48
N SER J 63 -6.34 27.20 -24.94
CA SER J 63 -5.54 28.40 -24.70
C SER J 63 -6.23 29.24 -23.63
N GLY J 64 -5.44 29.79 -22.72
CA GLY J 64 -5.94 30.60 -21.64
C GLY J 64 -5.44 32.03 -21.78
N SER J 65 -6.24 32.97 -21.31
CA SER J 65 -5.85 34.37 -21.28
C SER J 65 -6.51 35.02 -20.07
N GLY J 66 -5.83 36.00 -19.52
CA GLY J 66 -6.42 36.78 -18.45
C GLY J 66 -5.37 37.25 -17.45
N SER J 67 -5.64 38.41 -16.87
CA SER J 67 -4.95 38.86 -15.68
C SER J 67 -5.89 39.81 -14.97
N GLY J 68 -5.94 39.72 -13.65
CA GLY J 68 -6.82 40.58 -12.88
C GLY J 68 -8.06 39.85 -12.41
N THR J 69 -9.21 40.09 -13.05
CA THR J 69 -10.44 39.39 -12.72
C THR J 69 -11.06 38.63 -13.89
N ASP J 70 -10.95 39.13 -15.12
CA ASP J 70 -11.50 38.46 -16.29
C ASP J 70 -10.49 37.44 -16.83
N PHE J 71 -10.88 36.18 -16.89
CA PHE J 71 -10.11 35.15 -17.55
C PHE J 71 -10.99 34.41 -18.54
N THR J 72 -10.37 33.85 -19.58
CA THR J 72 -11.14 33.22 -20.65
C THR J 72 -10.48 31.92 -21.09
N LEU J 73 -11.16 30.80 -20.92
CA LEU J 73 -10.75 29.57 -21.60
C LEU J 73 -11.34 29.54 -23.01
N THR J 74 -10.49 29.28 -24.01
CA THR J 74 -10.94 29.25 -25.40
C THR J 74 -10.38 28.04 -26.12
N ILE J 75 -11.28 27.30 -26.80
CA ILE J 75 -10.94 26.16 -27.65
C ILE J 75 -11.18 26.61 -29.09
N SER J 76 -10.13 26.55 -29.92
CA SER J 76 -10.25 27.13 -31.26
C SER J 76 -11.20 26.30 -32.13
N SER J 77 -10.82 25.08 -32.52
CA SER J 77 -11.69 24.23 -33.33
C SER J 77 -12.07 23.02 -32.47
N LEU J 78 -13.22 23.12 -31.81
CA LEU J 78 -13.62 22.11 -30.84
C LEU J 78 -13.70 20.74 -31.50
N GLN J 79 -13.42 19.72 -30.72
CA GLN J 79 -13.28 18.34 -31.19
C GLN J 79 -14.16 17.44 -30.32
N PRO J 80 -14.45 16.20 -30.78
CA PRO J 80 -15.36 15.34 -30.01
C PRO J 80 -14.93 15.11 -28.58
N GLU J 81 -13.64 14.88 -28.35
CA GLU J 81 -13.13 14.63 -27.01
C GLU J 81 -13.41 15.78 -26.05
N ASP J 82 -13.68 16.97 -26.58
CA ASP J 82 -13.71 18.20 -25.80
C ASP J 82 -15.05 18.49 -25.12
N PHE J 83 -16.09 17.74 -25.44
CA PHE J 83 -17.38 17.98 -24.83
C PHE J 83 -17.33 17.51 -23.38
N ALA J 84 -17.40 18.46 -22.46
CA ALA J 84 -17.26 18.17 -21.03
C ALA J 84 -17.60 19.45 -20.28
N THR J 85 -17.48 19.37 -18.96
CA THR J 85 -17.69 20.52 -18.08
C THR J 85 -16.36 21.14 -17.74
N TYR J 86 -16.32 22.49 -17.69
CA TYR J 86 -15.08 23.23 -17.50
C TYR J 86 -15.22 24.14 -16.28
N TYR J 87 -14.28 24.02 -15.35
CA TYR J 87 -14.27 24.87 -14.18
C TYR J 87 -13.02 25.74 -14.20
N CYS J 88 -13.09 26.87 -13.51
CA CYS J 88 -11.87 27.52 -13.09
C CYS J 88 -11.72 27.49 -11.58
N GLN J 89 -10.50 27.72 -11.14
CA GLN J 89 -10.18 27.84 -9.73
C GLN J 89 -9.09 28.89 -9.59
N GLN J 90 -9.15 29.64 -8.48
CA GLN J 90 -8.19 30.68 -8.16
C GLN J 90 -7.17 30.13 -7.18
N SER J 91 -6.04 30.81 -7.10
CA SER J 91 -5.07 30.61 -6.03
C SER J 91 -4.26 31.87 -5.73
N HIS J 92 -4.93 33.02 -5.56
CA HIS J 92 -4.37 34.19 -4.83
C HIS J 92 -4.84 34.14 -3.38
N SER J 93 -5.39 33.01 -2.94
CA SER J 93 -5.89 32.84 -1.59
C SER J 93 -5.76 31.38 -1.24
N THR J 94 -5.34 31.08 -0.01
CA THR J 94 -5.22 29.70 0.42
C THR J 94 -6.56 29.06 0.73
N VAL J 95 -7.62 29.84 0.74
CA VAL J 95 -8.99 29.32 0.69
C VAL J 95 -9.33 29.21 -0.79
N ARG J 96 -9.11 28.02 -1.35
CA ARG J 96 -9.34 27.80 -2.77
C ARG J 96 -10.83 27.87 -3.10
N THR J 97 -11.16 28.43 -4.27
CA THR J 97 -12.55 28.54 -4.66
C THR J 97 -12.70 28.26 -6.15
N PHE J 98 -13.70 27.44 -6.50
CA PHE J 98 -14.01 27.00 -7.86
C PHE J 98 -15.12 27.82 -8.50
N GLY J 99 -15.14 27.86 -9.83
CA GLY J 99 -16.29 28.36 -10.54
C GLY J 99 -17.42 27.34 -10.55
N GLN J 100 -18.62 27.80 -10.93
CA GLN J 100 -19.80 26.94 -10.91
C GLN J 100 -19.73 25.87 -11.98
N GLY J 101 -18.96 26.08 -13.04
CA GLY J 101 -18.82 25.13 -14.12
C GLY J 101 -19.35 25.68 -15.43
N THR J 102 -19.05 24.94 -16.50
CA THR J 102 -19.53 25.29 -17.83
C THR J 102 -19.59 24.00 -18.62
N LYS J 103 -20.81 23.53 -18.88
CA LYS J 103 -21.00 22.38 -19.75
C LYS J 103 -20.93 22.85 -21.20
N VAL J 104 -20.17 22.13 -22.00
CA VAL J 104 -20.11 22.37 -23.44
C VAL J 104 -20.71 21.16 -24.14
N GLU J 105 -21.93 21.32 -24.64
CA GLU J 105 -22.73 20.25 -25.22
C GLU J 105 -22.68 20.32 -26.75
N ILE J 106 -23.09 19.21 -27.37
CA ILE J 106 -23.05 19.04 -28.82
C ILE J 106 -24.30 19.65 -29.46
N LYS J 107 -24.10 20.62 -30.35
CA LYS J 107 -25.21 21.12 -31.17
C LYS J 107 -25.57 20.07 -32.21
N ARG J 108 -26.87 20.02 -32.57
CA ARG J 108 -27.37 18.89 -33.34
C ARG J 108 -28.72 19.24 -33.96
N THR J 109 -29.07 18.50 -35.01
CA THR J 109 -30.36 18.69 -35.66
C THR J 109 -31.48 18.02 -34.87
N VAL J 110 -32.69 18.60 -34.96
CA VAL J 110 -33.80 18.12 -34.17
C VAL J 110 -34.11 16.67 -34.50
N ALA J 111 -34.22 15.84 -33.46
CA ALA J 111 -34.57 14.43 -33.58
C ALA J 111 -35.78 14.14 -32.71
N ALA J 112 -36.77 13.45 -33.27
CA ALA J 112 -38.05 13.22 -32.60
C ALA J 112 -38.02 11.93 -31.79
N PRO J 113 -38.63 11.93 -30.60
CA PRO J 113 -38.53 10.77 -29.71
C PRO J 113 -39.32 9.58 -30.23
N SER J 114 -38.91 8.41 -29.78
CA SER J 114 -39.55 7.14 -30.14
C SER J 114 -40.23 6.61 -28.87
N VAL J 115 -41.52 6.91 -28.72
CA VAL J 115 -42.20 6.68 -27.45
C VAL J 115 -42.52 5.20 -27.28
N PHE J 116 -42.44 4.72 -26.05
CA PHE J 116 -42.73 3.33 -25.71
C PHE J 116 -43.26 3.23 -24.29
N ILE J 117 -44.27 2.40 -24.08
CA ILE J 117 -44.84 2.21 -22.75
C ILE J 117 -44.71 0.74 -22.36
N PHE J 118 -44.62 0.49 -21.05
CA PHE J 118 -44.25 -0.82 -20.53
C PHE J 118 -45.14 -1.22 -19.37
N PRO J 119 -46.04 -2.19 -19.53
CA PRO J 119 -46.88 -2.59 -18.41
C PRO J 119 -46.03 -3.24 -17.32
N PRO J 120 -46.46 -3.15 -16.07
CA PRO J 120 -45.70 -3.77 -14.97
C PRO J 120 -45.42 -5.23 -15.25
N SER J 121 -44.31 -5.73 -14.71
CA SER J 121 -44.02 -7.14 -14.84
C SER J 121 -45.07 -7.96 -14.09
N ASP J 122 -45.28 -9.18 -14.55
CA ASP J 122 -46.09 -10.11 -13.76
C ASP J 122 -45.43 -10.34 -12.41
N GLU J 123 -44.11 -10.30 -12.38
CA GLU J 123 -43.35 -10.62 -11.17
C GLU J 123 -43.42 -9.52 -10.13
N GLN J 124 -43.39 -8.25 -10.56
CA GLN J 124 -43.45 -7.14 -9.62
C GLN J 124 -44.82 -7.05 -8.98
N LEU J 125 -45.86 -7.10 -9.81
CA LEU J 125 -47.24 -7.08 -9.35
C LEU J 125 -47.49 -8.14 -8.29
N LYS J 126 -46.73 -9.25 -8.33
CA LYS J 126 -46.87 -10.32 -7.36
C LYS J 126 -46.59 -9.84 -5.93
N SER J 127 -45.71 -8.84 -5.76
CA SER J 127 -45.57 -8.18 -4.46
C SER J 127 -46.65 -7.10 -4.36
N GLY J 128 -46.42 -6.05 -3.58
CA GLY J 128 -47.51 -5.11 -3.45
C GLY J 128 -47.56 -3.98 -4.45
N THR J 129 -46.69 -3.96 -5.45
CA THR J 129 -46.43 -2.71 -6.17
C THR J 129 -46.40 -2.91 -7.68
N ALA J 130 -46.62 -1.80 -8.39
CA ALA J 130 -46.62 -1.75 -9.85
C ALA J 130 -46.06 -0.42 -10.34
N SER J 131 -45.18 -0.48 -11.33
CA SER J 131 -44.63 0.70 -11.96
C SER J 131 -44.72 0.56 -13.48
N VAL J 132 -45.16 1.61 -14.15
CA VAL J 132 -45.26 1.62 -15.61
C VAL J 132 -44.28 2.67 -16.13
N VAL J 133 -43.25 2.21 -16.83
CA VAL J 133 -42.21 3.08 -17.37
C VAL J 133 -42.56 3.41 -18.83
N CYS J 134 -42.62 4.71 -19.14
CA CYS J 134 -42.84 5.21 -20.49
C CYS J 134 -41.54 5.80 -21.02
N LEU J 135 -40.82 5.01 -21.82
CA LEU J 135 -39.55 5.44 -22.42
C LEU J 135 -39.77 6.31 -23.65
N LEU J 136 -38.83 7.21 -23.90
CA LEU J 136 -38.82 7.89 -25.19
C LEU J 136 -37.38 8.11 -25.60
N ASN J 137 -37.07 7.76 -26.85
CA ASN J 137 -35.74 7.34 -27.25
C ASN J 137 -35.15 8.29 -28.29
N ASN J 138 -33.88 8.64 -28.06
CA ASN J 138 -33.00 9.35 -29.02
C ASN J 138 -33.70 10.56 -29.64
N PHE J 139 -33.95 11.56 -28.79
CA PHE J 139 -34.50 12.83 -29.25
C PHE J 139 -33.52 13.96 -28.96
N TYR J 140 -33.86 15.14 -29.49
CA TYR J 140 -33.11 16.37 -29.38
C TYR J 140 -33.98 17.46 -29.98
N PRO J 141 -34.04 18.67 -29.40
CA PRO J 141 -33.34 19.10 -28.19
C PRO J 141 -33.83 18.39 -26.93
N ARG J 142 -33.13 18.64 -25.81
CA ARG J 142 -33.42 17.90 -24.59
C ARG J 142 -34.82 18.14 -24.08
N GLU J 143 -35.33 19.34 -24.28
CA GLU J 143 -36.52 19.81 -23.57
C GLU J 143 -37.75 19.07 -24.10
N ALA J 144 -38.38 18.27 -23.25
CA ALA J 144 -39.52 17.43 -23.64
C ALA J 144 -40.49 17.27 -22.48
N LYS J 145 -41.79 17.45 -22.77
CA LYS J 145 -42.84 17.26 -21.76
C LYS J 145 -43.48 15.87 -21.89
N VAL J 146 -43.55 15.16 -20.78
CA VAL J 146 -44.20 13.86 -20.67
C VAL J 146 -45.42 13.98 -19.76
N GLN J 147 -46.52 13.32 -20.15
CA GLN J 147 -47.78 13.42 -19.43
C GLN J 147 -48.32 12.03 -19.15
N TRP J 148 -48.67 11.78 -17.90
CA TRP J 148 -49.29 10.52 -17.51
C TRP J 148 -50.79 10.72 -17.37
N LYS J 149 -51.54 9.89 -18.07
CA LYS J 149 -53.00 9.86 -17.98
C LYS J 149 -53.43 8.42 -17.76
N VAL J 150 -54.25 8.20 -16.74
CA VAL J 150 -54.81 6.87 -16.48
C VAL J 150 -56.34 7.00 -16.45
N ASP J 151 -57.01 6.26 -17.33
CA ASP J 151 -58.43 6.46 -17.64
C ASP J 151 -58.74 7.93 -17.89
N ASN J 152 -57.82 8.59 -18.60
CA ASN J 152 -57.86 10.02 -18.95
C ASN J 152 -57.72 10.94 -17.73
N ALA J 153 -57.27 10.44 -16.59
CA ALA J 153 -57.00 11.29 -15.43
C ALA J 153 -55.54 11.73 -15.45
N LEU J 154 -55.31 13.03 -15.64
CA LEU J 154 -53.95 13.58 -15.67
C LEU J 154 -53.28 13.38 -14.32
N GLN J 155 -52.12 12.71 -14.34
CA GLN J 155 -51.43 12.30 -13.12
C GLN J 155 -50.48 13.36 -12.61
N SER J 156 -50.12 13.21 -11.33
CA SER J 156 -49.15 14.05 -10.65
C SER J 156 -48.85 13.41 -9.30
N GLY J 157 -47.67 13.74 -8.76
CA GLY J 157 -47.26 13.25 -7.45
C GLY J 157 -46.64 11.88 -7.44
N ASN J 158 -46.65 11.15 -8.57
CA ASN J 158 -46.20 9.77 -8.62
C ASN J 158 -45.30 9.44 -9.80
N SER J 159 -44.94 10.41 -10.64
CA SER J 159 -44.11 10.18 -11.81
C SER J 159 -42.76 10.83 -11.60
N GLN J 160 -41.69 10.03 -11.69
CA GLN J 160 -40.32 10.53 -11.65
C GLN J 160 -39.62 10.22 -12.96
N GLU J 161 -38.98 11.22 -13.55
CA GLU J 161 -38.23 11.02 -14.78
C GLU J 161 -36.74 11.31 -14.58
N SER J 162 -35.88 10.52 -15.22
CA SER J 162 -34.47 10.81 -15.40
C SER J 162 -34.14 10.84 -16.88
N VAL J 163 -32.95 11.37 -17.21
CA VAL J 163 -32.55 11.57 -18.60
C VAL J 163 -31.07 11.20 -18.76
N THR J 164 -30.71 10.65 -19.91
CA THR J 164 -29.32 10.41 -20.23
C THR J 164 -28.70 11.60 -20.95
N GLU J 165 -27.39 11.76 -20.80
CA GLU J 165 -26.69 12.79 -21.57
C GLU J 165 -26.21 12.20 -22.91
N GLN J 166 -25.96 13.09 -23.87
CA GLN J 166 -26.18 12.74 -25.27
C GLN J 166 -25.25 11.60 -25.71
N ASP J 167 -25.84 10.63 -26.46
CA ASP J 167 -25.23 9.34 -26.83
C ASP J 167 -23.91 9.57 -27.54
N SER J 168 -23.08 8.53 -27.53
CA SER J 168 -21.75 8.55 -28.11
C SER J 168 -21.79 8.92 -29.58
N LYS J 169 -22.38 8.05 -30.41
CA LYS J 169 -22.47 8.39 -31.84
C LYS J 169 -23.68 9.26 -32.14
N ASP J 170 -24.73 9.17 -31.33
CA ASP J 170 -25.98 9.83 -31.66
C ASP J 170 -26.00 11.30 -31.28
N SER J 171 -25.51 11.64 -30.08
CA SER J 171 -25.63 12.98 -29.50
C SER J 171 -27.08 13.35 -29.23
N THR J 172 -27.85 12.41 -28.68
CA THR J 172 -29.25 12.66 -28.39
C THR J 172 -29.58 12.21 -26.97
N TYR J 173 -30.75 12.62 -26.52
CA TYR J 173 -31.17 12.26 -25.17
C TYR J 173 -32.20 11.13 -25.23
N SER J 174 -32.28 10.41 -24.12
CA SER J 174 -33.36 9.46 -23.87
C SER J 174 -33.90 9.77 -22.49
N LEU J 175 -35.20 9.95 -22.39
CA LEU J 175 -35.87 10.20 -21.13
C LEU J 175 -36.65 8.96 -20.73
N SER J 176 -36.79 8.73 -19.42
CA SER J 176 -37.65 7.67 -18.92
C SER J 176 -38.51 8.25 -17.80
N SER J 177 -39.82 8.32 -18.03
CA SER J 177 -40.79 8.73 -17.03
C SER J 177 -41.45 7.50 -16.44
N THR J 178 -41.39 7.35 -15.12
CA THR J 178 -41.86 6.16 -14.43
C THR J 178 -43.03 6.51 -13.52
N LEU J 179 -44.16 5.81 -13.73
CA LEU J 179 -45.38 6.02 -12.96
C LEU J 179 -45.59 4.88 -11.97
N THR J 180 -45.71 5.22 -10.70
CA THR J 180 -45.79 4.25 -9.63
C THR J 180 -47.13 4.37 -8.92
N LEU J 181 -47.84 3.25 -8.80
CA LEU J 181 -49.07 3.14 -8.03
C LEU J 181 -49.04 1.80 -7.30
N SER J 182 -49.86 1.70 -6.26
CA SER J 182 -50.02 0.43 -5.56
C SER J 182 -50.67 -0.61 -6.49
N LYS J 183 -50.52 -1.88 -6.13
CA LYS J 183 -51.26 -2.91 -6.86
C LYS J 183 -52.75 -2.62 -6.83
N ALA J 184 -53.25 -2.17 -5.66
CA ALA J 184 -54.66 -1.85 -5.48
C ALA J 184 -55.14 -0.73 -6.42
N ASP J 185 -54.64 0.49 -6.22
CA ASP J 185 -55.03 1.62 -7.07
C ASP J 185 -54.82 1.33 -8.56
N TYR J 186 -53.86 0.46 -8.88
CA TYR J 186 -53.59 0.08 -10.26
C TYR J 186 -54.68 -0.85 -10.80
N GLU J 187 -54.98 -1.93 -10.06
CA GLU J 187 -55.90 -2.95 -10.55
C GLU J 187 -57.24 -2.34 -10.94
N LYS J 188 -57.69 -1.30 -10.24
CA LYS J 188 -58.91 -0.61 -10.61
C LYS J 188 -58.86 -0.16 -12.07
N HIS J 189 -58.07 0.88 -12.36
CA HIS J 189 -58.14 1.58 -13.63
C HIS J 189 -57.70 0.69 -14.79
N LYS J 190 -57.90 1.20 -16.02
CA LYS J 190 -57.72 0.37 -17.21
C LYS J 190 -56.80 0.97 -18.27
N VAL J 191 -57.06 2.21 -18.70
CA VAL J 191 -56.31 2.83 -19.80
C VAL J 191 -55.11 3.58 -19.22
N TYR J 192 -53.91 3.19 -19.67
CA TYR J 192 -52.66 3.67 -19.08
C TYR J 192 -51.86 4.45 -20.12
N ALA J 193 -52.01 5.77 -20.10
CA ALA J 193 -51.53 6.62 -21.19
C ALA J 193 -50.26 7.37 -20.81
N CYS J 194 -49.61 7.91 -21.84
CA CYS J 194 -48.36 8.65 -21.69
C CYS J 194 -48.27 9.58 -22.89
N GLU J 195 -48.32 10.89 -22.66
CA GLU J 195 -48.35 11.89 -23.72
C GLU J 195 -47.03 12.67 -23.77
N VAL J 196 -46.44 12.76 -24.95
CA VAL J 196 -45.08 13.27 -25.11
C VAL J 196 -45.14 14.46 -26.04
N THR J 197 -45.23 15.66 -25.48
CA THR J 197 -44.99 16.86 -26.25
C THR J 197 -43.51 16.97 -26.60
N HIS J 198 -43.21 17.28 -27.86
CA HIS J 198 -41.83 17.60 -28.22
C HIS J 198 -41.84 18.56 -29.39
N GLN J 199 -40.80 19.42 -29.44
CA GLN J 199 -40.61 20.34 -30.55
C GLN J 199 -40.56 19.61 -31.88
N GLY J 200 -40.01 18.39 -31.88
CA GLY J 200 -39.83 17.64 -33.11
C GLY J 200 -41.00 16.75 -33.43
N LEU J 201 -42.16 17.08 -32.87
CA LEU J 201 -43.41 16.38 -33.13
C LEU J 201 -44.47 17.41 -33.52
N SER J 202 -45.24 17.09 -34.56
CA SER J 202 -46.31 18.00 -35.00
C SER J 202 -47.34 18.18 -33.92
N SER J 203 -47.91 17.07 -33.46
CA SER J 203 -48.88 16.92 -32.40
C SER J 203 -48.32 15.96 -31.36
N PRO J 204 -48.73 16.10 -30.10
CA PRO J 204 -48.29 15.15 -29.07
C PRO J 204 -48.63 13.72 -29.45
N VAL J 205 -47.76 12.80 -29.11
CA VAL J 205 -48.00 11.37 -29.28
C VAL J 205 -48.39 10.79 -27.93
N THR J 206 -49.36 9.88 -27.94
CA THR J 206 -49.66 9.03 -26.79
C THR J 206 -49.31 7.58 -27.12
N LYS J 207 -48.80 6.87 -26.13
CA LYS J 207 -48.75 5.42 -26.18
C LYS J 207 -49.44 4.90 -24.92
N SER J 208 -50.14 3.78 -25.06
CA SER J 208 -51.01 3.26 -24.01
C SER J 208 -51.38 1.83 -24.30
N PHE J 209 -51.70 1.09 -23.24
CA PHE J 209 -52.33 -0.22 -23.35
C PHE J 209 -53.23 -0.43 -22.14
N ASN J 210 -54.37 -1.09 -22.39
CA ASN J 210 -55.39 -1.31 -21.39
C ASN J 210 -55.02 -2.45 -20.44
N ARG J 211 -55.41 -2.28 -19.18
CA ARG J 211 -54.92 -3.05 -18.02
C ARG J 211 -54.65 -4.52 -18.30
N GLY J 212 -55.49 -5.18 -19.11
CA GLY J 212 -55.37 -6.61 -19.30
C GLY J 212 -54.63 -7.07 -20.55
N GLU J 213 -55.00 -6.51 -21.70
CA GLU J 213 -54.55 -6.99 -23.02
C GLU J 213 -53.03 -7.18 -23.14
C1 NAG K . -21.02 -11.88 39.45
C2 NAG K . -20.96 -10.44 38.93
C3 NAG K . -19.55 -9.91 39.12
C4 NAG K . -19.14 -10.02 40.58
C5 NAG K . -19.39 -11.44 41.12
C6 NAG K . -19.28 -11.48 42.65
C7 NAG K . -22.41 -9.57 37.16
C8 NAG K . -23.79 -10.17 37.05
N2 NAG K . -21.44 -10.39 37.55
O3 NAG K . -19.53 -8.55 38.67
O4 NAG K . -17.72 -9.84 40.63
O5 NAG K . -20.72 -11.87 40.85
O6 NAG K . -18.00 -11.06 43.11
O7 NAG K . -22.20 -8.40 36.89
C1 NAG K . -17.32 -8.50 41.05
C2 NAG K . -15.89 -8.58 41.58
C3 NAG K . -15.38 -7.19 41.97
C4 NAG K . -15.60 -6.22 40.81
C5 NAG K . -17.06 -6.24 40.38
C6 NAG K . -17.34 -5.25 39.25
C7 NAG K . -15.37 -9.23 43.92
C8 NAG K . -16.39 -8.84 44.96
N2 NAG K . -15.85 -9.51 42.71
O3 NAG K . -13.99 -7.26 42.27
O4 NAG K . -15.22 -4.90 41.22
O5 NAG K . -17.41 -7.56 39.97
O6 NAG K . -16.32 -5.40 38.26
O7 NAG K . -14.18 -9.29 44.18
C1 BMA K . -13.99 -4.49 40.57
C2 BMA K . -14.29 -3.22 39.67
C3 BMA K . -13.02 -2.42 39.31
C4 BMA K . -11.99 -2.40 40.49
C5 BMA K . -11.74 -3.82 40.96
C6 BMA K . -10.64 -3.98 41.98
O2 BMA K . -15.17 -2.32 40.31
O3 BMA K . -13.40 -1.09 38.93
O4 BMA K . -10.76 -1.82 40.06
O5 BMA K . -12.95 -4.27 41.54
O6 BMA K . -10.31 -5.36 42.06
C1 MAN K . -13.09 -0.84 37.54
C2 MAN K . -12.94 0.71 37.35
C3 MAN K . -14.32 1.40 37.27
C4 MAN K . -15.22 0.72 36.24
C5 MAN K . -15.38 -0.78 36.54
C6 MAN K . -16.16 -1.50 35.44
O2 MAN K . -12.24 1.04 36.14
O3 MAN K . -14.21 2.81 37.00
O4 MAN K . -16.52 1.33 36.24
O5 MAN K . -14.07 -1.42 36.64
O6 MAN K . -16.65 -2.73 35.96
C1 NAG L . -8.09 -18.60 12.16
C2 NAG L . -8.02 -19.07 10.71
C3 NAG L . -7.26 -18.03 9.86
C4 NAG L . -7.79 -16.59 10.06
C5 NAG L . -7.84 -16.26 11.54
C6 NAG L . -8.54 -14.95 11.87
C7 NAG L . -7.22 -21.10 9.59
C8 NAG L . -5.88 -21.75 9.38
N2 NAG L . -7.32 -20.34 10.68
O3 NAG L . -7.36 -18.43 8.49
O4 NAG L . -6.94 -15.61 9.43
O5 NAG L . -8.60 -17.27 12.19
O6 NAG L . -9.97 -15.05 11.77
O7 NAG L . -8.15 -21.27 8.83
C1 NAG L . -7.65 -14.64 8.60
C2 NAG L . -6.93 -13.30 8.69
C3 NAG L . -7.46 -12.31 7.64
C4 NAG L . -7.64 -12.96 6.27
C5 NAG L . -8.43 -14.26 6.37
C6 NAG L . -8.67 -14.94 5.01
C7 NAG L . -6.55 -12.68 11.08
C8 NAG L . -6.97 -11.65 12.11
N2 NAG L . -7.26 -12.65 9.95
O3 NAG L . -6.51 -11.25 7.54
O4 NAG L . -8.33 -12.06 5.39
O5 NAG L . -7.72 -15.14 7.26
O6 NAG L . -9.22 -14.02 4.06
O7 NAG L . -5.65 -13.47 11.31
C1 NAG M . -18.42 -15.42 13.98
C2 NAG M . -18.06 -15.20 12.52
C3 NAG M . -17.66 -13.75 12.27
C4 NAG M . -18.75 -12.81 12.75
C5 NAG M . -19.07 -13.12 14.21
C6 NAG M . -20.24 -12.26 14.65
C7 NAG M . -17.17 -17.23 11.49
C8 NAG M . -15.94 -17.86 10.88
N2 NAG M . -16.96 -16.08 12.13
O3 NAG M . -17.45 -13.54 10.87
O4 NAG M . -18.29 -11.45 12.68
O5 NAG M . -19.44 -14.49 14.37
O6 NAG M . -21.37 -12.57 13.84
O7 NAG M . -18.28 -17.74 11.38
C1 NAG M . -18.84 -10.68 11.58
C2 NAG M . -18.67 -9.18 11.86
C3 NAG M . -19.18 -8.36 10.67
C4 NAG M . -18.46 -8.79 9.39
C5 NAG M . -18.69 -10.31 9.20
C6 NAG M . -18.03 -10.90 7.97
C7 NAG M . -18.97 -8.85 14.30
C8 NAG M . -19.92 -8.36 15.36
N2 NAG M . -19.42 -8.76 13.04
O3 NAG M . -18.99 -6.94 10.83
O4 NAG M . -18.95 -7.98 8.32
O5 NAG M . -18.20 -11.01 10.35
O6 NAG M . -16.71 -11.33 8.30
O7 NAG M . -17.86 -9.28 14.60
C1 BMA M . -17.85 -7.46 7.52
C2 BMA M . -18.37 -7.25 6.04
C3 BMA M . -17.21 -6.76 5.15
C4 BMA M . -16.43 -5.55 5.81
C5 BMA M . -16.08 -5.82 7.30
C6 BMA M . -15.47 -4.58 7.99
O2 BMA M . -19.43 -6.29 5.97
O3 BMA M . -17.65 -6.46 3.81
O4 BMA M . -15.24 -5.25 5.09
O5 BMA M . -17.28 -6.24 8.03
O6 BMA M . -14.45 -5.01 8.89
C1 NAG N . 34.67 30.95 -17.86
C2 NAG N . 35.41 31.48 -19.08
C3 NAG N . 34.89 30.76 -20.32
C4 NAG N . 35.01 29.25 -20.12
C5 NAG N . 34.22 28.85 -18.87
C6 NAG N . 34.18 27.36 -18.55
C7 NAG N . 36.16 33.72 -18.68
C8 NAG N . 36.28 35.08 -19.32
N2 NAG N . 35.22 32.91 -19.19
O3 NAG N . 35.63 31.16 -21.47
O4 NAG N . 34.52 28.59 -21.29
O5 NAG N . 34.78 29.53 -17.77
O6 NAG N . 35.49 26.95 -18.20
O7 NAG N . 36.89 33.38 -17.74
C1 NAG N . 35.50 27.63 -21.70
C2 NAG N . 34.82 26.53 -22.54
C3 NAG N . 35.88 25.52 -22.96
C4 NAG N . 36.94 26.24 -23.77
C5 NAG N . 37.54 27.37 -22.92
C6 NAG N . 38.50 28.26 -23.69
C7 NAG N . 32.49 26.39 -21.91
C8 NAG N . 31.57 26.07 -20.76
N2 NAG N . 33.74 25.91 -21.80
O3 NAG N . 35.29 24.44 -23.71
O4 NAG N . 37.94 25.29 -24.22
O5 NAG N . 36.51 28.25 -22.50
O6 NAG N . 37.72 29.19 -24.46
O7 NAG N . 32.14 27.04 -22.88
C1 BMA N . 38.19 25.47 -25.63
C2 BMA N . 39.74 25.36 -25.89
C3 BMA N . 40.01 25.54 -27.39
C4 BMA N . 39.10 24.63 -28.26
C5 BMA N . 37.60 24.76 -27.85
C6 BMA N . 36.68 23.79 -28.60
O2 BMA N . 40.26 24.08 -25.52
O3 BMA N . 41.39 25.32 -27.71
O4 BMA N . 39.28 24.97 -29.63
O5 BMA N . 37.48 24.52 -26.44
O6 BMA N . 35.44 24.44 -28.89
C1 NAG O . 18.76 19.91 -16.11
C2 NAG O . 18.74 18.51 -16.66
C3 NAG O . 18.58 18.48 -18.17
C4 NAG O . 17.61 19.57 -18.63
C5 NAG O . 17.87 20.91 -17.99
C6 NAG O . 16.89 22.00 -18.38
C7 NAG O . 20.30 16.79 -16.03
C8 NAG O . 21.67 16.26 -16.36
N2 NAG O . 20.07 18.03 -16.40
O3 NAG O . 17.88 17.27 -18.33
O4 NAG O . 17.76 19.76 -20.03
O5 NAG O . 17.72 20.71 -16.61
O6 NAG O . 17.19 23.16 -17.58
O7 NAG O . 19.44 16.14 -15.46
C1 NAG O . 18.23 16.32 -19.38
C2 NAG O . 18.63 16.89 -20.74
C3 NAG O . 18.82 15.77 -21.75
C4 NAG O . 19.62 14.60 -21.19
C5 NAG O . 19.12 14.22 -19.81
C6 NAG O . 19.92 13.05 -19.23
C7 NAG O . 16.30 17.49 -21.47
C8 NAG O . 15.43 18.63 -21.95
N2 NAG O . 17.62 17.77 -21.33
O3 NAG O . 19.53 16.34 -22.86
O4 NAG O . 19.24 13.49 -21.98
O5 NAG O . 19.16 15.33 -18.92
O6 NAG O . 19.81 11.91 -20.09
O7 NAG O . 15.78 16.40 -21.25
C1 BMA O . 20.06 13.17 -23.13
C2 BMA O . 19.30 12.03 -23.81
C3 BMA O . 20.13 11.50 -24.95
C4 BMA O . 20.46 12.65 -25.95
C5 BMA O . 21.10 13.85 -25.21
C6 BMA O . 21.32 15.07 -26.10
O2 BMA O . 18.08 12.52 -24.39
O3 BMA O . 19.47 10.41 -25.59
O4 BMA O . 21.35 12.19 -26.96
O5 BMA O . 20.26 14.24 -24.07
O6 BMA O . 21.24 14.63 -27.48
C1 MAN O . 20.27 9.21 -25.52
C2 MAN O . 19.65 8.20 -26.52
C3 MAN O . 18.32 7.69 -25.98
C4 MAN O . 18.47 7.13 -24.53
C5 MAN O . 19.14 8.17 -23.58
C6 MAN O . 19.48 7.59 -22.20
O2 MAN O . 20.47 7.04 -26.70
O3 MAN O . 17.72 6.72 -26.86
O4 MAN O . 17.21 6.73 -23.98
O5 MAN O . 20.37 8.68 -24.18
O6 MAN O . 20.28 8.51 -21.47
C1 MAN O . 20.96 15.73 -28.36
C2 MAN O . 19.70 16.47 -27.83
C3 MAN O . 18.43 15.61 -28.06
C4 MAN O . 18.30 15.17 -29.53
C5 MAN O . 19.60 14.48 -30.03
C6 MAN O . 19.59 14.22 -31.55
O2 MAN O . 19.51 17.74 -28.50
O3 MAN O . 17.23 16.26 -27.63
O4 MAN O . 17.21 14.25 -29.64
O5 MAN O . 20.78 15.30 -29.72
O6 MAN O . 18.28 13.79 -31.92
C1 NAG P . 15.24 44.12 -5.03
C2 NAG P . 14.79 45.57 -5.09
C3 NAG P . 15.69 46.51 -4.32
C4 NAG P . 15.96 45.98 -2.91
C5 NAG P . 16.49 44.55 -3.01
C6 NAG P . 16.83 43.96 -1.65
C7 NAG P . 15.33 47.07 -7.00
C8 NAG P . 14.46 48.26 -7.30
N2 NAG P . 14.72 46.00 -6.49
O3 NAG P . 14.92 47.72 -4.29
O4 NAG P . 16.85 46.82 -2.12
O5 NAG P . 15.50 43.73 -3.67
O6 NAG P . 16.55 42.55 -1.64
O7 NAG P . 16.54 47.08 -7.21
C1 NAG P . 16.16 48.02 -1.67
C2 NAG P . 16.77 48.67 -0.43
C3 NAG P . 15.94 49.90 -0.05
C4 NAG P . 15.87 50.88 -1.23
C5 NAG P . 15.35 50.17 -2.46
C6 NAG P . 15.31 51.06 -3.70
C7 NAG P . 18.00 47.61 1.37
C8 NAG P . 17.89 46.96 2.73
N2 NAG P . 16.87 47.75 0.70
O3 NAG P . 16.51 50.52 1.11
O4 NAG P . 14.98 51.98 -0.94
O5 NAG P . 16.16 49.03 -2.72
O6 NAG P . 16.63 51.15 -4.28
O7 NAG P . 19.08 47.97 0.92
C1 NAG Q . 17.99 8.26 6.82
C2 NAG Q . 18.04 7.14 5.79
C3 NAG Q . 16.61 6.68 5.45
C4 NAG Q . 15.85 6.30 6.71
C5 NAG Q . 15.96 7.44 7.73
C6 NAG Q . 15.35 7.09 9.07
C7 NAG Q . 20.12 7.54 4.57
C8 NAG Q . 20.79 6.39 3.86
N2 NAG Q . 18.79 7.54 4.60
O3 NAG Q . 16.67 5.57 4.55
O4 NAG Q . 14.45 6.16 6.37
O5 NAG Q . 17.31 7.78 7.98
O6 NAG Q . 15.85 8.06 10.00
O7 NAG Q . 20.79 8.42 5.11
C1 NAG Q . 13.95 4.80 6.40
C2 NAG Q . 12.58 4.77 7.11
C3 NAG Q . 12.00 3.36 7.09
C4 NAG Q . 11.95 2.80 5.67
C5 NAG Q . 13.35 2.90 5.04
C6 NAG Q . 13.37 2.44 3.57
C7 NAG Q . 11.72 5.94 9.09
C8 NAG Q . 11.02 5.29 10.24
N2 NAG Q . 12.67 5.22 8.49
O3 NAG Q . 10.67 3.41 7.64
O4 NAG Q . 11.53 1.41 5.72
O5 NAG Q . 13.82 4.26 5.08
O6 NAG Q . 14.68 2.58 3.00
O7 NAG Q . 11.43 7.07 8.73
C1 BMA Q . 10.14 1.21 5.36
C2 BMA Q . 10.02 -0.22 4.74
C3 BMA Q . 8.51 -0.57 4.46
C4 BMA Q . 7.61 -0.25 5.67
C5 BMA Q . 7.83 1.20 6.13
C6 BMA Q . 7.00 1.58 7.34
O2 BMA Q . 10.58 -1.21 5.60
O3 BMA Q . 8.34 -1.94 4.03
O4 BMA Q . 6.24 -0.44 5.31
O5 BMA Q . 9.23 1.37 6.46
O6 BMA Q . 5.62 1.38 7.03
C1 NAG R . -33.86 -25.36 6.82
C2 NAG R . -34.52 -25.89 5.54
C3 NAG R . -33.74 -25.50 4.29
C4 NAG R . -33.67 -23.98 4.23
C5 NAG R . -33.12 -23.44 5.55
C6 NAG R . -33.24 -21.92 5.48
C7 NAG R . -36.05 -27.72 5.72
C8 NAG R . -36.30 -29.18 5.48
N2 NAG R . -34.80 -27.31 5.58
O3 NAG R . -34.44 -26.00 3.14
O4 NAG R . -32.79 -23.58 3.16
O5 NAG R . -33.86 -23.93 6.69
O6 NAG R . -34.46 -21.57 4.81
O7 NAG R . -36.94 -26.93 6.02
C1 NAG S . 8.11 22.79 -18.04
C2 NAG S . 7.99 23.72 -19.26
C3 NAG S . 7.33 22.99 -20.44
C4 NAG S . 8.00 21.63 -20.71
C5 NAG S . 8.02 20.82 -19.41
C6 NAG S . 8.67 19.46 -19.64
C7 NAG S . 7.32 25.90 -18.29
C8 NAG S . 6.33 27.02 -18.46
N2 NAG S . 7.08 24.83 -19.02
O3 NAG S . 7.42 23.84 -21.60
O4 NAG S . 7.29 20.88 -21.71
O5 NAG S . 8.72 21.56 -18.41
O6 NAG S . 9.94 19.43 -18.95
O7 NAG S . 8.27 25.96 -17.53
#